data_5QP3
# 
_entry.id   5QP3 
# 
_audit_conform.dict_name       mmcif_pdbx.dic 
_audit_conform.dict_version    5.387 
_audit_conform.dict_location   http://mmcif.pdb.org/dictionaries/ascii/mmcif_pdbx.dic 
# 
loop_
_database_2.database_id 
_database_2.database_code 
_database_2.pdbx_database_accession 
_database_2.pdbx_DOI 
PDB   5QP3         pdb_00005qp3 10.2210/pdb5qp3/pdb 
WWPDB D_1001402228 ?            ?                   
# 
loop_
_pdbx_audit_revision_history.ordinal 
_pdbx_audit_revision_history.data_content_type 
_pdbx_audit_revision_history.major_revision 
_pdbx_audit_revision_history.minor_revision 
_pdbx_audit_revision_history.revision_date 
1 'Structure model' 1 0 2019-05-08 
2 'Structure model' 1 1 2019-11-20 
3 'Structure model' 1 2 2024-03-06 
# 
_pdbx_audit_revision_details.ordinal             1 
_pdbx_audit_revision_details.revision_ordinal    1 
_pdbx_audit_revision_details.data_content_type   'Structure model' 
_pdbx_audit_revision_details.provider            repository 
_pdbx_audit_revision_details.type                'Initial release' 
_pdbx_audit_revision_details.description         ? 
_pdbx_audit_revision_details.details             ? 
# 
loop_
_pdbx_audit_revision_group.ordinal 
_pdbx_audit_revision_group.revision_ordinal 
_pdbx_audit_revision_group.data_content_type 
_pdbx_audit_revision_group.group 
1 2 'Structure model' 'Data collection'     
2 3 'Structure model' 'Data collection'     
3 3 'Structure model' 'Database references' 
# 
loop_
_pdbx_audit_revision_category.ordinal 
_pdbx_audit_revision_category.revision_ordinal 
_pdbx_audit_revision_category.data_content_type 
_pdbx_audit_revision_category.category 
1 2 'Structure model' diffrn_source  
2 3 'Structure model' chem_comp_atom 
3 3 'Structure model' chem_comp_bond 
4 3 'Structure model' database_2     
# 
loop_
_pdbx_audit_revision_item.ordinal 
_pdbx_audit_revision_item.revision_ordinal 
_pdbx_audit_revision_item.data_content_type 
_pdbx_audit_revision_item.item 
1 2 'Structure model' '_diffrn_source.pdbx_synchrotron_beamline' 
2 2 'Structure model' '_diffrn_source.type'                      
3 3 'Structure model' '_database_2.pdbx_DOI'                     
4 3 'Structure model' '_database_2.pdbx_database_accession'      
# 
_pdbx_database_status.entry_id                        5QP3 
_pdbx_database_status.status_code                     REL 
_pdbx_database_status.status_code_sf                  REL 
_pdbx_database_status.status_code_mr                  ? 
_pdbx_database_status.status_code_cs                  ? 
_pdbx_database_status.recvd_initial_deposition_date   2019-02-22 
_pdbx_database_status.deposit_site                    RCSB 
_pdbx_database_status.process_site                    RCSB 
_pdbx_database_status.SG_entry                        ? 
_pdbx_database_status.pdb_format_compatible           Y 
_pdbx_database_status.methods_development_category    ? 
_pdbx_database_status.status_code_nmr_data            ? 
# 
loop_
_audit_author.name 
_audit_author.pdbx_ordinal 
_audit_author.identifier_ORCID 
'Nelson, E.R.'      1  ? 
'Velupillai, S.'    2  ? 
'Talon, R.'         3  ? 
'Collins, P.M.'     4  ? 
'Krojer, T.'        5  ? 
'Wang, D.'          6  ? 
'Brandao-Neto, J.'  7  ? 
'Douangamath, A.'   8  ? 
'Burgess-Brown, N.' 9  ? 
'Arrowsmith, C.H.'  10 ? 
'Bountra, C.'       11 ? 
'Huber, K.'         12 ? 
'von Delft, F.'     13 ? 
# 
_citation.id                        primary 
_citation.title                     'PanDDA analysis group deposition' 
_citation.journal_abbrev            'To Be Published' 
_citation.journal_volume            ? 
_citation.page_first                ? 
_citation.page_last                 ? 
_citation.year                      ? 
_citation.journal_id_ASTM           ? 
_citation.country                   ? 
_citation.journal_id_ISSN           ? 
_citation.journal_id_CSD            0353 
_citation.book_publisher            ? 
_citation.pdbx_database_id_PubMed   ? 
_citation.pdbx_database_id_DOI      ? 
# 
loop_
_citation_author.citation_id 
_citation_author.name 
_citation_author.identifier_ORCID 
_citation_author.ordinal 
primary 'Nelson, E.R.'      ? 1  
primary 'Velupillai, S.'    ? 2  
primary 'Talon, R.'         ? 3  
primary 'Collins, P.M.'     ? 4  
primary 'Krojer, T.'        ? 5  
primary 'Wang, D.'          ? 6  
primary 'Brandao-Neto, J.'  ? 7  
primary 'Douangamath, A.'   ? 8  
primary 'Burgess-Brown, N.' ? 9  
primary 'Arrowsmith, C.H.'  ? 10 
primary 'Bountra, C.'       ? 11 
primary 'Huber, K.'         ? 12 
primary 'von Delft, F.'     ? 13 
# 
loop_
_entity.id 
_entity.type 
_entity.src_method 
_entity.pdbx_description 
_entity.formula_weight 
_entity.pdbx_number_of_molecules 
_entity.pdbx_ec 
_entity.pdbx_mutation 
_entity.pdbx_fragment 
_entity.details 
1 polymer     man 'DCP2 (NUDT20)'                                                                      19073.738 1  3.6.1.62 ? 
'UNP residues 95-260' ? 
2 non-polymer syn 1,2-ETHANEDIOL                                                                       62.068    2  ?        ? ? ? 
3 non-polymer syn 'DIMETHYL SULFOXIDE'                                                                 78.133    1  ?        ? ? ? 
4 non-polymer syn 'ACETATE ION'                                                                        59.044    2  ?        ? ? ? 
5 non-polymer syn 'N-[(4-fluorophenyl)methyl]-4,5,6,7-tetrahydropyrazolo[1,5-a]pyridine-3-carboxamide' 273.305   1  ?        ? ? ? 
6 water       nat water                                                                                18.015    87 ?        ? ? ? 
# 
_entity_name_com.entity_id   1 
_entity_name_com.name        
'Nucleoside diphosphate-linked moiety X motif 20, Nudix motif 20, mRNA-decapping enzyme 2, hDpc, m7GpppN-mRNA hydrolase' 
# 
_entity_poly.entity_id                      1 
_entity_poly.type                           'polypeptide(L)' 
_entity_poly.nstd_linkage                   no 
_entity_poly.nstd_monomer                   no 
_entity_poly.pdbx_seq_one_letter_code       
;SMGVPTYGAIILDETLENVLLVQGYLAKSGWGFPKGKVNKEEAPHDCAAREVFEETGFDIKDYICKDDYIELRINDQLAR
LYIIPGIPKDTKFNPKTRREIRNIEWFSIEKLPCHRNDMTPKSKLGLAPNKFFMAIPFIRPLRDWLSRRFGDSSDSDNGF
SSTGSTP
;
_entity_poly.pdbx_seq_one_letter_code_can   
;SMGVPTYGAIILDETLENVLLVQGYLAKSGWGFPKGKVNKEEAPHDCAAREVFEETGFDIKDYICKDDYIELRINDQLAR
LYIIPGIPKDTKFNPKTRREIRNIEWFSIEKLPCHRNDMTPKSKLGLAPNKFFMAIPFIRPLRDWLSRRFGDSSDSDNGF
SSTGSTP
;
_entity_poly.pdbx_strand_id                 A 
_entity_poly.pdbx_target_identifier         ? 
# 
loop_
_pdbx_entity_nonpoly.entity_id 
_pdbx_entity_nonpoly.name 
_pdbx_entity_nonpoly.comp_id 
2 1,2-ETHANEDIOL                                                                       EDO 
3 'DIMETHYL SULFOXIDE'                                                                 DMS 
4 'ACETATE ION'                                                                        ACT 
5 'N-[(4-fluorophenyl)methyl]-4,5,6,7-tetrahydropyrazolo[1,5-a]pyridine-3-carboxamide' LHM 
6 water                                                                                HOH 
# 
loop_
_entity_poly_seq.entity_id 
_entity_poly_seq.num 
_entity_poly_seq.mon_id 
_entity_poly_seq.hetero 
1 1   SER n 
1 2   MET n 
1 3   GLY n 
1 4   VAL n 
1 5   PRO n 
1 6   THR n 
1 7   TYR n 
1 8   GLY n 
1 9   ALA n 
1 10  ILE n 
1 11  ILE n 
1 12  LEU n 
1 13  ASP n 
1 14  GLU n 
1 15  THR n 
1 16  LEU n 
1 17  GLU n 
1 18  ASN n 
1 19  VAL n 
1 20  LEU n 
1 21  LEU n 
1 22  VAL n 
1 23  GLN n 
1 24  GLY n 
1 25  TYR n 
1 26  LEU n 
1 27  ALA n 
1 28  LYS n 
1 29  SER n 
1 30  GLY n 
1 31  TRP n 
1 32  GLY n 
1 33  PHE n 
1 34  PRO n 
1 35  LYS n 
1 36  GLY n 
1 37  LYS n 
1 38  VAL n 
1 39  ASN n 
1 40  LYS n 
1 41  GLU n 
1 42  GLU n 
1 43  ALA n 
1 44  PRO n 
1 45  HIS n 
1 46  ASP n 
1 47  CYS n 
1 48  ALA n 
1 49  ALA n 
1 50  ARG n 
1 51  GLU n 
1 52  VAL n 
1 53  PHE n 
1 54  GLU n 
1 55  GLU n 
1 56  THR n 
1 57  GLY n 
1 58  PHE n 
1 59  ASP n 
1 60  ILE n 
1 61  LYS n 
1 62  ASP n 
1 63  TYR n 
1 64  ILE n 
1 65  CYS n 
1 66  LYS n 
1 67  ASP n 
1 68  ASP n 
1 69  TYR n 
1 70  ILE n 
1 71  GLU n 
1 72  LEU n 
1 73  ARG n 
1 74  ILE n 
1 75  ASN n 
1 76  ASP n 
1 77  GLN n 
1 78  LEU n 
1 79  ALA n 
1 80  ARG n 
1 81  LEU n 
1 82  TYR n 
1 83  ILE n 
1 84  ILE n 
1 85  PRO n 
1 86  GLY n 
1 87  ILE n 
1 88  PRO n 
1 89  LYS n 
1 90  ASP n 
1 91  THR n 
1 92  LYS n 
1 93  PHE n 
1 94  ASN n 
1 95  PRO n 
1 96  LYS n 
1 97  THR n 
1 98  ARG n 
1 99  ARG n 
1 100 GLU n 
1 101 ILE n 
1 102 ARG n 
1 103 ASN n 
1 104 ILE n 
1 105 GLU n 
1 106 TRP n 
1 107 PHE n 
1 108 SER n 
1 109 ILE n 
1 110 GLU n 
1 111 LYS n 
1 112 LEU n 
1 113 PRO n 
1 114 CYS n 
1 115 HIS n 
1 116 ARG n 
1 117 ASN n 
1 118 ASP n 
1 119 MET n 
1 120 THR n 
1 121 PRO n 
1 122 LYS n 
1 123 SER n 
1 124 LYS n 
1 125 LEU n 
1 126 GLY n 
1 127 LEU n 
1 128 ALA n 
1 129 PRO n 
1 130 ASN n 
1 131 LYS n 
1 132 PHE n 
1 133 PHE n 
1 134 MET n 
1 135 ALA n 
1 136 ILE n 
1 137 PRO n 
1 138 PHE n 
1 139 ILE n 
1 140 ARG n 
1 141 PRO n 
1 142 LEU n 
1 143 ARG n 
1 144 ASP n 
1 145 TRP n 
1 146 LEU n 
1 147 SER n 
1 148 ARG n 
1 149 ARG n 
1 150 PHE n 
1 151 GLY n 
1 152 ASP n 
1 153 SER n 
1 154 SER n 
1 155 ASP n 
1 156 SER n 
1 157 ASP n 
1 158 ASN n 
1 159 GLY n 
1 160 PHE n 
1 161 SER n 
1 162 SER n 
1 163 THR n 
1 164 GLY n 
1 165 SER n 
1 166 THR n 
1 167 PRO n 
# 
_entity_src_gen.entity_id                          1 
_entity_src_gen.pdbx_src_id                        1 
_entity_src_gen.pdbx_alt_source_flag               sample 
_entity_src_gen.pdbx_seq_type                      'Biological sequence' 
_entity_src_gen.pdbx_beg_seq_num                   1 
_entity_src_gen.pdbx_end_seq_num                   167 
_entity_src_gen.gene_src_common_name               Human 
_entity_src_gen.gene_src_genus                     ? 
_entity_src_gen.pdbx_gene_src_gene                 'DCP2, NUDT20' 
_entity_src_gen.gene_src_species                   ? 
_entity_src_gen.gene_src_strain                    ? 
_entity_src_gen.gene_src_tissue                    ? 
_entity_src_gen.gene_src_tissue_fraction           ? 
_entity_src_gen.gene_src_details                   ? 
_entity_src_gen.pdbx_gene_src_fragment             ? 
_entity_src_gen.pdbx_gene_src_scientific_name      'Homo sapiens' 
_entity_src_gen.pdbx_gene_src_ncbi_taxonomy_id     9606 
_entity_src_gen.pdbx_gene_src_variant              ? 
_entity_src_gen.pdbx_gene_src_cell_line            ? 
_entity_src_gen.pdbx_gene_src_atcc                 ? 
_entity_src_gen.pdbx_gene_src_organ                ? 
_entity_src_gen.pdbx_gene_src_organelle            ? 
_entity_src_gen.pdbx_gene_src_cell                 ? 
_entity_src_gen.pdbx_gene_src_cellular_location    ? 
_entity_src_gen.host_org_common_name               ? 
_entity_src_gen.pdbx_host_org_scientific_name      'Escherichia coli' 
_entity_src_gen.pdbx_host_org_ncbi_taxonomy_id     562 
_entity_src_gen.host_org_genus                     ? 
_entity_src_gen.pdbx_host_org_gene                 ? 
_entity_src_gen.pdbx_host_org_organ                ? 
_entity_src_gen.host_org_species                   ? 
_entity_src_gen.pdbx_host_org_tissue               ? 
_entity_src_gen.pdbx_host_org_tissue_fraction      ? 
_entity_src_gen.pdbx_host_org_strain               ? 
_entity_src_gen.pdbx_host_org_variant              ? 
_entity_src_gen.pdbx_host_org_cell_line            ? 
_entity_src_gen.pdbx_host_org_atcc                 ? 
_entity_src_gen.pdbx_host_org_culture_collection   ? 
_entity_src_gen.pdbx_host_org_cell                 ? 
_entity_src_gen.pdbx_host_org_organelle            ? 
_entity_src_gen.pdbx_host_org_cellular_location    ? 
_entity_src_gen.pdbx_host_org_vector_type          ? 
_entity_src_gen.pdbx_host_org_vector               ? 
_entity_src_gen.host_org_details                   ? 
_entity_src_gen.expression_system_id               ? 
_entity_src_gen.plasmid_name                       ? 
_entity_src_gen.plasmid_details                    ? 
_entity_src_gen.pdbx_description                   ? 
# 
loop_
_chem_comp.id 
_chem_comp.type 
_chem_comp.mon_nstd_flag 
_chem_comp.name 
_chem_comp.pdbx_synonyms 
_chem_comp.formula 
_chem_comp.formula_weight 
ACT non-polymer         . 'ACETATE ION'                                                                        ?                 
'C2 H3 O2 -1'    59.044  
ALA 'L-peptide linking' y ALANINE                                                                              ?                 
'C3 H7 N O2'     89.093  
ARG 'L-peptide linking' y ARGININE                                                                             ?                 
'C6 H15 N4 O2 1' 175.209 
ASN 'L-peptide linking' y ASPARAGINE                                                                           ?                 
'C4 H8 N2 O3'    132.118 
ASP 'L-peptide linking' y 'ASPARTIC ACID'                                                                      ?                 
'C4 H7 N O4'     133.103 
CYS 'L-peptide linking' y CYSTEINE                                                                             ?                 
'C3 H7 N O2 S'   121.158 
DMS non-polymer         . 'DIMETHYL SULFOXIDE'                                                                 ?                 
'C2 H6 O S'      78.133  
EDO non-polymer         . 1,2-ETHANEDIOL                                                                       'ETHYLENE GLYCOL' 
'C2 H6 O2'       62.068  
GLN 'L-peptide linking' y GLUTAMINE                                                                            ?                 
'C5 H10 N2 O3'   146.144 
GLU 'L-peptide linking' y 'GLUTAMIC ACID'                                                                      ?                 
'C5 H9 N O4'     147.129 
GLY 'peptide linking'   y GLYCINE                                                                              ?                 
'C2 H5 N O2'     75.067  
HIS 'L-peptide linking' y HISTIDINE                                                                            ?                 
'C6 H10 N3 O2 1' 156.162 
HOH non-polymer         . WATER                                                                                ?                 
'H2 O'           18.015  
ILE 'L-peptide linking' y ISOLEUCINE                                                                           ?                 
'C6 H13 N O2'    131.173 
LEU 'L-peptide linking' y LEUCINE                                                                              ?                 
'C6 H13 N O2'    131.173 
LHM non-polymer         . 'N-[(4-fluorophenyl)methyl]-4,5,6,7-tetrahydropyrazolo[1,5-a]pyridine-3-carboxamide' ?                 
'C15 H16 F N3 O' 273.305 
LYS 'L-peptide linking' y LYSINE                                                                               ?                 
'C6 H15 N2 O2 1' 147.195 
MET 'L-peptide linking' y METHIONINE                                                                           ?                 
'C5 H11 N O2 S'  149.211 
PHE 'L-peptide linking' y PHENYLALANINE                                                                        ?                 
'C9 H11 N O2'    165.189 
PRO 'L-peptide linking' y PROLINE                                                                              ?                 
'C5 H9 N O2'     115.130 
SER 'L-peptide linking' y SERINE                                                                               ?                 
'C3 H7 N O3'     105.093 
THR 'L-peptide linking' y THREONINE                                                                            ?                 
'C4 H9 N O3'     119.119 
TRP 'L-peptide linking' y TRYPTOPHAN                                                                           ?                 
'C11 H12 N2 O2'  204.225 
TYR 'L-peptide linking' y TYROSINE                                                                             ?                 
'C9 H11 N O3'    181.189 
VAL 'L-peptide linking' y VALINE                                                                               ?                 
'C5 H11 N O2'    117.146 
# 
loop_
_pdbx_poly_seq_scheme.asym_id 
_pdbx_poly_seq_scheme.entity_id 
_pdbx_poly_seq_scheme.seq_id 
_pdbx_poly_seq_scheme.mon_id 
_pdbx_poly_seq_scheme.ndb_seq_num 
_pdbx_poly_seq_scheme.pdb_seq_num 
_pdbx_poly_seq_scheme.auth_seq_num 
_pdbx_poly_seq_scheme.pdb_mon_id 
_pdbx_poly_seq_scheme.auth_mon_id 
_pdbx_poly_seq_scheme.pdb_strand_id 
_pdbx_poly_seq_scheme.pdb_ins_code 
_pdbx_poly_seq_scheme.hetero 
A 1 1   SER 1   94  ?   ?   ?   A . n 
A 1 2   MET 2   95  ?   ?   ?   A . n 
A 1 3   GLY 3   96  96  GLY GLY A . n 
A 1 4   VAL 4   97  97  VAL VAL A . n 
A 1 5   PRO 5   98  98  PRO PRO A . n 
A 1 6   THR 6   99  99  THR THR A . n 
A 1 7   TYR 7   100 100 TYR TYR A . n 
A 1 8   GLY 8   101 101 GLY GLY A . n 
A 1 9   ALA 9   102 102 ALA ALA A . n 
A 1 10  ILE 10  103 103 ILE ILE A . n 
A 1 11  ILE 11  104 104 ILE ILE A . n 
A 1 12  LEU 12  105 105 LEU LEU A . n 
A 1 13  ASP 13  106 106 ASP ASP A . n 
A 1 14  GLU 14  107 107 GLU GLU A . n 
A 1 15  THR 15  108 108 THR THR A . n 
A 1 16  LEU 16  109 109 LEU LEU A . n 
A 1 17  GLU 17  110 110 GLU GLU A . n 
A 1 18  ASN 18  111 111 ASN ASN A . n 
A 1 19  VAL 19  112 112 VAL VAL A . n 
A 1 20  LEU 20  113 113 LEU LEU A . n 
A 1 21  LEU 21  114 114 LEU LEU A . n 
A 1 22  VAL 22  115 115 VAL VAL A . n 
A 1 23  GLN 23  116 116 GLN GLN A . n 
A 1 24  GLY 24  117 117 GLY GLY A . n 
A 1 25  TYR 25  118 118 TYR TYR A . n 
A 1 26  LEU 26  119 119 LEU LEU A . n 
A 1 27  ALA 27  120 120 ALA ALA A . n 
A 1 28  LYS 28  121 121 LYS LYS A . n 
A 1 29  SER 29  122 122 SER SER A . n 
A 1 30  GLY 30  123 123 GLY GLY A . n 
A 1 31  TRP 31  124 124 TRP TRP A . n 
A 1 32  GLY 32  125 125 GLY GLY A . n 
A 1 33  PHE 33  126 126 PHE PHE A . n 
A 1 34  PRO 34  127 127 PRO PRO A . n 
A 1 35  LYS 35  128 128 LYS LYS A . n 
A 1 36  GLY 36  129 129 GLY GLY A . n 
A 1 37  LYS 37  130 130 LYS LYS A . n 
A 1 38  VAL 38  131 131 VAL VAL A . n 
A 1 39  ASN 39  132 132 ASN ASN A . n 
A 1 40  LYS 40  133 133 LYS LYS A . n 
A 1 41  GLU 41  134 134 GLU GLU A . n 
A 1 42  GLU 42  135 135 GLU GLU A . n 
A 1 43  ALA 43  136 136 ALA ALA A . n 
A 1 44  PRO 44  137 137 PRO PRO A . n 
A 1 45  HIS 45  138 138 HIS HIS A . n 
A 1 46  ASP 46  139 139 ASP ASP A . n 
A 1 47  CYS 47  140 140 CYS CYS A . n 
A 1 48  ALA 48  141 141 ALA ALA A . n 
A 1 49  ALA 49  142 142 ALA ALA A . n 
A 1 50  ARG 50  143 143 ARG ARG A . n 
A 1 51  GLU 51  144 144 GLU GLU A . n 
A 1 52  VAL 52  145 145 VAL VAL A . n 
A 1 53  PHE 53  146 146 PHE PHE A . n 
A 1 54  GLU 54  147 147 GLU GLU A . n 
A 1 55  GLU 55  148 148 GLU GLU A . n 
A 1 56  THR 56  149 149 THR THR A . n 
A 1 57  GLY 57  150 150 GLY GLY A . n 
A 1 58  PHE 58  151 151 PHE PHE A . n 
A 1 59  ASP 59  152 152 ASP ASP A . n 
A 1 60  ILE 60  153 153 ILE ILE A . n 
A 1 61  LYS 61  154 154 LYS LYS A . n 
A 1 62  ASP 62  155 155 ASP ASP A . n 
A 1 63  TYR 63  156 156 TYR TYR A . n 
A 1 64  ILE 64  157 157 ILE ILE A . n 
A 1 65  CYS 65  158 158 CYS CYS A . n 
A 1 66  LYS 66  159 159 LYS LYS A . n 
A 1 67  ASP 67  160 160 ASP ASP A . n 
A 1 68  ASP 68  161 161 ASP ASP A . n 
A 1 69  TYR 69  162 162 TYR TYR A . n 
A 1 70  ILE 70  163 163 ILE ILE A . n 
A 1 71  GLU 71  164 164 GLU GLU A . n 
A 1 72  LEU 72  165 165 LEU LEU A . n 
A 1 73  ARG 73  166 166 ARG ARG A . n 
A 1 74  ILE 74  167 167 ILE ILE A . n 
A 1 75  ASN 75  168 168 ASN ASN A . n 
A 1 76  ASP 76  169 169 ASP ASP A . n 
A 1 77  GLN 77  170 170 GLN GLN A . n 
A 1 78  LEU 78  171 171 LEU LEU A . n 
A 1 79  ALA 79  172 172 ALA ALA A . n 
A 1 80  ARG 80  173 173 ARG ARG A . n 
A 1 81  LEU 81  174 174 LEU LEU A . n 
A 1 82  TYR 82  175 175 TYR TYR A . n 
A 1 83  ILE 83  176 176 ILE ILE A . n 
A 1 84  ILE 84  177 177 ILE ILE A . n 
A 1 85  PRO 85  178 178 PRO PRO A . n 
A 1 86  GLY 86  179 179 GLY GLY A . n 
A 1 87  ILE 87  180 180 ILE ILE A . n 
A 1 88  PRO 88  181 181 PRO PRO A . n 
A 1 89  LYS 89  182 182 LYS LYS A . n 
A 1 90  ASP 90  183 183 ASP ASP A . n 
A 1 91  THR 91  184 184 THR THR A . n 
A 1 92  LYS 92  185 185 LYS LYS A . n 
A 1 93  PHE 93  186 186 PHE PHE A . n 
A 1 94  ASN 94  187 187 ASN ASN A . n 
A 1 95  PRO 95  188 188 PRO PRO A . n 
A 1 96  LYS 96  189 189 LYS LYS A . n 
A 1 97  THR 97  190 190 THR THR A . n 
A 1 98  ARG 98  191 191 ARG ARG A . n 
A 1 99  ARG 99  192 192 ARG ARG A . n 
A 1 100 GLU 100 193 193 GLU GLU A . n 
A 1 101 ILE 101 194 194 ILE ILE A . n 
A 1 102 ARG 102 195 195 ARG ARG A . n 
A 1 103 ASN 103 196 196 ASN ASN A . n 
A 1 104 ILE 104 197 197 ILE ILE A . n 
A 1 105 GLU 105 198 198 GLU GLU A . n 
A 1 106 TRP 106 199 199 TRP TRP A . n 
A 1 107 PHE 107 200 200 PHE PHE A . n 
A 1 108 SER 108 201 201 SER SER A . n 
A 1 109 ILE 109 202 202 ILE ILE A . n 
A 1 110 GLU 110 203 203 GLU GLU A . n 
A 1 111 LYS 111 204 204 LYS LYS A . n 
A 1 112 LEU 112 205 205 LEU LEU A . n 
A 1 113 PRO 113 206 206 PRO PRO A . n 
A 1 114 CYS 114 207 207 CYS CYS A . n 
A 1 115 HIS 115 208 208 HIS HIS A . n 
A 1 116 ARG 116 209 209 ARG ARG A . n 
A 1 117 ASN 117 210 210 ASN ASN A . n 
A 1 118 ASP 118 211 211 ASP ASP A . n 
A 1 119 MET 119 212 212 MET MET A . n 
A 1 120 THR 120 213 213 THR THR A . n 
A 1 121 PRO 121 214 214 PRO PRO A . n 
A 1 122 LYS 122 215 215 LYS LYS A . n 
A 1 123 SER 123 216 216 SER SER A . n 
A 1 124 LYS 124 217 217 LYS LYS A . n 
A 1 125 LEU 125 218 218 LEU LEU A . n 
A 1 126 GLY 126 219 219 GLY GLY A . n 
A 1 127 LEU 127 220 220 LEU LEU A . n 
A 1 128 ALA 128 221 221 ALA ALA A . n 
A 1 129 PRO 129 222 222 PRO PRO A . n 
A 1 130 ASN 130 223 223 ASN ASN A . n 
A 1 131 LYS 131 224 224 LYS LYS A . n 
A 1 132 PHE 132 225 225 PHE PHE A . n 
A 1 133 PHE 133 226 226 PHE PHE A . n 
A 1 134 MET 134 227 227 MET MET A . n 
A 1 135 ALA 135 228 228 ALA ALA A . n 
A 1 136 ILE 136 229 229 ILE ILE A . n 
A 1 137 PRO 137 230 230 PRO PRO A . n 
A 1 138 PHE 138 231 231 PHE PHE A . n 
A 1 139 ILE 139 232 232 ILE ILE A . n 
A 1 140 ARG 140 233 233 ARG ARG A . n 
A 1 141 PRO 141 234 234 PRO PRO A . n 
A 1 142 LEU 142 235 235 LEU LEU A . n 
A 1 143 ARG 143 236 236 ARG ARG A . n 
A 1 144 ASP 144 237 237 ASP ASP A . n 
A 1 145 TRP 145 238 238 TRP TRP A . n 
A 1 146 LEU 146 239 239 LEU LEU A . n 
A 1 147 SER 147 240 240 SER SER A . n 
A 1 148 ARG 148 241 241 ARG ARG A . n 
A 1 149 ARG 149 242 242 ARG ARG A . n 
A 1 150 PHE 150 243 243 PHE PHE A . n 
A 1 151 GLY 151 244 244 GLY GLY A . n 
A 1 152 ASP 152 245 ?   ?   ?   A . n 
A 1 153 SER 153 246 ?   ?   ?   A . n 
A 1 154 SER 154 247 ?   ?   ?   A . n 
A 1 155 ASP 155 248 ?   ?   ?   A . n 
A 1 156 SER 156 249 ?   ?   ?   A . n 
A 1 157 ASP 157 250 ?   ?   ?   A . n 
A 1 158 ASN 158 251 ?   ?   ?   A . n 
A 1 159 GLY 159 252 ?   ?   ?   A . n 
A 1 160 PHE 160 253 ?   ?   ?   A . n 
A 1 161 SER 161 254 ?   ?   ?   A . n 
A 1 162 SER 162 255 ?   ?   ?   A . n 
A 1 163 THR 163 256 ?   ?   ?   A . n 
A 1 164 GLY 164 257 ?   ?   ?   A . n 
A 1 165 SER 165 258 ?   ?   ?   A . n 
A 1 166 THR 166 259 ?   ?   ?   A . n 
A 1 167 PRO 167 260 ?   ?   ?   A . n 
# 
loop_
_pdbx_nonpoly_scheme.asym_id 
_pdbx_nonpoly_scheme.entity_id 
_pdbx_nonpoly_scheme.mon_id 
_pdbx_nonpoly_scheme.ndb_seq_num 
_pdbx_nonpoly_scheme.pdb_seq_num 
_pdbx_nonpoly_scheme.auth_seq_num 
_pdbx_nonpoly_scheme.pdb_mon_id 
_pdbx_nonpoly_scheme.auth_mon_id 
_pdbx_nonpoly_scheme.pdb_strand_id 
_pdbx_nonpoly_scheme.pdb_ins_code 
B 2 EDO 1  301 2   EDO EDO A . 
C 2 EDO 1  302 3   EDO EDO A . 
D 3 DMS 1  303 1   DMS DMS A . 
E 4 ACT 1  304 1   ACT ACT A . 
F 4 ACT 1  305 2   ACT ACT A . 
G 5 LHM 1  306 1   LHM LIG A . 
H 6 HOH 1  401 64  HOH HOH A . 
H 6 HOH 2  402 104 HOH HOH A . 
H 6 HOH 3  403 19  HOH HOH A . 
H 6 HOH 4  404 8   HOH HOH A . 
H 6 HOH 5  405 68  HOH HOH A . 
H 6 HOH 6  406 39  HOH HOH A . 
H 6 HOH 7  407 66  HOH HOH A . 
H 6 HOH 8  408 17  HOH HOH A . 
H 6 HOH 9  409 12  HOH HOH A . 
H 6 HOH 10 410 70  HOH HOH A . 
H 6 HOH 11 411 96  HOH HOH A . 
H 6 HOH 12 412 90  HOH HOH A . 
H 6 HOH 13 413 10  HOH HOH A . 
H 6 HOH 14 414 60  HOH HOH A . 
H 6 HOH 15 415 101 HOH HOH A . 
H 6 HOH 16 416 4   HOH HOH A . 
H 6 HOH 17 417 67  HOH HOH A . 
H 6 HOH 18 418 88  HOH HOH A . 
H 6 HOH 19 419 23  HOH HOH A . 
H 6 HOH 20 420 29  HOH HOH A . 
H 6 HOH 21 421 13  HOH HOH A . 
H 6 HOH 22 422 35  HOH HOH A . 
H 6 HOH 23 423 38  HOH HOH A . 
H 6 HOH 24 424 18  HOH HOH A . 
H 6 HOH 25 425 71  HOH HOH A . 
H 6 HOH 26 426 46  HOH HOH A . 
H 6 HOH 27 427 81  HOH HOH A . 
H 6 HOH 28 428 78  HOH HOH A . 
H 6 HOH 29 429 106 HOH HOH A . 
H 6 HOH 30 430 76  HOH HOH A . 
H 6 HOH 31 431 43  HOH HOH A . 
H 6 HOH 32 432 95  HOH HOH A . 
H 6 HOH 33 433 5   HOH HOH A . 
H 6 HOH 34 434 14  HOH HOH A . 
H 6 HOH 35 435 2   HOH HOH A . 
H 6 HOH 36 436 85  HOH HOH A . 
H 6 HOH 37 437 74  HOH HOH A . 
H 6 HOH 38 438 31  HOH HOH A . 
H 6 HOH 39 439 1   HOH HOH A . 
H 6 HOH 40 440 32  HOH HOH A . 
H 6 HOH 41 441 6   HOH HOH A . 
H 6 HOH 42 442 7   HOH HOH A . 
H 6 HOH 43 443 24  HOH HOH A . 
H 6 HOH 44 444 105 HOH HOH A . 
H 6 HOH 45 445 47  HOH HOH A . 
H 6 HOH 46 446 36  HOH HOH A . 
H 6 HOH 47 447 27  HOH HOH A . 
H 6 HOH 48 448 80  HOH HOH A . 
H 6 HOH 49 449 15  HOH HOH A . 
H 6 HOH 50 450 79  HOH HOH A . 
H 6 HOH 51 451 55  HOH HOH A . 
H 6 HOH 52 452 3   HOH HOH A . 
H 6 HOH 53 453 33  HOH HOH A . 
H 6 HOH 54 454 11  HOH HOH A . 
H 6 HOH 55 455 65  HOH HOH A . 
H 6 HOH 56 456 103 HOH HOH A . 
H 6 HOH 57 457 59  HOH HOH A . 
H 6 HOH 58 458 72  HOH HOH A . 
H 6 HOH 59 459 9   HOH HOH A . 
H 6 HOH 60 460 50  HOH HOH A . 
H 6 HOH 61 461 57  HOH HOH A . 
H 6 HOH 62 462 30  HOH HOH A . 
H 6 HOH 63 463 94  HOH HOH A . 
H 6 HOH 64 464 16  HOH HOH A . 
H 6 HOH 65 465 97  HOH HOH A . 
H 6 HOH 66 466 87  HOH HOH A . 
H 6 HOH 67 467 42  HOH HOH A . 
H 6 HOH 68 468 25  HOH HOH A . 
H 6 HOH 69 469 22  HOH HOH A . 
H 6 HOH 70 470 28  HOH HOH A . 
H 6 HOH 71 471 21  HOH HOH A . 
H 6 HOH 72 472 69  HOH HOH A . 
H 6 HOH 73 473 62  HOH HOH A . 
H 6 HOH 74 474 40  HOH HOH A . 
H 6 HOH 75 475 92  HOH HOH A . 
H 6 HOH 76 476 100 HOH HOH A . 
H 6 HOH 77 477 75  HOH HOH A . 
H 6 HOH 78 478 86  HOH HOH A . 
H 6 HOH 79 479 52  HOH HOH A . 
H 6 HOH 80 480 26  HOH HOH A . 
H 6 HOH 81 481 84  HOH HOH A . 
H 6 HOH 82 482 98  HOH HOH A . 
H 6 HOH 83 483 51  HOH HOH A . 
H 6 HOH 84 484 20  HOH HOH A . 
H 6 HOH 85 485 56  HOH HOH A . 
H 6 HOH 86 486 93  HOH HOH A . 
H 6 HOH 87 487 41  HOH HOH A . 
# 
loop_
_pdbx_unobs_or_zero_occ_atoms.id 
_pdbx_unobs_or_zero_occ_atoms.PDB_model_num 
_pdbx_unobs_or_zero_occ_atoms.polymer_flag 
_pdbx_unobs_or_zero_occ_atoms.occupancy_flag 
_pdbx_unobs_or_zero_occ_atoms.auth_asym_id 
_pdbx_unobs_or_zero_occ_atoms.auth_comp_id 
_pdbx_unobs_or_zero_occ_atoms.auth_seq_id 
_pdbx_unobs_or_zero_occ_atoms.PDB_ins_code 
_pdbx_unobs_or_zero_occ_atoms.auth_atom_id 
_pdbx_unobs_or_zero_occ_atoms.label_alt_id 
_pdbx_unobs_or_zero_occ_atoms.label_asym_id 
_pdbx_unobs_or_zero_occ_atoms.label_comp_id 
_pdbx_unobs_or_zero_occ_atoms.label_seq_id 
_pdbx_unobs_or_zero_occ_atoms.label_atom_id 
1  1 Y 1 A LYS 130 ? CE  ? A LYS 37  CE  
2  1 Y 1 A LYS 130 ? NZ  ? A LYS 37  NZ  
3  1 Y 1 A LYS 133 ? CG  ? A LYS 40  CG  
4  1 Y 1 A LYS 133 ? CD  ? A LYS 40  CD  
5  1 Y 1 A LYS 133 ? CE  ? A LYS 40  CE  
6  1 Y 1 A LYS 133 ? NZ  ? A LYS 40  NZ  
7  1 Y 1 A GLU 134 ? CG  ? A GLU 41  CG  
8  1 Y 1 A GLU 134 ? CD  ? A GLU 41  CD  
9  1 Y 1 A GLU 134 ? OE1 ? A GLU 41  OE1 
10 1 Y 1 A GLU 134 ? OE2 ? A GLU 41  OE2 
11 1 Y 1 A LYS 159 ? CD  ? A LYS 66  CD  
12 1 Y 1 A LYS 159 ? CE  ? A LYS 66  CE  
13 1 Y 1 A LYS 159 ? NZ  ? A LYS 66  NZ  
14 1 Y 1 A LYS 185 ? CE  ? A LYS 92  CE  
15 1 Y 1 A LYS 185 ? NZ  ? A LYS 92  NZ  
16 1 Y 1 A LYS 215 ? CD  ? A LYS 122 CD  
17 1 Y 1 A LYS 215 ? CE  ? A LYS 122 CE  
18 1 Y 1 A LYS 215 ? NZ  ? A LYS 122 NZ  
19 1 Y 1 A LYS 217 ? CE  ? A LYS 124 CE  
20 1 Y 1 A LYS 217 ? NZ  ? A LYS 124 NZ  
21 1 Y 1 A ARG 241 ? CD  ? A ARG 148 CD  
22 1 Y 1 A ARG 241 ? NE  ? A ARG 148 NE  
23 1 Y 1 A ARG 241 ? CZ  ? A ARG 148 CZ  
24 1 Y 1 A ARG 241 ? NH1 ? A ARG 148 NH1 
25 1 Y 1 A ARG 241 ? NH2 ? A ARG 148 NH2 
# 
loop_
_software.pdbx_ordinal 
_software.name 
_software.version 
_software.date 
_software.type 
_software.contact_author 
_software.contact_author_email 
_software.classification 
_software.location 
_software.language 
_software.citation_id 
1 REFMAC      5.8.0189 ?               program 'Garib N. Murshudov' garib@ysbl.york.ac.uk    refinement        
http://www.ccp4.ac.uk/dist/html/refmac5.html        Fortran_77 ? 
2 Aimless     0.5.32   29/03/17        program 'Phil Evans'         ?                        'data scaling'    
http://www.mrc-lmb.cam.ac.uk/harry/pre/aimless.html ?          ? 
3 PDB_EXTRACT 3.23     'SEP. 23, 2016' package PDB                  deposit@deposit.rcsb.org 'data extraction' 
http://sw-tools.pdb.org/apps/PDB_EXTRACT/           C++        ? 
4 XDS         .        ?               program ?                    ?                        'data reduction'  ? ?          ? 
5 REFMAC      .        ?               program ?                    ?                        phasing           ? ?          ? 
# 
_cell.entry_id           5QP3 
_cell.length_a           48.368 
_cell.length_b           60.444 
_cell.length_c           65.742 
_cell.angle_alpha        90.000 
_cell.angle_beta         90.000 
_cell.angle_gamma        90.000 
_cell.Z_PDB              4 
_cell.pdbx_unique_axis   ? 
# 
_symmetry.entry_id                         5QP3 
_symmetry.space_group_name_H-M             'P 21 21 21' 
_symmetry.pdbx_full_space_group_name_H-M   ? 
_symmetry.cell_setting                     ? 
_symmetry.Int_Tables_number                19 
# 
_exptl.crystals_number   1 
_exptl.entry_id          5QP3 
_exptl.method            'X-RAY DIFFRACTION' 
# 
_exptl_crystal.id                    1 
_exptl_crystal.pdbx_mosaicity        0.080 
_exptl_crystal.pdbx_mosaicity_esd    ? 
_exptl_crystal.density_Matthews      2.52 
_exptl_crystal.density_diffrn        ? 
_exptl_crystal.density_meas          ? 
_exptl_crystal.density_meas_temp     ? 
_exptl_crystal.density_percent_sol   51.17 
_exptl_crystal.size_max              ? 
_exptl_crystal.size_mid              ? 
_exptl_crystal.size_min              ? 
_exptl_crystal.size_rad              ? 
_exptl_crystal.description           ? 
# 
_exptl_crystal_grow.crystal_id      1 
_exptl_crystal_grow.method          'VAPOR DIFFUSION, SITTING DROP' 
_exptl_crystal_grow.pH              4.5 
_exptl_crystal_grow.temp            277 
_exptl_crystal_grow.pdbx_details    '0.1 M acetate, pH 4.5, 5-25% PEG3350' 
_exptl_crystal_grow.temp_details    ? 
_exptl_crystal_grow.pdbx_pH_range   ? 
# 
_diffrn.id                     1 
_diffrn.ambient_temp           ? 
_diffrn.crystal_id             1 
_diffrn.ambient_temp_details   ? 
# 
_diffrn_detector.detector               PIXEL 
_diffrn_detector.type                   'DECTRIS PILATUS 2M' 
_diffrn_detector.pdbx_collection_date   2017-07-27 
_diffrn_detector.diffrn_id              1 
_diffrn_detector.details                ? 
# 
_diffrn_radiation.diffrn_id                        1 
_diffrn_radiation.wavelength_id                    1 
_diffrn_radiation.pdbx_diffrn_protocol             'SINGLE WAVELENGTH' 
_diffrn_radiation.pdbx_monochromatic_or_laue_m_l   ? 
_diffrn_radiation.monochromator                    ? 
_diffrn_radiation.pdbx_scattering_type             x-ray 
# 
_diffrn_radiation_wavelength.id           1 
_diffrn_radiation_wavelength.wavelength   0.91587 
_diffrn_radiation_wavelength.wt           1.0 
# 
_diffrn_source.diffrn_id                   1 
_diffrn_source.source                      SYNCHROTRON 
_diffrn_source.type                        'DIAMOND BEAMLINE I04-1' 
_diffrn_source.pdbx_wavelength_list        0.91587 
_diffrn_source.pdbx_synchrotron_site       Diamond 
_diffrn_source.pdbx_synchrotron_beamline   I04-1 
_diffrn_source.pdbx_wavelength             ? 
# 
_reflns.entry_id                     5QP3 
_reflns.pdbx_diffrn_id               1 
_reflns.pdbx_ordinal                 1 
_reflns.observed_criterion_sigma_I   ? 
_reflns.observed_criterion_sigma_F   ? 
_reflns.d_resolution_low             28.880 
_reflns.d_resolution_high            1.750 
_reflns.number_obs                   19899 
_reflns.number_all                   ? 
_reflns.percent_possible_obs         99.300 
_reflns.pdbx_Rmerge_I_obs            0.048 
_reflns.pdbx_Rsym_value              ? 
_reflns.pdbx_netI_over_sigmaI        20.400 
_reflns.B_iso_Wilson_estimate        ? 
_reflns.pdbx_redundancy              6.500 
_reflns.pdbx_Rrim_I_all              0.052 
_reflns.pdbx_Rpim_I_all              0.020 
_reflns.pdbx_CC_half                 0.999 
_reflns.pdbx_netI_over_av_sigmaI     ? 
_reflns.pdbx_number_measured_all     129329 
_reflns.pdbx_scaling_rejects         0 
_reflns.pdbx_chi_squared             ? 
_reflns.Rmerge_F_all                 ? 
_reflns.Rmerge_F_obs                 ? 
_reflns.observed_criterion_F_max     ? 
_reflns.observed_criterion_F_min     ? 
_reflns.observed_criterion_I_max     ? 
_reflns.observed_criterion_I_min     ? 
_reflns.pdbx_d_res_high_opt          ? 
_reflns.pdbx_d_res_low_opt           ? 
_reflns.details                      ? 
# 
loop_
_reflns_shell.pdbx_diffrn_id 
_reflns_shell.pdbx_ordinal 
_reflns_shell.d_res_high 
_reflns_shell.d_res_low 
_reflns_shell.number_measured_obs 
_reflns_shell.number_measured_all 
_reflns_shell.number_unique_obs 
_reflns_shell.pdbx_rejects 
_reflns_shell.Rmerge_I_obs 
_reflns_shell.meanI_over_sigI_obs 
_reflns_shell.pdbx_Rsym_value 
_reflns_shell.pdbx_chi_squared 
_reflns_shell.pdbx_redundancy 
_reflns_shell.percent_possible_obs 
_reflns_shell.pdbx_netI_over_sigmaI_obs 
_reflns_shell.number_possible 
_reflns_shell.number_unique_all 
_reflns_shell.Rmerge_F_all 
_reflns_shell.Rmerge_F_obs 
_reflns_shell.Rmerge_I_all 
_reflns_shell.meanI_over_sigI_all 
_reflns_shell.percent_possible_all 
_reflns_shell.pdbx_Rrim_I_all 
_reflns_shell.pdbx_Rpim_I_all 
_reflns_shell.pdbx_CC_half 
1 1 1.750 1.800  ? 8444 ? ? 0.776 ? ? ? 5.900 ? 2.200  ? 1427 ? ? ? ? 97.700 0.851 0.344 0.828 
1 2 7.830 28.880 ? 1498 ? ? 0.022 ? ? ? 5.600 ? 60.400 ? 269  ? ? ? ? 97.600 0.024 0.011 0.999 
# 
_refine.entry_id                                 5QP3 
_refine.pdbx_refine_id                           'X-RAY DIFFRACTION' 
_refine.ls_d_res_high                            1.7500 
_refine.ls_d_res_low                             44.5400 
_refine.pdbx_ls_sigma_F                          0.000 
_refine.pdbx_data_cutoff_high_absF               ? 
_refine.pdbx_data_cutoff_low_absF                ? 
_refine.ls_percent_reflns_obs                    98.8100 
_refine.ls_number_reflns_obs                     18856 
_refine.ls_number_reflns_all                     ? 
_refine.pdbx_ls_cross_valid_method               THROUGHOUT 
_refine.ls_matrix_type                           ? 
_refine.pdbx_R_Free_selection_details            RANDOM 
_refine.details                                  
'HYDROGENS HAVE BEEN ADDED IN THE RIDING POSITIONS U VALUES : REFINED INDIVIDUALLY' 
_refine.ls_R_factor_all                          ? 
_refine.ls_R_factor_obs                          0.2050 
_refine.ls_R_factor_R_work                       0.2023 
_refine.ls_wR_factor_R_work                      ? 
_refine.ls_R_factor_R_free                       0.2623 
_refine.ls_wR_factor_R_free                      ? 
_refine.ls_percent_reflns_R_free                 4.9000 
_refine.ls_number_reflns_R_free                  964 
_refine.ls_number_reflns_R_work                  ? 
_refine.ls_R_factor_R_free_error                 ? 
_refine.B_iso_mean                               36.0320 
_refine.solvent_model_param_bsol                 ? 
_refine.solvent_model_param_ksol                 ? 
_refine.pdbx_isotropic_thermal_model             ? 
_refine.aniso_B[1][1]                            2.3400 
_refine.aniso_B[2][2]                            -2.2500 
_refine.aniso_B[3][3]                            -0.0800 
_refine.aniso_B[1][2]                            0.0000 
_refine.aniso_B[1][3]                            -0.0000 
_refine.aniso_B[2][3]                            0.0000 
_refine.correlation_coeff_Fo_to_Fc               0.9590 
_refine.correlation_coeff_Fo_to_Fc_free          0.9200 
_refine.overall_SU_R_Cruickshank_DPI             ? 
_refine.pdbx_overall_SU_R_free_Cruickshank_DPI   ? 
_refine.pdbx_overall_SU_R_Blow_DPI               ? 
_refine.pdbx_overall_SU_R_free_Blow_DPI          ? 
_refine.overall_SU_R_free                        ? 
_refine.pdbx_overall_ESU_R                       0.1300 
_refine.pdbx_overall_ESU_R_Free                  0.1370 
_refine.overall_SU_ML                            0.1060 
_refine.overall_SU_B                             3.3440 
_refine.solvent_model_details                    MASK 
_refine.pdbx_solvent_vdw_probe_radii             1.2000 
_refine.pdbx_solvent_ion_probe_radii             0.8000 
_refine.pdbx_solvent_shrinkage_radii             0.8000 
_refine.ls_number_parameters                     ? 
_refine.ls_number_restraints                     ? 
_refine.pdbx_starting_model                      'PDB entry 5MP0' 
_refine.pdbx_method_to_determine_struct          'FOURIER SYNTHESIS' 
_refine.pdbx_stereochemistry_target_values       'MAXIMUM LIKELIHOOD' 
_refine.pdbx_stereochem_target_val_spec_case     ? 
_refine.overall_FOM_work_R_set                   ? 
_refine.B_iso_max                                95.820 
_refine.B_iso_min                                18.100 
_refine.pdbx_overall_phase_error                 ? 
_refine.occupancy_max                            ? 
_refine.occupancy_min                            ? 
_refine.pdbx_diffrn_id                           1 
_refine.pdbx_TLS_residual_ADP_flag               ? 
_refine.pdbx_ls_sigma_I                          ? 
_refine.pdbx_data_cutoff_high_rms_absF           ? 
_refine.ls_R_factor_R_free_error_details         ? 
# 
_refine_hist.cycle_id                         final 
_refine_hist.pdbx_refine_id                   'X-RAY DIFFRACTION' 
_refine_hist.d_res_high                       1.7500 
_refine_hist.d_res_low                        44.5400 
_refine_hist.pdbx_number_atoms_ligand         40 
_refine_hist.number_atoms_solvent             87 
_refine_hist.number_atoms_total               1322 
_refine_hist.pdbx_number_residues_total       149 
_refine_hist.pdbx_B_iso_mean_ligand           61.33 
_refine_hist.pdbx_B_iso_mean_solvent          42.10 
_refine_hist.pdbx_number_atoms_protein        1195 
_refine_hist.pdbx_number_atoms_nucleic_acid   0 
# 
loop_
_refine_ls_restr.pdbx_refine_id 
_refine_ls_restr.type 
_refine_ls_restr.number 
_refine_ls_restr.dev_ideal 
_refine_ls_restr.dev_ideal_target 
_refine_ls_restr.weight 
_refine_ls_restr.pdbx_restraint_function 
'X-RAY DIFFRACTION' r_bond_refined_d       1726 0.018  0.019  ? ? 
'X-RAY DIFFRACTION' r_bond_other_d         1469 0.003  0.020  ? ? 
'X-RAY DIFFRACTION' r_angle_refined_deg    2128 1.947  1.966  ? ? 
'X-RAY DIFFRACTION' r_angle_other_deg      3400 1.114  2.968  ? ? 
'X-RAY DIFFRACTION' r_dihedral_angle_1_deg 193  6.718  5.000  ? ? 
'X-RAY DIFFRACTION' r_dihedral_angle_2_deg 75   30.935 21.467 ? ? 
'X-RAY DIFFRACTION' r_dihedral_angle_3_deg 268  16.969 15.000 ? ? 
'X-RAY DIFFRACTION' r_dihedral_angle_4_deg 19   19.927 15.000 ? ? 
'X-RAY DIFFRACTION' r_chiral_restr         208  0.117  0.200  ? ? 
'X-RAY DIFFRACTION' r_gen_planes_refined   1805 0.010  0.021  ? ? 
'X-RAY DIFFRACTION' r_gen_planes_other     372  0.003  0.020  ? ? 
'X-RAY DIFFRACTION' r_mcbond_it            784  3.225  3.358  ? ? 
'X-RAY DIFFRACTION' r_mcbond_other         776  3.202  3.326  ? ? 
'X-RAY DIFFRACTION' r_mcangle_it           931  4.829  4.992  ? ? 
# 
_refine_ls_shell.d_res_high                       1.7500 
_refine_ls_shell.d_res_low                        1.7950 
_refine_ls_shell.pdbx_total_number_of_bins_used   20 
_refine_ls_shell.percent_reflns_obs               97.0600 
_refine_ls_shell.number_reflns_R_work             1352 
_refine_ls_shell.R_factor_all                     ? 
_refine_ls_shell.R_factor_R_work                  0.2950 
_refine_ls_shell.R_factor_R_free                  0.3400 
_refine_ls_shell.percent_reflns_R_free            ? 
_refine_ls_shell.number_reflns_R_free             70 
_refine_ls_shell.R_factor_R_free_error            ? 
_refine_ls_shell.number_reflns_all                1422 
_refine_ls_shell.number_reflns_obs                ? 
_refine_ls_shell.pdbx_refine_id                   'X-RAY DIFFRACTION' 
# 
_struct.entry_id                  5QP3 
_struct.title                     
'PanDDA analysis group deposition -- Crystal Structure of DCP2 (NUDT20) in complex with Z1494850193' 
_struct.pdbx_model_details        ? 
_struct.pdbx_CASP_flag            ? 
_struct.pdbx_model_type_details   ? 
# 
_struct_keywords.entry_id        5QP3 
_struct_keywords.text            'SGC - Diamond I04-1 fragment screening, PanDDA, XChemExplorer, HYDROLASE' 
_struct_keywords.pdbx_keywords   HYDROLASE 
# 
loop_
_struct_asym.id 
_struct_asym.pdbx_blank_PDB_chainid_flag 
_struct_asym.pdbx_modified 
_struct_asym.entity_id 
_struct_asym.details 
A N N 1 ? 
B N N 2 ? 
C N N 2 ? 
D N N 3 ? 
E N N 4 ? 
F N N 4 ? 
G N N 5 ? 
H N N 6 ? 
# 
_struct_ref.id                         1 
_struct_ref.db_name                    UNP 
_struct_ref.db_code                    DCP2_HUMAN 
_struct_ref.pdbx_db_accession          Q8IU60 
_struct_ref.pdbx_db_isoform            ? 
_struct_ref.entity_id                  1 
_struct_ref.pdbx_seq_one_letter_code   
;MGVPTYGAIILDETLENVLLVQGYLAKSGWGFPKGKVNKEEAPHDCAAREVFEETGFDIKDYICKDDYIELRINDQLARL
YIIPGIPKDTKFNPKTRREIRNIEWFSIEKLPCHRNDMTPKSKLGLAPNKFFMAIPFIRPLRDWLSRRFGDSSDSDNGFS
STGSTP
;
_struct_ref.pdbx_align_begin           95 
# 
_struct_ref_seq.align_id                      1 
_struct_ref_seq.ref_id                        1 
_struct_ref_seq.pdbx_PDB_id_code              5QP3 
_struct_ref_seq.pdbx_strand_id                A 
_struct_ref_seq.seq_align_beg                 2 
_struct_ref_seq.pdbx_seq_align_beg_ins_code   ? 
_struct_ref_seq.seq_align_end                 167 
_struct_ref_seq.pdbx_seq_align_end_ins_code   ? 
_struct_ref_seq.pdbx_db_accession             Q8IU60 
_struct_ref_seq.db_align_beg                  95 
_struct_ref_seq.pdbx_db_align_beg_ins_code    ? 
_struct_ref_seq.db_align_end                  260 
_struct_ref_seq.pdbx_db_align_end_ins_code    ? 
_struct_ref_seq.pdbx_auth_seq_align_beg       95 
_struct_ref_seq.pdbx_auth_seq_align_end       260 
# 
_struct_ref_seq_dif.align_id                     1 
_struct_ref_seq_dif.pdbx_pdb_id_code             5QP3 
_struct_ref_seq_dif.mon_id                       SER 
_struct_ref_seq_dif.pdbx_pdb_strand_id           A 
_struct_ref_seq_dif.seq_num                      1 
_struct_ref_seq_dif.pdbx_pdb_ins_code            ? 
_struct_ref_seq_dif.pdbx_seq_db_name             UNP 
_struct_ref_seq_dif.pdbx_seq_db_accession_code   Q8IU60 
_struct_ref_seq_dif.db_mon_id                    ? 
_struct_ref_seq_dif.pdbx_seq_db_seq_num          ? 
_struct_ref_seq_dif.details                      'expression tag' 
_struct_ref_seq_dif.pdbx_auth_seq_num            94 
_struct_ref_seq_dif.pdbx_ordinal                 1 
# 
_pdbx_struct_assembly.id                   1 
_pdbx_struct_assembly.details              author_and_software_defined_assembly 
_pdbx_struct_assembly.method_details       PISA 
_pdbx_struct_assembly.oligomeric_details   monomeric 
_pdbx_struct_assembly.oligomeric_count     1 
# 
loop_
_pdbx_struct_assembly_prop.biol_id 
_pdbx_struct_assembly_prop.type 
_pdbx_struct_assembly_prop.value 
_pdbx_struct_assembly_prop.details 
1 'ABSA (A^2)' 850  ? 
1 MORE         5    ? 
1 'SSA (A^2)'  8650 ? 
# 
_pdbx_struct_assembly_gen.assembly_id       1 
_pdbx_struct_assembly_gen.oper_expression   1 
_pdbx_struct_assembly_gen.asym_id_list      A,B,C,D,E,F,G,H 
# 
_pdbx_struct_oper_list.id                   1 
_pdbx_struct_oper_list.type                 'identity operation' 
_pdbx_struct_oper_list.name                 1_555 
_pdbx_struct_oper_list.symmetry_operation   x,y,z 
_pdbx_struct_oper_list.matrix[1][1]         1.0000000000 
_pdbx_struct_oper_list.matrix[1][2]         0.0000000000 
_pdbx_struct_oper_list.matrix[1][3]         0.0000000000 
_pdbx_struct_oper_list.vector[1]            0.0000000000 
_pdbx_struct_oper_list.matrix[2][1]         0.0000000000 
_pdbx_struct_oper_list.matrix[2][2]         1.0000000000 
_pdbx_struct_oper_list.matrix[2][3]         0.0000000000 
_pdbx_struct_oper_list.vector[2]            0.0000000000 
_pdbx_struct_oper_list.matrix[3][1]         0.0000000000 
_pdbx_struct_oper_list.matrix[3][2]         0.0000000000 
_pdbx_struct_oper_list.matrix[3][3]         1.0000000000 
_pdbx_struct_oper_list.vector[3]            0.0000000000 
# 
loop_
_struct_conf.conf_type_id 
_struct_conf.id 
_struct_conf.pdbx_PDB_helix_id 
_struct_conf.beg_label_comp_id 
_struct_conf.beg_label_asym_id 
_struct_conf.beg_label_seq_id 
_struct_conf.pdbx_beg_PDB_ins_code 
_struct_conf.end_label_comp_id 
_struct_conf.end_label_asym_id 
_struct_conf.end_label_seq_id 
_struct_conf.pdbx_end_PDB_ins_code 
_struct_conf.beg_auth_comp_id 
_struct_conf.beg_auth_asym_id 
_struct_conf.beg_auth_seq_id 
_struct_conf.end_auth_comp_id 
_struct_conf.end_auth_asym_id 
_struct_conf.end_auth_seq_id 
_struct_conf.pdbx_PDB_helix_class 
_struct_conf.details 
_struct_conf.pdbx_PDB_helix_length 
HELX_P HELX_P1 AA1 TYR A 25  ? SER A 29  ? TYR A 118 SER A 122 5 ? 5  
HELX_P HELX_P2 AA2 ALA A 43  ? GLY A 57  ? ALA A 136 GLY A 150 1 ? 15 
HELX_P HELX_P3 AA3 GLU A 110 ? LEU A 112 ? GLU A 203 LEU A 205 5 ? 3  
HELX_P HELX_P4 AA4 THR A 120 ? SER A 123 ? THR A 213 SER A 216 5 ? 4  
HELX_P HELX_P5 AA5 ALA A 135 ? PHE A 150 ? ALA A 228 PHE A 243 1 ? 16 
# 
_struct_conf_type.id          HELX_P 
_struct_conf_type.criteria    ? 
_struct_conf_type.reference   ? 
# 
loop_
_struct_sheet.id 
_struct_sheet.type 
_struct_sheet.number_strands 
_struct_sheet.details 
AA1 ? 4 ? 
AA2 ? 3 ? 
AA3 ? 2 ? 
# 
loop_
_struct_sheet_order.sheet_id 
_struct_sheet_order.range_id_1 
_struct_sheet_order.range_id_2 
_struct_sheet_order.offset 
_struct_sheet_order.sense 
AA1 1 2 ? anti-parallel 
AA1 2 3 ? parallel      
AA1 3 4 ? anti-parallel 
AA2 1 2 ? anti-parallel 
AA2 2 3 ? anti-parallel 
AA3 1 2 ? anti-parallel 
# 
loop_
_struct_sheet_range.sheet_id 
_struct_sheet_range.id 
_struct_sheet_range.beg_label_comp_id 
_struct_sheet_range.beg_label_asym_id 
_struct_sheet_range.beg_label_seq_id 
_struct_sheet_range.pdbx_beg_PDB_ins_code 
_struct_sheet_range.end_label_comp_id 
_struct_sheet_range.end_label_asym_id 
_struct_sheet_range.end_label_seq_id 
_struct_sheet_range.pdbx_end_PDB_ins_code 
_struct_sheet_range.beg_auth_comp_id 
_struct_sheet_range.beg_auth_asym_id 
_struct_sheet_range.beg_auth_seq_id 
_struct_sheet_range.end_auth_comp_id 
_struct_sheet_range.end_auth_asym_id 
_struct_sheet_range.end_auth_seq_id 
AA1 1 LYS A 35  ? LYS A 37  ? LYS A 128 LYS A 130 
AA1 2 THR A 6   ? ILE A 11  ? THR A 99  ILE A 104 
AA1 3 GLN A 77  ? ILE A 84  ? GLN A 170 ILE A 177 
AA1 4 TYR A 69  ? ILE A 74  ? TYR A 162 ILE A 167 
AA2 1 TRP A 31  ? GLY A 32  ? TRP A 124 GLY A 125 
AA2 2 ASN A 18  ? GLN A 23  ? ASN A 111 GLN A 116 
AA2 3 ASN A 103 ? SER A 108 ? ASN A 196 SER A 201 
AA3 1 ASP A 118 ? MET A 119 ? ASP A 211 MET A 212 
AA3 2 LYS A 124 ? LEU A 127 ? LYS A 217 LEU A 220 
# 
loop_
_pdbx_struct_sheet_hbond.sheet_id 
_pdbx_struct_sheet_hbond.range_id_1 
_pdbx_struct_sheet_hbond.range_id_2 
_pdbx_struct_sheet_hbond.range_1_label_atom_id 
_pdbx_struct_sheet_hbond.range_1_label_comp_id 
_pdbx_struct_sheet_hbond.range_1_label_asym_id 
_pdbx_struct_sheet_hbond.range_1_label_seq_id 
_pdbx_struct_sheet_hbond.range_1_PDB_ins_code 
_pdbx_struct_sheet_hbond.range_1_auth_atom_id 
_pdbx_struct_sheet_hbond.range_1_auth_comp_id 
_pdbx_struct_sheet_hbond.range_1_auth_asym_id 
_pdbx_struct_sheet_hbond.range_1_auth_seq_id 
_pdbx_struct_sheet_hbond.range_2_label_atom_id 
_pdbx_struct_sheet_hbond.range_2_label_comp_id 
_pdbx_struct_sheet_hbond.range_2_label_asym_id 
_pdbx_struct_sheet_hbond.range_2_label_seq_id 
_pdbx_struct_sheet_hbond.range_2_PDB_ins_code 
_pdbx_struct_sheet_hbond.range_2_auth_atom_id 
_pdbx_struct_sheet_hbond.range_2_auth_comp_id 
_pdbx_struct_sheet_hbond.range_2_auth_asym_id 
_pdbx_struct_sheet_hbond.range_2_auth_seq_id 
AA1 1 2 O GLY A 36  ? O GLY A 129 N TYR A 7   ? N TYR A 100 
AA1 2 3 N ILE A 10  ? N ILE A 103 O ILE A 84  ? O ILE A 177 
AA1 3 4 O GLN A 77  ? O GLN A 170 N ILE A 74  ? N ILE A 167 
AA2 1 2 O GLY A 32  ? O GLY A 125 N VAL A 22  ? N VAL A 115 
AA2 2 3 N LEU A 21  ? N LEU A 114 O GLU A 105 ? O GLU A 198 
AA3 1 2 N MET A 119 ? N MET A 212 O LYS A 124 ? O LYS A 217 
# 
loop_
_struct_site.id 
_struct_site.pdbx_evidence_code 
_struct_site.pdbx_auth_asym_id 
_struct_site.pdbx_auth_comp_id 
_struct_site.pdbx_auth_seq_id 
_struct_site.pdbx_auth_ins_code 
_struct_site.pdbx_num_residues 
_struct_site.details 
AC1 Software A EDO 301 ? 2 'binding site for residue EDO A 301' 
AC2 Software A EDO 302 ? 6 'binding site for residue EDO A 302' 
AC3 Software A DMS 303 ? 2 'binding site for residue DMS A 303' 
AC4 Software A ACT 304 ? 3 'binding site for residue ACT A 304' 
AC5 Software A ACT 305 ? 5 'binding site for residue ACT A 305' 
AC6 Software A LHM 306 ? 9 'binding site for residue LHM A 306' 
# 
loop_
_struct_site_gen.id 
_struct_site_gen.site_id 
_struct_site_gen.pdbx_num_res 
_struct_site_gen.label_comp_id 
_struct_site_gen.label_asym_id 
_struct_site_gen.label_seq_id 
_struct_site_gen.pdbx_auth_ins_code 
_struct_site_gen.auth_comp_id 
_struct_site_gen.auth_asym_id 
_struct_site_gen.auth_seq_id 
_struct_site_gen.label_atom_id 
_struct_site_gen.label_alt_id 
_struct_site_gen.symmetry 
_struct_site_gen.details 
1  AC1 2 ASP A 59  ? ASP A 152 . ? 1_555 ? 
2  AC1 2 LYS A 61  ? LYS A 154 . ? 1_555 ? 
3  AC2 6 PRO A 129 ? PRO A 222 . ? 1_555 ? 
4  AC2 6 ASN A 130 ? ASN A 223 . ? 1_555 ? 
5  AC2 6 LYS A 131 ? LYS A 224 . ? 1_555 ? 
6  AC2 6 ACT F .   ? ACT A 305 . ? 1_555 ? 
7  AC2 6 HOH H .   ? HOH A 403 . ? 1_555 ? 
8  AC2 6 HOH H .   ? HOH A 464 . ? 3_357 ? 
9  AC3 2 ASN A 18  ? ASN A 111 . ? 1_555 ? 
10 AC3 2 TRP A 106 ? TRP A 199 . ? 1_555 ? 
11 AC4 3 SER A 29  ? SER A 122 . ? 1_555 ? 
12 AC4 3 TYR A 63  ? TYR A 156 . ? 3_357 ? 
13 AC4 3 HOH H .   ? HOH A 405 . ? 1_555 ? 
14 AC5 5 ARG A 116 ? ARG A 209 . ? 1_555 ? 
15 AC5 5 PRO A 129 ? PRO A 222 . ? 1_555 ? 
16 AC5 5 ASN A 130 ? ASN A 223 . ? 1_555 ? 
17 AC5 5 PHE A 133 ? PHE A 226 . ? 1_555 ? 
18 AC5 5 EDO C .   ? EDO A 302 . ? 1_555 ? 
19 AC6 9 GLY A 24  ? GLY A 117 . ? 1_555 ? 
20 AC6 9 ALA A 27  ? ALA A 120 . ? 1_555 ? 
21 AC6 9 LYS A 28  ? LYS A 121 . ? 1_555 ? 
22 AC6 9 GLU A 55  ? GLU A 148 . ? 1_555 ? 
23 AC6 9 ILE A 101 ? ILE A 194 . ? 1_555 ? 
24 AC6 9 PHE A 133 ? PHE A 226 . ? 1_555 ? 
25 AC6 9 MET A 134 ? MET A 227 . ? 1_555 ? 
26 AC6 9 HOH H .   ? HOH A 440 . ? 1_555 ? 
27 AC6 9 HOH H .   ? HOH A 446 . ? 1_555 ? 
# 
_pdbx_validate_close_contact.id               1 
_pdbx_validate_close_contact.PDB_model_num    1 
_pdbx_validate_close_contact.auth_atom_id_1   OE1 
_pdbx_validate_close_contact.auth_asym_id_1   A 
_pdbx_validate_close_contact.auth_comp_id_1   GLU 
_pdbx_validate_close_contact.auth_seq_id_1    107 
_pdbx_validate_close_contact.PDB_ins_code_1   ? 
_pdbx_validate_close_contact.label_alt_id_1   ? 
_pdbx_validate_close_contact.auth_atom_id_2   O 
_pdbx_validate_close_contact.auth_asym_id_2   A 
_pdbx_validate_close_contact.auth_comp_id_2   HOH 
_pdbx_validate_close_contact.auth_seq_id_2    401 
_pdbx_validate_close_contact.PDB_ins_code_2   ? 
_pdbx_validate_close_contact.label_alt_id_2   ? 
_pdbx_validate_close_contact.dist             1.96 
# 
_pdbx_validate_rmsd_bond.id                        1 
_pdbx_validate_rmsd_bond.PDB_model_num             1 
_pdbx_validate_rmsd_bond.auth_atom_id_1            CB 
_pdbx_validate_rmsd_bond.auth_asym_id_1            A 
_pdbx_validate_rmsd_bond.auth_comp_id_1            TYR 
_pdbx_validate_rmsd_bond.auth_seq_id_1             156 
_pdbx_validate_rmsd_bond.PDB_ins_code_1            ? 
_pdbx_validate_rmsd_bond.label_alt_id_1            ? 
_pdbx_validate_rmsd_bond.auth_atom_id_2            CG 
_pdbx_validate_rmsd_bond.auth_asym_id_2            A 
_pdbx_validate_rmsd_bond.auth_comp_id_2            TYR 
_pdbx_validate_rmsd_bond.auth_seq_id_2             156 
_pdbx_validate_rmsd_bond.PDB_ins_code_2            ? 
_pdbx_validate_rmsd_bond.label_alt_id_2            ? 
_pdbx_validate_rmsd_bond.bond_value                1.420 
_pdbx_validate_rmsd_bond.bond_target_value         1.512 
_pdbx_validate_rmsd_bond.bond_deviation            -0.092 
_pdbx_validate_rmsd_bond.bond_standard_deviation   0.015 
_pdbx_validate_rmsd_bond.linker_flag               N 
# 
loop_
_pdbx_validate_rmsd_angle.id 
_pdbx_validate_rmsd_angle.PDB_model_num 
_pdbx_validate_rmsd_angle.auth_atom_id_1 
_pdbx_validate_rmsd_angle.auth_asym_id_1 
_pdbx_validate_rmsd_angle.auth_comp_id_1 
_pdbx_validate_rmsd_angle.auth_seq_id_1 
_pdbx_validate_rmsd_angle.PDB_ins_code_1 
_pdbx_validate_rmsd_angle.label_alt_id_1 
_pdbx_validate_rmsd_angle.auth_atom_id_2 
_pdbx_validate_rmsd_angle.auth_asym_id_2 
_pdbx_validate_rmsd_angle.auth_comp_id_2 
_pdbx_validate_rmsd_angle.auth_seq_id_2 
_pdbx_validate_rmsd_angle.PDB_ins_code_2 
_pdbx_validate_rmsd_angle.label_alt_id_2 
_pdbx_validate_rmsd_angle.auth_atom_id_3 
_pdbx_validate_rmsd_angle.auth_asym_id_3 
_pdbx_validate_rmsd_angle.auth_comp_id_3 
_pdbx_validate_rmsd_angle.auth_seq_id_3 
_pdbx_validate_rmsd_angle.PDB_ins_code_3 
_pdbx_validate_rmsd_angle.label_alt_id_3 
_pdbx_validate_rmsd_angle.angle_value 
_pdbx_validate_rmsd_angle.angle_target_value 
_pdbx_validate_rmsd_angle.angle_deviation 
_pdbx_validate_rmsd_angle.angle_standard_deviation 
_pdbx_validate_rmsd_angle.linker_flag 
1 1 CB A ASP 152 ? ? CG A ASP 152 ? ? OD1 A ASP 152 ? ? 125.51 118.30 7.21 0.90 N 
2 1 NE A ARG 209 ? A CZ A ARG 209 ? A NH1 A ARG 209 ? A 123.51 120.30 3.21 0.50 N 
# 
loop_
_pdbx_validate_torsion.id 
_pdbx_validate_torsion.PDB_model_num 
_pdbx_validate_torsion.auth_comp_id 
_pdbx_validate_torsion.auth_asym_id 
_pdbx_validate_torsion.auth_seq_id 
_pdbx_validate_torsion.PDB_ins_code 
_pdbx_validate_torsion.label_alt_id 
_pdbx_validate_torsion.phi 
_pdbx_validate_torsion.psi 
1 1 LEU A 119 ? ? 57.31   -112.51 
2 1 LYS A 159 ? ? -38.06  -39.35  
3 1 PHE A 243 ? ? -109.32 -70.98  
# 
_phasing.method   MR 
# 
loop_
_pdbx_unobs_or_zero_occ_residues.id 
_pdbx_unobs_or_zero_occ_residues.PDB_model_num 
_pdbx_unobs_or_zero_occ_residues.polymer_flag 
_pdbx_unobs_or_zero_occ_residues.occupancy_flag 
_pdbx_unobs_or_zero_occ_residues.auth_asym_id 
_pdbx_unobs_or_zero_occ_residues.auth_comp_id 
_pdbx_unobs_or_zero_occ_residues.auth_seq_id 
_pdbx_unobs_or_zero_occ_residues.PDB_ins_code 
_pdbx_unobs_or_zero_occ_residues.label_asym_id 
_pdbx_unobs_or_zero_occ_residues.label_comp_id 
_pdbx_unobs_or_zero_occ_residues.label_seq_id 
1  1 Y 1 A SER 94  ? A SER 1   
2  1 Y 1 A MET 95  ? A MET 2   
3  1 Y 1 A ASP 245 ? A ASP 152 
4  1 Y 1 A SER 246 ? A SER 153 
5  1 Y 1 A SER 247 ? A SER 154 
6  1 Y 1 A ASP 248 ? A ASP 155 
7  1 Y 1 A SER 249 ? A SER 156 
8  1 Y 1 A ASP 250 ? A ASP 157 
9  1 Y 1 A ASN 251 ? A ASN 158 
10 1 Y 1 A GLY 252 ? A GLY 159 
11 1 Y 1 A PHE 253 ? A PHE 160 
12 1 Y 1 A SER 254 ? A SER 161 
13 1 Y 1 A SER 255 ? A SER 162 
14 1 Y 1 A THR 256 ? A THR 163 
15 1 Y 1 A GLY 257 ? A GLY 164 
16 1 Y 1 A SER 258 ? A SER 165 
17 1 Y 1 A THR 259 ? A THR 166 
18 1 Y 1 A PRO 260 ? A PRO 167 
# 
loop_
_chem_comp_atom.comp_id 
_chem_comp_atom.atom_id 
_chem_comp_atom.type_symbol 
_chem_comp_atom.pdbx_aromatic_flag 
_chem_comp_atom.pdbx_stereo_config 
_chem_comp_atom.pdbx_ordinal 
ACT C    C N N 1   
ACT O    O N N 2   
ACT OXT  O N N 3   
ACT CH3  C N N 4   
ACT H1   H N N 5   
ACT H2   H N N 6   
ACT H3   H N N 7   
ALA N    N N N 8   
ALA CA   C N S 9   
ALA C    C N N 10  
ALA O    O N N 11  
ALA CB   C N N 12  
ALA OXT  O N N 13  
ALA H    H N N 14  
ALA H2   H N N 15  
ALA HA   H N N 16  
ALA HB1  H N N 17  
ALA HB2  H N N 18  
ALA HB3  H N N 19  
ALA HXT  H N N 20  
ARG N    N N N 21  
ARG CA   C N S 22  
ARG C    C N N 23  
ARG O    O N N 24  
ARG CB   C N N 25  
ARG CG   C N N 26  
ARG CD   C N N 27  
ARG NE   N N N 28  
ARG CZ   C N N 29  
ARG NH1  N N N 30  
ARG NH2  N N N 31  
ARG OXT  O N N 32  
ARG H    H N N 33  
ARG H2   H N N 34  
ARG HA   H N N 35  
ARG HB2  H N N 36  
ARG HB3  H N N 37  
ARG HG2  H N N 38  
ARG HG3  H N N 39  
ARG HD2  H N N 40  
ARG HD3  H N N 41  
ARG HE   H N N 42  
ARG HH11 H N N 43  
ARG HH12 H N N 44  
ARG HH21 H N N 45  
ARG HH22 H N N 46  
ARG HXT  H N N 47  
ASN N    N N N 48  
ASN CA   C N S 49  
ASN C    C N N 50  
ASN O    O N N 51  
ASN CB   C N N 52  
ASN CG   C N N 53  
ASN OD1  O N N 54  
ASN ND2  N N N 55  
ASN OXT  O N N 56  
ASN H    H N N 57  
ASN H2   H N N 58  
ASN HA   H N N 59  
ASN HB2  H N N 60  
ASN HB3  H N N 61  
ASN HD21 H N N 62  
ASN HD22 H N N 63  
ASN HXT  H N N 64  
ASP N    N N N 65  
ASP CA   C N S 66  
ASP C    C N N 67  
ASP O    O N N 68  
ASP CB   C N N 69  
ASP CG   C N N 70  
ASP OD1  O N N 71  
ASP OD2  O N N 72  
ASP OXT  O N N 73  
ASP H    H N N 74  
ASP H2   H N N 75  
ASP HA   H N N 76  
ASP HB2  H N N 77  
ASP HB3  H N N 78  
ASP HD2  H N N 79  
ASP HXT  H N N 80  
CYS N    N N N 81  
CYS CA   C N R 82  
CYS C    C N N 83  
CYS O    O N N 84  
CYS CB   C N N 85  
CYS SG   S N N 86  
CYS OXT  O N N 87  
CYS H    H N N 88  
CYS H2   H N N 89  
CYS HA   H N N 90  
CYS HB2  H N N 91  
CYS HB3  H N N 92  
CYS HG   H N N 93  
CYS HXT  H N N 94  
DMS S    S N N 95  
DMS O    O N N 96  
DMS C1   C N N 97  
DMS C2   C N N 98  
DMS H11  H N N 99  
DMS H12  H N N 100 
DMS H13  H N N 101 
DMS H21  H N N 102 
DMS H22  H N N 103 
DMS H23  H N N 104 
EDO C1   C N N 105 
EDO O1   O N N 106 
EDO C2   C N N 107 
EDO O2   O N N 108 
EDO H11  H N N 109 
EDO H12  H N N 110 
EDO HO1  H N N 111 
EDO H21  H N N 112 
EDO H22  H N N 113 
EDO HO2  H N N 114 
GLN N    N N N 115 
GLN CA   C N S 116 
GLN C    C N N 117 
GLN O    O N N 118 
GLN CB   C N N 119 
GLN CG   C N N 120 
GLN CD   C N N 121 
GLN OE1  O N N 122 
GLN NE2  N N N 123 
GLN OXT  O N N 124 
GLN H    H N N 125 
GLN H2   H N N 126 
GLN HA   H N N 127 
GLN HB2  H N N 128 
GLN HB3  H N N 129 
GLN HG2  H N N 130 
GLN HG3  H N N 131 
GLN HE21 H N N 132 
GLN HE22 H N N 133 
GLN HXT  H N N 134 
GLU N    N N N 135 
GLU CA   C N S 136 
GLU C    C N N 137 
GLU O    O N N 138 
GLU CB   C N N 139 
GLU CG   C N N 140 
GLU CD   C N N 141 
GLU OE1  O N N 142 
GLU OE2  O N N 143 
GLU OXT  O N N 144 
GLU H    H N N 145 
GLU H2   H N N 146 
GLU HA   H N N 147 
GLU HB2  H N N 148 
GLU HB3  H N N 149 
GLU HG2  H N N 150 
GLU HG3  H N N 151 
GLU HE2  H N N 152 
GLU HXT  H N N 153 
GLY N    N N N 154 
GLY CA   C N N 155 
GLY C    C N N 156 
GLY O    O N N 157 
GLY OXT  O N N 158 
GLY H    H N N 159 
GLY H2   H N N 160 
GLY HA2  H N N 161 
GLY HA3  H N N 162 
GLY HXT  H N N 163 
HIS N    N N N 164 
HIS CA   C N S 165 
HIS C    C N N 166 
HIS O    O N N 167 
HIS CB   C N N 168 
HIS CG   C Y N 169 
HIS ND1  N Y N 170 
HIS CD2  C Y N 171 
HIS CE1  C Y N 172 
HIS NE2  N Y N 173 
HIS OXT  O N N 174 
HIS H    H N N 175 
HIS H2   H N N 176 
HIS HA   H N N 177 
HIS HB2  H N N 178 
HIS HB3  H N N 179 
HIS HD1  H N N 180 
HIS HD2  H N N 181 
HIS HE1  H N N 182 
HIS HE2  H N N 183 
HIS HXT  H N N 184 
HOH O    O N N 185 
HOH H1   H N N 186 
HOH H2   H N N 187 
ILE N    N N N 188 
ILE CA   C N S 189 
ILE C    C N N 190 
ILE O    O N N 191 
ILE CB   C N S 192 
ILE CG1  C N N 193 
ILE CG2  C N N 194 
ILE CD1  C N N 195 
ILE OXT  O N N 196 
ILE H    H N N 197 
ILE H2   H N N 198 
ILE HA   H N N 199 
ILE HB   H N N 200 
ILE HG12 H N N 201 
ILE HG13 H N N 202 
ILE HG21 H N N 203 
ILE HG22 H N N 204 
ILE HG23 H N N 205 
ILE HD11 H N N 206 
ILE HD12 H N N 207 
ILE HD13 H N N 208 
ILE HXT  H N N 209 
LEU N    N N N 210 
LEU CA   C N S 211 
LEU C    C N N 212 
LEU O    O N N 213 
LEU CB   C N N 214 
LEU CG   C N N 215 
LEU CD1  C N N 216 
LEU CD2  C N N 217 
LEU OXT  O N N 218 
LEU H    H N N 219 
LEU H2   H N N 220 
LEU HA   H N N 221 
LEU HB2  H N N 222 
LEU HB3  H N N 223 
LEU HG   H N N 224 
LEU HD11 H N N 225 
LEU HD12 H N N 226 
LEU HD13 H N N 227 
LEU HD21 H N N 228 
LEU HD22 H N N 229 
LEU HD23 H N N 230 
LEU HXT  H N N 231 
LHM N1   N N N 232 
LHM N3   N Y N 233 
LHM C4   C Y N 234 
LHM C5   C N N 235 
LHM C6   C N N 236 
LHM C7   C Y N 237 
LHM C8   C Y N 238 
LHM C10  C N N 239 
LHM C13  C Y N 240 
LHM C15  C Y N 241 
LHM C1   C Y N 242 
LHM C11  C N N 243 
LHM C12  C N N 244 
LHM C14  C Y N 245 
LHM C2   C Y N 246 
LHM C3   C Y N 247 
LHM C9   C N N 248 
LHM F1   F N N 249 
LHM N2   N Y N 250 
LHM O1   O N N 251 
LHM H1   H N N 252 
LHM H2   H N N 253 
LHM H3   H N N 254 
LHM H4   H N N 255 
LHM H5   H N N 256 
LHM H6   H N N 257 
LHM H7   H N N 258 
LHM H8   H N N 259 
LHM H9   H N N 260 
LHM H10  H N N 261 
LHM H11  H N N 262 
LHM H12  H N N 263 
LHM H13  H N N 264 
LHM H14  H N N 265 
LHM H15  H N N 266 
LHM H16  H N N 267 
LYS N    N N N 268 
LYS CA   C N S 269 
LYS C    C N N 270 
LYS O    O N N 271 
LYS CB   C N N 272 
LYS CG   C N N 273 
LYS CD   C N N 274 
LYS CE   C N N 275 
LYS NZ   N N N 276 
LYS OXT  O N N 277 
LYS H    H N N 278 
LYS H2   H N N 279 
LYS HA   H N N 280 
LYS HB2  H N N 281 
LYS HB3  H N N 282 
LYS HG2  H N N 283 
LYS HG3  H N N 284 
LYS HD2  H N N 285 
LYS HD3  H N N 286 
LYS HE2  H N N 287 
LYS HE3  H N N 288 
LYS HZ1  H N N 289 
LYS HZ2  H N N 290 
LYS HZ3  H N N 291 
LYS HXT  H N N 292 
MET N    N N N 293 
MET CA   C N S 294 
MET C    C N N 295 
MET O    O N N 296 
MET CB   C N N 297 
MET CG   C N N 298 
MET SD   S N N 299 
MET CE   C N N 300 
MET OXT  O N N 301 
MET H    H N N 302 
MET H2   H N N 303 
MET HA   H N N 304 
MET HB2  H N N 305 
MET HB3  H N N 306 
MET HG2  H N N 307 
MET HG3  H N N 308 
MET HE1  H N N 309 
MET HE2  H N N 310 
MET HE3  H N N 311 
MET HXT  H N N 312 
PHE N    N N N 313 
PHE CA   C N S 314 
PHE C    C N N 315 
PHE O    O N N 316 
PHE CB   C N N 317 
PHE CG   C Y N 318 
PHE CD1  C Y N 319 
PHE CD2  C Y N 320 
PHE CE1  C Y N 321 
PHE CE2  C Y N 322 
PHE CZ   C Y N 323 
PHE OXT  O N N 324 
PHE H    H N N 325 
PHE H2   H N N 326 
PHE HA   H N N 327 
PHE HB2  H N N 328 
PHE HB3  H N N 329 
PHE HD1  H N N 330 
PHE HD2  H N N 331 
PHE HE1  H N N 332 
PHE HE2  H N N 333 
PHE HZ   H N N 334 
PHE HXT  H N N 335 
PRO N    N N N 336 
PRO CA   C N S 337 
PRO C    C N N 338 
PRO O    O N N 339 
PRO CB   C N N 340 
PRO CG   C N N 341 
PRO CD   C N N 342 
PRO OXT  O N N 343 
PRO H    H N N 344 
PRO HA   H N N 345 
PRO HB2  H N N 346 
PRO HB3  H N N 347 
PRO HG2  H N N 348 
PRO HG3  H N N 349 
PRO HD2  H N N 350 
PRO HD3  H N N 351 
PRO HXT  H N N 352 
SER N    N N N 353 
SER CA   C N S 354 
SER C    C N N 355 
SER O    O N N 356 
SER CB   C N N 357 
SER OG   O N N 358 
SER OXT  O N N 359 
SER H    H N N 360 
SER H2   H N N 361 
SER HA   H N N 362 
SER HB2  H N N 363 
SER HB3  H N N 364 
SER HG   H N N 365 
SER HXT  H N N 366 
THR N    N N N 367 
THR CA   C N S 368 
THR C    C N N 369 
THR O    O N N 370 
THR CB   C N R 371 
THR OG1  O N N 372 
THR CG2  C N N 373 
THR OXT  O N N 374 
THR H    H N N 375 
THR H2   H N N 376 
THR HA   H N N 377 
THR HB   H N N 378 
THR HG1  H N N 379 
THR HG21 H N N 380 
THR HG22 H N N 381 
THR HG23 H N N 382 
THR HXT  H N N 383 
TRP N    N N N 384 
TRP CA   C N S 385 
TRP C    C N N 386 
TRP O    O N N 387 
TRP CB   C N N 388 
TRP CG   C Y N 389 
TRP CD1  C Y N 390 
TRP CD2  C Y N 391 
TRP NE1  N Y N 392 
TRP CE2  C Y N 393 
TRP CE3  C Y N 394 
TRP CZ2  C Y N 395 
TRP CZ3  C Y N 396 
TRP CH2  C Y N 397 
TRP OXT  O N N 398 
TRP H    H N N 399 
TRP H2   H N N 400 
TRP HA   H N N 401 
TRP HB2  H N N 402 
TRP HB3  H N N 403 
TRP HD1  H N N 404 
TRP HE1  H N N 405 
TRP HE3  H N N 406 
TRP HZ2  H N N 407 
TRP HZ3  H N N 408 
TRP HH2  H N N 409 
TRP HXT  H N N 410 
TYR N    N N N 411 
TYR CA   C N S 412 
TYR C    C N N 413 
TYR O    O N N 414 
TYR CB   C N N 415 
TYR CG   C Y N 416 
TYR CD1  C Y N 417 
TYR CD2  C Y N 418 
TYR CE1  C Y N 419 
TYR CE2  C Y N 420 
TYR CZ   C Y N 421 
TYR OH   O N N 422 
TYR OXT  O N N 423 
TYR H    H N N 424 
TYR H2   H N N 425 
TYR HA   H N N 426 
TYR HB2  H N N 427 
TYR HB3  H N N 428 
TYR HD1  H N N 429 
TYR HD2  H N N 430 
TYR HE1  H N N 431 
TYR HE2  H N N 432 
TYR HH   H N N 433 
TYR HXT  H N N 434 
VAL N    N N N 435 
VAL CA   C N S 436 
VAL C    C N N 437 
VAL O    O N N 438 
VAL CB   C N N 439 
VAL CG1  C N N 440 
VAL CG2  C N N 441 
VAL OXT  O N N 442 
VAL H    H N N 443 
VAL H2   H N N 444 
VAL HA   H N N 445 
VAL HB   H N N 446 
VAL HG11 H N N 447 
VAL HG12 H N N 448 
VAL HG13 H N N 449 
VAL HG21 H N N 450 
VAL HG22 H N N 451 
VAL HG23 H N N 452 
VAL HXT  H N N 453 
# 
loop_
_chem_comp_bond.comp_id 
_chem_comp_bond.atom_id_1 
_chem_comp_bond.atom_id_2 
_chem_comp_bond.value_order 
_chem_comp_bond.pdbx_aromatic_flag 
_chem_comp_bond.pdbx_stereo_config 
_chem_comp_bond.pdbx_ordinal 
ACT C   O    doub N N 1   
ACT C   OXT  sing N N 2   
ACT C   CH3  sing N N 3   
ACT CH3 H1   sing N N 4   
ACT CH3 H2   sing N N 5   
ACT CH3 H3   sing N N 6   
ALA N   CA   sing N N 7   
ALA N   H    sing N N 8   
ALA N   H2   sing N N 9   
ALA CA  C    sing N N 10  
ALA CA  CB   sing N N 11  
ALA CA  HA   sing N N 12  
ALA C   O    doub N N 13  
ALA C   OXT  sing N N 14  
ALA CB  HB1  sing N N 15  
ALA CB  HB2  sing N N 16  
ALA CB  HB3  sing N N 17  
ALA OXT HXT  sing N N 18  
ARG N   CA   sing N N 19  
ARG N   H    sing N N 20  
ARG N   H2   sing N N 21  
ARG CA  C    sing N N 22  
ARG CA  CB   sing N N 23  
ARG CA  HA   sing N N 24  
ARG C   O    doub N N 25  
ARG C   OXT  sing N N 26  
ARG CB  CG   sing N N 27  
ARG CB  HB2  sing N N 28  
ARG CB  HB3  sing N N 29  
ARG CG  CD   sing N N 30  
ARG CG  HG2  sing N N 31  
ARG CG  HG3  sing N N 32  
ARG CD  NE   sing N N 33  
ARG CD  HD2  sing N N 34  
ARG CD  HD3  sing N N 35  
ARG NE  CZ   sing N N 36  
ARG NE  HE   sing N N 37  
ARG CZ  NH1  sing N N 38  
ARG CZ  NH2  doub N N 39  
ARG NH1 HH11 sing N N 40  
ARG NH1 HH12 sing N N 41  
ARG NH2 HH21 sing N N 42  
ARG NH2 HH22 sing N N 43  
ARG OXT HXT  sing N N 44  
ASN N   CA   sing N N 45  
ASN N   H    sing N N 46  
ASN N   H2   sing N N 47  
ASN CA  C    sing N N 48  
ASN CA  CB   sing N N 49  
ASN CA  HA   sing N N 50  
ASN C   O    doub N N 51  
ASN C   OXT  sing N N 52  
ASN CB  CG   sing N N 53  
ASN CB  HB2  sing N N 54  
ASN CB  HB3  sing N N 55  
ASN CG  OD1  doub N N 56  
ASN CG  ND2  sing N N 57  
ASN ND2 HD21 sing N N 58  
ASN ND2 HD22 sing N N 59  
ASN OXT HXT  sing N N 60  
ASP N   CA   sing N N 61  
ASP N   H    sing N N 62  
ASP N   H2   sing N N 63  
ASP CA  C    sing N N 64  
ASP CA  CB   sing N N 65  
ASP CA  HA   sing N N 66  
ASP C   O    doub N N 67  
ASP C   OXT  sing N N 68  
ASP CB  CG   sing N N 69  
ASP CB  HB2  sing N N 70  
ASP CB  HB3  sing N N 71  
ASP CG  OD1  doub N N 72  
ASP CG  OD2  sing N N 73  
ASP OD2 HD2  sing N N 74  
ASP OXT HXT  sing N N 75  
CYS N   CA   sing N N 76  
CYS N   H    sing N N 77  
CYS N   H2   sing N N 78  
CYS CA  C    sing N N 79  
CYS CA  CB   sing N N 80  
CYS CA  HA   sing N N 81  
CYS C   O    doub N N 82  
CYS C   OXT  sing N N 83  
CYS CB  SG   sing N N 84  
CYS CB  HB2  sing N N 85  
CYS CB  HB3  sing N N 86  
CYS SG  HG   sing N N 87  
CYS OXT HXT  sing N N 88  
DMS S   O    doub N N 89  
DMS S   C1   sing N N 90  
DMS S   C2   sing N N 91  
DMS C1  H11  sing N N 92  
DMS C1  H12  sing N N 93  
DMS C1  H13  sing N N 94  
DMS C2  H21  sing N N 95  
DMS C2  H22  sing N N 96  
DMS C2  H23  sing N N 97  
EDO C1  O1   sing N N 98  
EDO C1  C2   sing N N 99  
EDO C1  H11  sing N N 100 
EDO C1  H12  sing N N 101 
EDO O1  HO1  sing N N 102 
EDO C2  O2   sing N N 103 
EDO C2  H21  sing N N 104 
EDO C2  H22  sing N N 105 
EDO O2  HO2  sing N N 106 
GLN N   CA   sing N N 107 
GLN N   H    sing N N 108 
GLN N   H2   sing N N 109 
GLN CA  C    sing N N 110 
GLN CA  CB   sing N N 111 
GLN CA  HA   sing N N 112 
GLN C   O    doub N N 113 
GLN C   OXT  sing N N 114 
GLN CB  CG   sing N N 115 
GLN CB  HB2  sing N N 116 
GLN CB  HB3  sing N N 117 
GLN CG  CD   sing N N 118 
GLN CG  HG2  sing N N 119 
GLN CG  HG3  sing N N 120 
GLN CD  OE1  doub N N 121 
GLN CD  NE2  sing N N 122 
GLN NE2 HE21 sing N N 123 
GLN NE2 HE22 sing N N 124 
GLN OXT HXT  sing N N 125 
GLU N   CA   sing N N 126 
GLU N   H    sing N N 127 
GLU N   H2   sing N N 128 
GLU CA  C    sing N N 129 
GLU CA  CB   sing N N 130 
GLU CA  HA   sing N N 131 
GLU C   O    doub N N 132 
GLU C   OXT  sing N N 133 
GLU CB  CG   sing N N 134 
GLU CB  HB2  sing N N 135 
GLU CB  HB3  sing N N 136 
GLU CG  CD   sing N N 137 
GLU CG  HG2  sing N N 138 
GLU CG  HG3  sing N N 139 
GLU CD  OE1  doub N N 140 
GLU CD  OE2  sing N N 141 
GLU OE2 HE2  sing N N 142 
GLU OXT HXT  sing N N 143 
GLY N   CA   sing N N 144 
GLY N   H    sing N N 145 
GLY N   H2   sing N N 146 
GLY CA  C    sing N N 147 
GLY CA  HA2  sing N N 148 
GLY CA  HA3  sing N N 149 
GLY C   O    doub N N 150 
GLY C   OXT  sing N N 151 
GLY OXT HXT  sing N N 152 
HIS N   CA   sing N N 153 
HIS N   H    sing N N 154 
HIS N   H2   sing N N 155 
HIS CA  C    sing N N 156 
HIS CA  CB   sing N N 157 
HIS CA  HA   sing N N 158 
HIS C   O    doub N N 159 
HIS C   OXT  sing N N 160 
HIS CB  CG   sing N N 161 
HIS CB  HB2  sing N N 162 
HIS CB  HB3  sing N N 163 
HIS CG  ND1  sing Y N 164 
HIS CG  CD2  doub Y N 165 
HIS ND1 CE1  doub Y N 166 
HIS ND1 HD1  sing N N 167 
HIS CD2 NE2  sing Y N 168 
HIS CD2 HD2  sing N N 169 
HIS CE1 NE2  sing Y N 170 
HIS CE1 HE1  sing N N 171 
HIS NE2 HE2  sing N N 172 
HIS OXT HXT  sing N N 173 
HOH O   H1   sing N N 174 
HOH O   H2   sing N N 175 
ILE N   CA   sing N N 176 
ILE N   H    sing N N 177 
ILE N   H2   sing N N 178 
ILE CA  C    sing N N 179 
ILE CA  CB   sing N N 180 
ILE CA  HA   sing N N 181 
ILE C   O    doub N N 182 
ILE C   OXT  sing N N 183 
ILE CB  CG1  sing N N 184 
ILE CB  CG2  sing N N 185 
ILE CB  HB   sing N N 186 
ILE CG1 CD1  sing N N 187 
ILE CG1 HG12 sing N N 188 
ILE CG1 HG13 sing N N 189 
ILE CG2 HG21 sing N N 190 
ILE CG2 HG22 sing N N 191 
ILE CG2 HG23 sing N N 192 
ILE CD1 HD11 sing N N 193 
ILE CD1 HD12 sing N N 194 
ILE CD1 HD13 sing N N 195 
ILE OXT HXT  sing N N 196 
LEU N   CA   sing N N 197 
LEU N   H    sing N N 198 
LEU N   H2   sing N N 199 
LEU CA  C    sing N N 200 
LEU CA  CB   sing N N 201 
LEU CA  HA   sing N N 202 
LEU C   O    doub N N 203 
LEU C   OXT  sing N N 204 
LEU CB  CG   sing N N 205 
LEU CB  HB2  sing N N 206 
LEU CB  HB3  sing N N 207 
LEU CG  CD1  sing N N 208 
LEU CG  CD2  sing N N 209 
LEU CG  HG   sing N N 210 
LEU CD1 HD11 sing N N 211 
LEU CD1 HD12 sing N N 212 
LEU CD1 HD13 sing N N 213 
LEU CD2 HD21 sing N N 214 
LEU CD2 HD22 sing N N 215 
LEU CD2 HD23 sing N N 216 
LEU OXT HXT  sing N N 217 
LHM N2  N3   sing Y N 218 
LHM N2  C8   doub Y N 219 
LHM C10 C9   sing N N 220 
LHM C10 C11  sing N N 221 
LHM C9  N3   sing N N 222 
LHM N3  C13  sing Y N 223 
LHM C8  C7   sing Y N 224 
LHM C13 C7   doub Y N 225 
LHM C13 C12  sing N N 226 
LHM C7  C6   sing N N 227 
LHM C11 C12  sing N N 228 
LHM C6  N1   sing N N 229 
LHM C6  O1   doub N N 230 
LHM N1  C5   sing N N 231 
LHM C5  C4   sing N N 232 
LHM C4  C3   doub Y N 233 
LHM C4  C14  sing Y N 234 
LHM C3  C2   sing Y N 235 
LHM C14 C15  doub Y N 236 
LHM C2  C1   doub Y N 237 
LHM C15 C1   sing Y N 238 
LHM C1  F1   sing N N 239 
LHM N1  H1   sing N N 240 
LHM C5  H2   sing N N 241 
LHM C5  H3   sing N N 242 
LHM C8  H4   sing N N 243 
LHM C10 H5   sing N N 244 
LHM C10 H6   sing N N 245 
LHM C15 H7   sing N N 246 
LHM C11 H8   sing N N 247 
LHM C11 H9   sing N N 248 
LHM C12 H10  sing N N 249 
LHM C12 H11  sing N N 250 
LHM C14 H12  sing N N 251 
LHM C2  H13  sing N N 252 
LHM C3  H14  sing N N 253 
LHM C9  H15  sing N N 254 
LHM C9  H16  sing N N 255 
LYS N   CA   sing N N 256 
LYS N   H    sing N N 257 
LYS N   H2   sing N N 258 
LYS CA  C    sing N N 259 
LYS CA  CB   sing N N 260 
LYS CA  HA   sing N N 261 
LYS C   O    doub N N 262 
LYS C   OXT  sing N N 263 
LYS CB  CG   sing N N 264 
LYS CB  HB2  sing N N 265 
LYS CB  HB3  sing N N 266 
LYS CG  CD   sing N N 267 
LYS CG  HG2  sing N N 268 
LYS CG  HG3  sing N N 269 
LYS CD  CE   sing N N 270 
LYS CD  HD2  sing N N 271 
LYS CD  HD3  sing N N 272 
LYS CE  NZ   sing N N 273 
LYS CE  HE2  sing N N 274 
LYS CE  HE3  sing N N 275 
LYS NZ  HZ1  sing N N 276 
LYS NZ  HZ2  sing N N 277 
LYS NZ  HZ3  sing N N 278 
LYS OXT HXT  sing N N 279 
MET N   CA   sing N N 280 
MET N   H    sing N N 281 
MET N   H2   sing N N 282 
MET CA  C    sing N N 283 
MET CA  CB   sing N N 284 
MET CA  HA   sing N N 285 
MET C   O    doub N N 286 
MET C   OXT  sing N N 287 
MET CB  CG   sing N N 288 
MET CB  HB2  sing N N 289 
MET CB  HB3  sing N N 290 
MET CG  SD   sing N N 291 
MET CG  HG2  sing N N 292 
MET CG  HG3  sing N N 293 
MET SD  CE   sing N N 294 
MET CE  HE1  sing N N 295 
MET CE  HE2  sing N N 296 
MET CE  HE3  sing N N 297 
MET OXT HXT  sing N N 298 
PHE N   CA   sing N N 299 
PHE N   H    sing N N 300 
PHE N   H2   sing N N 301 
PHE CA  C    sing N N 302 
PHE CA  CB   sing N N 303 
PHE CA  HA   sing N N 304 
PHE C   O    doub N N 305 
PHE C   OXT  sing N N 306 
PHE CB  CG   sing N N 307 
PHE CB  HB2  sing N N 308 
PHE CB  HB3  sing N N 309 
PHE CG  CD1  doub Y N 310 
PHE CG  CD2  sing Y N 311 
PHE CD1 CE1  sing Y N 312 
PHE CD1 HD1  sing N N 313 
PHE CD2 CE2  doub Y N 314 
PHE CD2 HD2  sing N N 315 
PHE CE1 CZ   doub Y N 316 
PHE CE1 HE1  sing N N 317 
PHE CE2 CZ   sing Y N 318 
PHE CE2 HE2  sing N N 319 
PHE CZ  HZ   sing N N 320 
PHE OXT HXT  sing N N 321 
PRO N   CA   sing N N 322 
PRO N   CD   sing N N 323 
PRO N   H    sing N N 324 
PRO CA  C    sing N N 325 
PRO CA  CB   sing N N 326 
PRO CA  HA   sing N N 327 
PRO C   O    doub N N 328 
PRO C   OXT  sing N N 329 
PRO CB  CG   sing N N 330 
PRO CB  HB2  sing N N 331 
PRO CB  HB3  sing N N 332 
PRO CG  CD   sing N N 333 
PRO CG  HG2  sing N N 334 
PRO CG  HG3  sing N N 335 
PRO CD  HD2  sing N N 336 
PRO CD  HD3  sing N N 337 
PRO OXT HXT  sing N N 338 
SER N   CA   sing N N 339 
SER N   H    sing N N 340 
SER N   H2   sing N N 341 
SER CA  C    sing N N 342 
SER CA  CB   sing N N 343 
SER CA  HA   sing N N 344 
SER C   O    doub N N 345 
SER C   OXT  sing N N 346 
SER CB  OG   sing N N 347 
SER CB  HB2  sing N N 348 
SER CB  HB3  sing N N 349 
SER OG  HG   sing N N 350 
SER OXT HXT  sing N N 351 
THR N   CA   sing N N 352 
THR N   H    sing N N 353 
THR N   H2   sing N N 354 
THR CA  C    sing N N 355 
THR CA  CB   sing N N 356 
THR CA  HA   sing N N 357 
THR C   O    doub N N 358 
THR C   OXT  sing N N 359 
THR CB  OG1  sing N N 360 
THR CB  CG2  sing N N 361 
THR CB  HB   sing N N 362 
THR OG1 HG1  sing N N 363 
THR CG2 HG21 sing N N 364 
THR CG2 HG22 sing N N 365 
THR CG2 HG23 sing N N 366 
THR OXT HXT  sing N N 367 
TRP N   CA   sing N N 368 
TRP N   H    sing N N 369 
TRP N   H2   sing N N 370 
TRP CA  C    sing N N 371 
TRP CA  CB   sing N N 372 
TRP CA  HA   sing N N 373 
TRP C   O    doub N N 374 
TRP C   OXT  sing N N 375 
TRP CB  CG   sing N N 376 
TRP CB  HB2  sing N N 377 
TRP CB  HB3  sing N N 378 
TRP CG  CD1  doub Y N 379 
TRP CG  CD2  sing Y N 380 
TRP CD1 NE1  sing Y N 381 
TRP CD1 HD1  sing N N 382 
TRP CD2 CE2  doub Y N 383 
TRP CD2 CE3  sing Y N 384 
TRP NE1 CE2  sing Y N 385 
TRP NE1 HE1  sing N N 386 
TRP CE2 CZ2  sing Y N 387 
TRP CE3 CZ3  doub Y N 388 
TRP CE3 HE3  sing N N 389 
TRP CZ2 CH2  doub Y N 390 
TRP CZ2 HZ2  sing N N 391 
TRP CZ3 CH2  sing Y N 392 
TRP CZ3 HZ3  sing N N 393 
TRP CH2 HH2  sing N N 394 
TRP OXT HXT  sing N N 395 
TYR N   CA   sing N N 396 
TYR N   H    sing N N 397 
TYR N   H2   sing N N 398 
TYR CA  C    sing N N 399 
TYR CA  CB   sing N N 400 
TYR CA  HA   sing N N 401 
TYR C   O    doub N N 402 
TYR C   OXT  sing N N 403 
TYR CB  CG   sing N N 404 
TYR CB  HB2  sing N N 405 
TYR CB  HB3  sing N N 406 
TYR CG  CD1  doub Y N 407 
TYR CG  CD2  sing Y N 408 
TYR CD1 CE1  sing Y N 409 
TYR CD1 HD1  sing N N 410 
TYR CD2 CE2  doub Y N 411 
TYR CD2 HD2  sing N N 412 
TYR CE1 CZ   doub Y N 413 
TYR CE1 HE1  sing N N 414 
TYR CE2 CZ   sing Y N 415 
TYR CE2 HE2  sing N N 416 
TYR CZ  OH   sing N N 417 
TYR OH  HH   sing N N 418 
TYR OXT HXT  sing N N 419 
VAL N   CA   sing N N 420 
VAL N   H    sing N N 421 
VAL N   H2   sing N N 422 
VAL CA  C    sing N N 423 
VAL CA  CB   sing N N 424 
VAL CA  HA   sing N N 425 
VAL C   O    doub N N 426 
VAL C   OXT  sing N N 427 
VAL CB  CG1  sing N N 428 
VAL CB  CG2  sing N N 429 
VAL CB  HB   sing N N 430 
VAL CG1 HG11 sing N N 431 
VAL CG1 HG12 sing N N 432 
VAL CG1 HG13 sing N N 433 
VAL CG2 HG21 sing N N 434 
VAL CG2 HG22 sing N N 435 
VAL CG2 HG23 sing N N 436 
VAL OXT HXT  sing N N 437 
# 
_pdbx_deposit_group.group_id            G_1002061 
_pdbx_deposit_group.group_description   
;XDomainX of XOrganismX DCP2 (NUDT20) screened against the XXX Fragment Library by X-ray Crystallography at the XChem facility of Diamond Light Source beamline I04-1
;
_pdbx_deposit_group.group_title         'PanDDA analysis group deposition' 
_pdbx_deposit_group.group_type          'changed state' 
# 
_pdbx_related_exp_data_set.ordinal              1 
_pdbx_related_exp_data_set.data_reference       10.5281/zenodo.1437589 
_pdbx_related_exp_data_set.metadata_reference   10.5281/zenodo.1437589 
_pdbx_related_exp_data_set.data_set_type        'other data' 
_pdbx_related_exp_data_set.details              'Complete PanDDA analysis' 
# 
_atom_sites.entry_id                    5QP3 
_atom_sites.fract_transf_matrix[1][1]   0.00225655 
_atom_sites.fract_transf_matrix[1][2]   -0.02029547 
_atom_sites.fract_transf_matrix[1][3]   -0.00323380 
_atom_sites.fract_transf_matrix[2][1]   -0.00851013 
_atom_sites.fract_transf_matrix[2][2]   -0.00315032 
_atom_sites.fract_transf_matrix[2][3]   0.01383319 
_atom_sites.fract_transf_matrix[3][1]   -0.01293817 
_atom_sites.fract_transf_matrix[3][2]   -0.00016433 
_atom_sites.fract_transf_matrix[3][3]   -0.00799695 
_atom_sites.fract_transf_vector[1]      -0.883682 
_atom_sites.fract_transf_vector[2]      0.225655 
_atom_sites.fract_transf_vector[3]      1.163825 
# 
loop_
_atom_type.symbol 
C 
F 
N 
O 
S 
# 
loop_
_atom_site.group_PDB 
_atom_site.id 
_atom_site.type_symbol 
_atom_site.label_atom_id 
_atom_site.label_alt_id 
_atom_site.label_comp_id 
_atom_site.label_asym_id 
_atom_site.label_entity_id 
_atom_site.label_seq_id 
_atom_site.pdbx_PDB_ins_code 
_atom_site.Cartn_x 
_atom_site.Cartn_y 
_atom_site.Cartn_z 
_atom_site.occupancy 
_atom_site.B_iso_or_equiv 
_atom_site.pdbx_formal_charge 
_atom_site.auth_seq_id 
_atom_site.auth_comp_id 
_atom_site.auth_asym_id 
_atom_site.auth_atom_id 
_atom_site.pdbx_PDB_model_num 
ATOM   1    N N   . GLY A 1 3   ? 0.600   -19.256 -2.771  1.00 65.51 ? 96  GLY A N   1 
ATOM   2    C CA  . GLY A 1 3   ? -0.567  -18.325 -2.644  1.00 65.84 ? 96  GLY A CA  1 
ATOM   3    C C   . GLY A 1 3   ? -0.778  -17.538 -3.937  1.00 61.31 ? 96  GLY A C   1 
ATOM   4    O O   . GLY A 1 3   ? 0.112   -17.443 -4.791  1.00 67.43 ? 96  GLY A O   1 
ATOM   5    N N   . VAL A 1 4   ? -1.961  -16.972 -4.100  1.00 51.31 ? 97  VAL A N   1 
ATOM   6    C CA  . VAL A 1 4   ? -2.280  -16.245 -5.341  1.00 48.64 ? 97  VAL A CA  1 
ATOM   7    C C   . VAL A 1 4   ? -1.624  -14.839 -5.290  1.00 39.31 ? 97  VAL A C   1 
ATOM   8    O O   . VAL A 1 4   ? -1.822  -14.179 -4.319  1.00 38.83 ? 97  VAL A O   1 
ATOM   9    C CB  . VAL A 1 4   ? -3.804  -16.045 -5.451  1.00 52.60 ? 97  VAL A CB  1 
ATOM   10   C CG1 . VAL A 1 4   ? -4.125  -15.235 -6.692  1.00 51.08 ? 97  VAL A CG1 1 
ATOM   11   C CG2 . VAL A 1 4   ? -4.545  -17.398 -5.416  1.00 49.48 ? 97  VAL A CG2 1 
ATOM   12   N N   . PRO A 1 5   ? -0.890  -14.411 -6.332  1.00 41.12 ? 98  PRO A N   1 
ATOM   13   C CA  . PRO A 1 5   ? -0.235  -13.084 -6.266  1.00 38.46 ? 98  PRO A CA  1 
ATOM   14   C C   . PRO A 1 5   ? -1.232  -11.941 -6.041  1.00 35.92 ? 98  PRO A C   1 
ATOM   15   O O   . PRO A 1 5   ? -2.397  -12.059 -6.423  1.00 34.03 ? 98  PRO A O   1 
ATOM   16   C CB  . PRO A 1 5   ? 0.505   -12.951 -7.594  1.00 43.16 ? 98  PRO A CB  1 
ATOM   17   C CG  . PRO A 1 5   ? 0.298   -14.257 -8.318  1.00 42.92 ? 98  PRO A CG  1 
ATOM   18   C CD  . PRO A 1 5   ? -0.483  -15.199 -7.506  1.00 40.55 ? 98  PRO A CD  1 
ATOM   19   N N   . THR A 1 6   ? -0.790  -10.870 -5.365  1.00 30.34 ? 99  THR A N   1 
ATOM   20   C CA  . THR A 1 6   ? -1.622  -9.652  -5.176  1.00 31.19 ? 99  THR A CA  1 
ATOM   21   C C   . THR A 1 6   ? -0.969  -8.445  -5.875  1.00 27.81 ? 99  THR A C   1 
ATOM   22   O O   . THR A 1 6   ? 0.228   -8.351  -6.010  1.00 29.00 ? 99  THR A O   1 
ATOM   23   C CB  . THR A 1 6   ? -1.922  -9.354  -3.685  1.00 32.33 ? 99  THR A CB  1 
ATOM   24   O OG1 . THR A 1 6   ? -0.695  -9.175  -3.007  1.00 30.96 ? 99  THR A OG1 1 
ATOM   25   C CG2 . THR A 1 6   ? -2.701  -10.510 -3.006  1.00 33.80 ? 99  THR A CG2 1 
ATOM   26   N N   . TYR A 1 7   ? -1.804  -7.504  -6.349  1.00 28.05 ? 100 TYR A N   1 
ATOM   27   C CA  . TYR A 1 7   ? -1.359  -6.357  -7.031  1.00 27.16 ? 100 TYR A CA  1 
ATOM   28   C C   . TYR A 1 7   ? -2.176  -5.163  -6.541  1.00 24.30 ? 100 TYR A C   1 
ATOM   29   O O   . TYR A 1 7   ? -3.325  -5.258  -6.225  1.00 26.42 ? 100 TYR A O   1 
ATOM   30   C CB  . TYR A 1 7   ? -1.490  -6.474  -8.624  1.00 29.57 ? 100 TYR A CB  1 
ATOM   31   C CG  . TYR A 1 7   ? -0.722  -7.611  -9.171  1.00 29.53 ? 100 TYR A CG  1 
ATOM   32   C CD1 . TYR A 1 7   ? 0.641   -7.501  -9.427  1.00 33.38 ? 100 TYR A CD1 1 
ATOM   33   C CD2 . TYR A 1 7   ? -1.348  -8.838  -9.416  1.00 31.84 ? 100 TYR A CD2 1 
ATOM   34   C CE1 . TYR A 1 7   ? 1.398   -8.599  -9.874  1.00 35.99 ? 100 TYR A CE1 1 
ATOM   35   C CE2 . TYR A 1 7   ? -0.614  -9.949  -9.829  1.00 32.44 ? 100 TYR A CE2 1 
ATOM   36   C CZ  . TYR A 1 7   ? 0.724   -9.827  -10.102 1.00 38.24 ? 100 TYR A CZ  1 
ATOM   37   O OH  . TYR A 1 7   ? 1.375   -10.975 -10.539 1.00 41.13 ? 100 TYR A OH  1 
ATOM   38   N N   . GLY A 1 8   ? -1.525  -4.014  -6.560  1.00 24.47 ? 101 GLY A N   1 
ATOM   39   C CA  . GLY A 1 8   ? -2.100  -2.755  -6.127  1.00 22.80 ? 101 GLY A CA  1 
ATOM   40   C C   . GLY A 1 8   ? -1.163  -1.614  -6.383  1.00 20.91 ? 101 GLY A C   1 
ATOM   41   O O   . GLY A 1 8   ? -0.311  -1.628  -7.290  1.00 21.32 ? 101 GLY A O   1 
ATOM   42   N N   . ALA A 1 9   ? -1.317  -0.533  -5.590  1.00 20.31 ? 102 ALA A N   1 
ATOM   43   C CA  . ALA A 1 9   ? -0.530  0.706   -5.818  1.00 22.89 ? 102 ALA A CA  1 
ATOM   44   C C   . ALA A 1 9   ? -0.152  1.380   -4.532  1.00 21.70 ? 102 ALA A C   1 
ATOM   45   O O   . ALA A 1 9   ? -0.870  1.317   -3.561  1.00 20.40 ? 102 ALA A O   1 
ATOM   46   C CB  . ALA A 1 9   ? -1.266  1.739   -6.699  1.00 25.01 ? 102 ALA A CB  1 
ATOM   47   N N   . ILE A 1 10  ? 0.994   2.034   -4.620  1.00 22.00 ? 103 ILE A N   1 
ATOM   48   C CA  . ILE A 1 10  ? 1.445   2.997   -3.660  1.00 20.91 ? 103 ILE A CA  1 
ATOM   49   C C   . ILE A 1 10  ? 1.242   4.304   -4.363  1.00 18.74 ? 103 ILE A C   1 
ATOM   50   O O   . ILE A 1 10  ? 2.040   4.670   -5.306  1.00 19.41 ? 103 ILE A O   1 
ATOM   51   C CB  . ILE A 1 10  ? 2.917   2.806   -3.318  1.00 20.35 ? 103 ILE A CB  1 
ATOM   52   C CG1 . ILE A 1 10  ? 3.143   1.508   -2.670  1.00 20.58 ? 103 ILE A CG1 1 
ATOM   53   C CG2 . ILE A 1 10  ? 3.424   3.995   -2.519  1.00 23.97 ? 103 ILE A CG2 1 
ATOM   54   C CD1 . ILE A 1 10  ? 4.660   1.131   -2.525  1.00 24.94 ? 103 ILE A CD1 1 
ATOM   55   N N   . ILE A 1 11  ? 0.256   5.064   -3.917  1.00 20.81 ? 104 ILE A N   1 
ATOM   56   C CA  . ILE A 1 11  ? -0.092  6.338   -4.432  1.00 21.23 ? 104 ILE A CA  1 
ATOM   57   C C   . ILE A 1 11  ? 0.519   7.411   -3.556  1.00 21.43 ? 104 ILE A C   1 
ATOM   58   O O   . ILE A 1 11  ? 0.299   7.410   -2.352  1.00 20.35 ? 104 ILE A O   1 
ATOM   59   C CB  . ILE A 1 11  ? -1.624  6.551   -4.497  1.00 21.95 ? 104 ILE A CB  1 
ATOM   60   C CG1 . ILE A 1 11  ? -2.268  5.603   -5.509  1.00 22.21 ? 104 ILE A CG1 1 
ATOM   61   C CG2 . ILE A 1 11  ? -2.024  7.943   -4.834  1.00 24.83 ? 104 ILE A CG2 1 
ATOM   62   C CD1 . ILE A 1 11  ? -3.752  5.306   -5.303  1.00 23.51 ? 104 ILE A CD1 1 
ATOM   63   N N   . LEU A 1 12  ? 1.267   8.315   -4.180  1.00 19.49 ? 105 LEU A N   1 
ATOM   64   C CA  . LEU A 1 12  ? 1.823   9.487   -3.512  1.00 20.31 ? 105 LEU A CA  1 
ATOM   65   C C   . LEU A 1 12  ? 1.223   10.764  -4.060  1.00 19.89 ? 105 LEU A C   1 
ATOM   66   O O   . LEU A 1 12  ? 0.807   10.873  -5.235  1.00 22.90 ? 105 LEU A O   1 
ATOM   67   C CB  . LEU A 1 12  ? 3.320   9.549   -3.744  1.00 23.68 ? 105 LEU A CB  1 
ATOM   68   C CG  . LEU A 1 12  ? 4.077   8.344   -3.223  1.00 26.37 ? 105 LEU A CG  1 
ATOM   69   C CD1 . LEU A 1 12  ? 4.307   7.339   -4.280  1.00 31.81 ? 105 LEU A CD1 1 
ATOM   70   C CD2 . LEU A 1 12  ? 5.373   8.725   -2.551  1.00 33.80 ? 105 LEU A CD2 1 
ATOM   71   N N   . ASP A 1 13  ? 1.306   11.809  -3.239  1.00 23.54 ? 106 ASP A N   1 
ATOM   72   C CA  . ASP A 1 13  ? 0.838   13.095  -3.642  1.00 25.63 ? 106 ASP A CA  1 
ATOM   73   C C   . ASP A 1 13  ? 1.925   13.844  -4.407  1.00 24.23 ? 106 ASP A C   1 
ATOM   74   O O   . ASP A 1 13  ? 2.952   13.341  -4.742  1.00 24.76 ? 106 ASP A O   1 
ATOM   75   C CB  . ASP A 1 13  ? 0.355   13.863  -2.404  1.00 29.04 ? 106 ASP A CB  1 
ATOM   76   C CG  . ASP A 1 13  ? 1.466   14.199  -1.420  1.00 33.57 ? 106 ASP A CG  1 
ATOM   77   O OD1 . ASP A 1 13  ? 2.580   13.615  -1.407  1.00 31.63 ? 106 ASP A OD1 1 
ATOM   78   O OD2 . ASP A 1 13  ? 1.182   15.071  -0.613  1.00 36.87 ? 106 ASP A OD2 1 
ATOM   79   N N   . GLU A 1 14  ? 1.663   15.093  -4.642  1.00 26.93 ? 107 GLU A N   1 
ATOM   80   C CA  . GLU A 1 14  ? 2.564   15.867  -5.484  1.00 30.06 ? 107 GLU A CA  1 
ATOM   81   C C   . GLU A 1 14  ? 3.857   16.263  -4.800  1.00 31.58 ? 107 GLU A C   1 
ATOM   82   O O   . GLU A 1 14  ? 4.847   16.431  -5.470  1.00 30.45 ? 107 GLU A O   1 
ATOM   83   C CB  . GLU A 1 14  ? 1.901   17.112  -6.087  1.00 37.47 ? 107 GLU A CB  1 
ATOM   84   C CG  . GLU A 1 14  ? 1.442   18.124  -5.092  1.00 42.53 ? 107 GLU A CG  1 
ATOM   85   C CD  . GLU A 1 14  ? -0.011  17.880  -4.727  1.00 53.48 ? 107 GLU A CD  1 
ATOM   86   O OE1 . GLU A 1 14  ? -0.216  16.952  -3.938  1.00 49.92 ? 107 GLU A OE1 1 
ATOM   87   O OE2 . GLU A 1 14  ? -0.944  18.566  -5.238  1.00 68.98 ? 107 GLU A OE2 1 
ATOM   88   N N   . THR A 1 15  ? 3.874   16.279  -3.459  1.00 27.63 ? 108 THR A N   1 
ATOM   89   C CA  . THR A 1 15  ? 5.058   16.620  -2.741  1.00 26.63 ? 108 THR A CA  1 
ATOM   90   C C   . THR A 1 15  ? 5.979   15.436  -2.508  1.00 29.80 ? 108 THR A C   1 
ATOM   91   O O   . THR A 1 15  ? 7.118   15.569  -2.082  1.00 29.47 ? 108 THR A O   1 
ATOM   92   C CB  . THR A 1 15  ? 4.707   17.146  -1.328  1.00 35.11 ? 108 THR A CB  1 
ATOM   93   O OG1 . THR A 1 15  ? 4.355   16.063  -0.510  1.00 31.98 ? 108 THR A OG1 1 
ATOM   94   C CG2 . THR A 1 15  ? 3.618   18.134  -1.305  1.00 36.75 ? 108 THR A CG2 1 
ATOM   95   N N   . LEU A 1 16  ? 5.445   14.252  -2.754  1.00 27.45 ? 109 LEU A N   1 
ATOM   96   C CA  . LEU A 1 16  ? 6.120   12.978  -2.519  1.00 27.09 ? 109 LEU A CA  1 
ATOM   97   C C   . LEU A 1 16  ? 6.295   12.653  -1.005  1.00 27.10 ? 109 LEU A C   1 
ATOM   98   O O   . LEU A 1 16  ? 7.055   11.712  -0.683  1.00 32.66 ? 109 LEU A O   1 
ATOM   99   C CB  . LEU A 1 16  ? 7.474   12.813  -3.206  1.00 28.42 ? 109 LEU A CB  1 
ATOM   100  C CG  . LEU A 1 16  ? 7.500   13.094  -4.703  1.00 30.75 ? 109 LEU A CG  1 
ATOM   101  C CD1 . LEU A 1 16  ? 8.918   13.317  -5.186  1.00 32.50 ? 109 LEU A CD1 1 
ATOM   102  C CD2 . LEU A 1 16  ? 6.787   11.947  -5.385  1.00 34.01 ? 109 LEU A CD2 1 
ATOM   103  N N   A GLU A 1 17  ? 5.624   13.455  -0.169  0.25 27.74 ? 110 GLU A N   1 
ATOM   104  N N   B GLU A 1 17  ? 5.657   13.361  -0.109  0.25 28.18 ? 110 GLU A N   1 
ATOM   105  C CA  A GLU A 1 17  ? 5.642   13.384  1.304   0.25 29.10 ? 110 GLU A CA  1 
ATOM   106  C CA  B GLU A 1 17  ? 5.854   13.062  1.307   0.25 29.65 ? 110 GLU A CA  1 
ATOM   107  C C   A GLU A 1 17  ? 4.725   12.282  1.806   0.25 28.48 ? 110 GLU A C   1 
ATOM   108  C C   B GLU A 1 17  ? 4.590   12.449  1.965   0.25 28.39 ? 110 GLU A C   1 
ATOM   109  O O   A GLU A 1 17  ? 5.084   11.556  2.753   0.25 24.73 ? 110 GLU A O   1 
ATOM   110  O O   B GLU A 1 17  ? 4.561   12.193  3.186   0.25 22.12 ? 110 GLU A O   1 
ATOM   111  C CB  A GLU A 1 17  ? 5.110   14.685  1.963   0.25 29.60 ? 110 GLU A CB  1 
ATOM   112  C CB  B GLU A 1 17  ? 6.359   14.316  2.017   0.25 31.02 ? 110 GLU A CB  1 
ATOM   113  C CG  A GLU A 1 17  ? 6.057   15.892  1.947   0.25 31.46 ? 110 GLU A CG  1 
ATOM   114  C CG  B GLU A 1 17  ? 7.802   14.675  1.670   0.25 32.88 ? 110 GLU A CG  1 
ATOM   115  C CD  A GLU A 1 17  ? 5.428   17.179  2.493   0.25 34.13 ? 110 GLU A CD  1 
ATOM   116  C CD  B GLU A 1 17  ? 8.343   15.770  2.561   0.25 38.15 ? 110 GLU A CD  1 
ATOM   117  O OE1 A GLU A 1 17  ? 4.528   17.761  1.842   0.25 34.64 ? 110 GLU A OE1 1 
ATOM   118  O OE1 B GLU A 1 17  ? 7.536   16.638  2.962   0.25 38.37 ? 110 GLU A OE1 1 
ATOM   119  O OE2 A GLU A 1 17  ? 5.861   17.637  3.571   0.25 34.91 ? 110 GLU A OE2 1 
ATOM   120  O OE2 B GLU A 1 17  ? 9.554   15.756  2.885   0.25 43.83 ? 110 GLU A OE2 1 
ATOM   121  N N   . ASN A 1 18  ? 3.548   12.199  1.173   1.00 28.20 ? 111 ASN A N   1 
ATOM   122  C CA  . ASN A 1 18  ? 2.391   11.466  1.666   1.00 26.19 ? 111 ASN A CA  1 
ATOM   123  C C   . ASN A 1 18  ? 2.022   10.296  0.740   1.00 27.70 ? 111 ASN A C   1 
ATOM   124  O O   . ASN A 1 18  ? 2.181   10.372  -0.480  1.00 25.88 ? 111 ASN A O   1 
ATOM   125  C CB  . ASN A 1 18  ? 1.205   12.400  1.816   1.00 30.59 ? 111 ASN A CB  1 
ATOM   126  C CG  . ASN A 1 18  ? 1.498   13.561  2.768   1.00 38.45 ? 111 ASN A CG  1 
ATOM   127  O OD1 . ASN A 1 18  ? 1.741   13.336  3.953   1.00 37.95 ? 111 ASN A OD1 1 
ATOM   128  N ND2 . ASN A 1 18  ? 1.569   14.756  2.251   1.00 35.79 ? 111 ASN A ND2 1 
ATOM   129  N N   . VAL A 1 19  ? 1.536   9.239   1.374   1.00 22.85 ? 112 VAL A N   1 
ATOM   130  C CA  . VAL A 1 19  ? 1.042   8.044   0.694   1.00 19.84 ? 112 VAL A CA  1 
ATOM   131  C C   . VAL A 1 19  ? -0.399  7.780   1.081   1.00 20.18 ? 112 VAL A C   1 
ATOM   132  O O   . VAL A 1 19  ? -0.834  8.031   2.198   1.00 21.28 ? 112 VAL A O   1 
ATOM   133  C CB  . VAL A 1 19  ? 1.876   6.761   1.039   1.00 21.47 ? 112 VAL A CB  1 
ATOM   134  C CG1 . VAL A 1 19  ? 3.252   6.753   0.415   1.00 26.20 ? 112 VAL A CG1 1 
ATOM   135  C CG2 . VAL A 1 19  ? 1.907   6.412   2.550   1.00 20.50 ? 112 VAL A CG2 1 
ATOM   136  N N   . LEU A 1 20  ? -1.151  7.138   0.194   1.00 18.72 ? 113 LEU A N   1 
ATOM   137  C CA  . LEU A 1 20  ? -2.532  6.801   0.457   1.00 20.36 ? 113 LEU A CA  1 
ATOM   138  C C   . LEU A 1 20  ? -2.675  5.355   0.975   1.00 21.42 ? 113 LEU A C   1 
ATOM   139  O O   . LEU A 1 20  ? -2.281  4.430   0.341   1.00 21.82 ? 113 LEU A O   1 
ATOM   140  C CB  . LEU A 1 20  ? -3.344  6.994   -0.814  1.00 21.50 ? 113 LEU A CB  1 
ATOM   141  C CG  . LEU A 1 20  ? -4.872  7.029   -0.698  1.00 20.81 ? 113 LEU A CG  1 
ATOM   142  C CD1 . LEU A 1 20  ? -5.263  8.449   -0.176  1.00 22.89 ? 113 LEU A CD1 1 
ATOM   143  C CD2 . LEU A 1 20  ? -5.568  6.741   -1.991  1.00 25.91 ? 113 LEU A CD2 1 
ATOM   144  N N   . LEU A 1 21  ? -3.272  5.217   2.137   1.00 21.36 ? 114 LEU A N   1 
ATOM   145  C CA  . LEU A 1 21  ? -3.553  3.952   2.738   1.00 20.75 ? 114 LEU A CA  1 
ATOM   146  C C   . LEU A 1 21  ? -5.089  3.822   2.884   1.00 21.08 ? 114 LEU A C   1 
ATOM   147  O O   . LEU A 1 21  ? -5.824  4.794   2.907   1.00 21.87 ? 114 LEU A O   1 
ATOM   148  C CB  . LEU A 1 21  ? -2.873  3.786   4.099   1.00 20.78 ? 114 LEU A CB  1 
ATOM   149  C CG  . LEU A 1 21  ? -1.384  3.977   4.147   1.00 20.67 ? 114 LEU A CG  1 
ATOM   150  C CD1 . LEU A 1 21  ? -0.842  3.647   5.550   1.00 22.37 ? 114 LEU A CD1 1 
ATOM   151  C CD2 . LEU A 1 21  ? -0.721  3.007   3.169   1.00 25.06 ? 114 LEU A CD2 1 
ATOM   152  N N   . VAL A 1 22  ? -5.520  2.573   2.920   1.00 19.54 ? 115 VAL A N   1 
ATOM   153  C CA  . VAL A 1 22  ? -6.888  2.223   3.147   1.00 19.56 ? 115 VAL A CA  1 
ATOM   154  C C   . VAL A 1 22  ? -6.986  1.304   4.390   1.00 21.62 ? 115 VAL A C   1 
ATOM   155  O O   . VAL A 1 22  ? -6.052  0.582   4.725   1.00 22.32 ? 115 VAL A O   1 
ATOM   156  C CB  . VAL A 1 22  ? -7.533  1.584   1.935   1.00 20.82 ? 115 VAL A CB  1 
ATOM   157  C CG1 . VAL A 1 22  ? -7.412  2.430   0.697   1.00 22.53 ? 115 VAL A CG1 1 
ATOM   158  C CG2 . VAL A 1 22  ? -6.974  0.188   1.642   1.00 24.12 ? 115 VAL A CG2 1 
ATOM   159  N N   . GLN A 1 23  ? -8.163  1.323   5.033   1.00 22.00 ? 116 GLN A N   1 
ATOM   160  C CA  . GLN A 1 23  ? -8.426  0.620   6.244   1.00 20.24 ? 116 GLN A CA  1 
ATOM   161  C C   . GLN A 1 23  ? -9.637  -0.253  5.972   1.00 22.04 ? 116 GLN A C   1 
ATOM   162  O O   . GLN A 1 23  ? -10.644 0.215   5.526   1.00 22.50 ? 116 GLN A O   1 
ATOM   163  C CB  . GLN A 1 23  ? -8.678  1.560   7.421   1.00 20.84 ? 116 GLN A CB  1 
ATOM   164  C CG  . GLN A 1 23  ? -8.962  0.914   8.735   1.00 21.88 ? 116 GLN A CG  1 
ATOM   165  C CD  . GLN A 1 23  ? -9.329  1.960   9.761   1.00 25.27 ? 116 GLN A CD  1 
ATOM   166  O OE1 . GLN A 1 23  ? -10.005 2.919   9.438   1.00 31.72 ? 116 GLN A OE1 1 
ATOM   167  N NE2 . GLN A 1 23  ? -8.940  1.745   10.957  1.00 25.80 ? 116 GLN A NE2 1 
ATOM   168  N N   . GLY A 1 24  ? -9.433  -1.542  6.123   1.00 22.21 ? 117 GLY A N   1 
ATOM   169  C CA  . GLY A 1 24  ? -10.535 -2.512  5.979   1.00 23.60 ? 117 GLY A CA  1 
ATOM   170  C C   . GLY A 1 24  ? -11.254 -2.796  7.280   1.00 24.00 ? 117 GLY A C   1 
ATOM   171  O O   . GLY A 1 24  ? -11.134 -2.075  8.203   1.00 24.87 ? 117 GLY A O   1 
ATOM   172  N N   . TYR A 1 25  ? -11.844 -3.976  7.344   1.00 29.37 ? 118 TYR A N   1 
ATOM   173  C CA  . TYR A 1 25  ? -12.524 -4.510  8.495   1.00 30.40 ? 118 TYR A CA  1 
ATOM   174  C C   . TYR A 1 25  ? -12.004 -5.888  8.878   1.00 32.01 ? 118 TYR A C   1 
ATOM   175  O O   . TYR A 1 25  ? -11.351 -6.566  8.084   1.00 30.08 ? 118 TYR A O   1 
ATOM   176  C CB  . TYR A 1 25  ? -13.967 -4.708  8.114   1.00 27.91 ? 118 TYR A CB  1 
ATOM   177  C CG  . TYR A 1 25  ? -14.721 -3.407  7.851   1.00 25.43 ? 118 TYR A CG  1 
ATOM   178  C CD1 . TYR A 1 25  ? -15.036 -2.512  8.884   1.00 25.61 ? 118 TYR A CD1 1 
ATOM   179  C CD2 . TYR A 1 25  ? -15.086 -3.089  6.601   1.00 24.97 ? 118 TYR A CD2 1 
ATOM   180  C CE1 . TYR A 1 25  ? -15.727 -1.342  8.610   1.00 25.80 ? 118 TYR A CE1 1 
ATOM   181  C CE2 . TYR A 1 25  ? -15.725 -1.906  6.327   1.00 26.38 ? 118 TYR A CE2 1 
ATOM   182  C CZ  . TYR A 1 25  ? -16.057 -1.056  7.305   1.00 27.35 ? 118 TYR A CZ  1 
ATOM   183  O OH  . TYR A 1 25  ? -16.689 0.056   6.993   1.00 31.58 ? 118 TYR A OH  1 
ATOM   184  N N   . LEU A 1 26  ? -12.248 -6.216  10.147  1.00 34.38 ? 119 LEU A N   1 
ATOM   185  C CA  . LEU A 1 26  ? -11.979 -7.507  10.735  1.00 37.30 ? 119 LEU A CA  1 
ATOM   186  C C   . LEU A 1 26  ? -10.500 -7.897  10.599  1.00 34.45 ? 119 LEU A C   1 
ATOM   187  O O   . LEU A 1 26  ? -9.663  -7.281  11.227  1.00 36.98 ? 119 LEU A O   1 
ATOM   188  C CB  . LEU A 1 26  ? -12.910 -8.555  10.118  1.00 39.55 ? 119 LEU A CB  1 
ATOM   189  C CG  . LEU A 1 26  ? -14.403 -8.240  10.353  1.00 43.75 ? 119 LEU A CG  1 
ATOM   190  C CD1 . LEU A 1 26  ? -15.242 -9.239  9.560   1.00 44.87 ? 119 LEU A CD1 1 
ATOM   191  C CD2 . LEU A 1 26  ? -14.700 -8.238  11.859  1.00 44.34 ? 119 LEU A CD2 1 
ATOM   192  N N   . ALA A 1 27  ? -10.201 -8.912  9.813   1.00 35.72 ? 120 ALA A N   1 
ATOM   193  C CA  . ALA A 1 27  ? -8.815  -9.352  9.579   1.00 37.41 ? 120 ALA A CA  1 
ATOM   194  C C   . ALA A 1 27  ? -7.980  -8.287  8.830   1.00 43.22 ? 120 ALA A C   1 
ATOM   195  O O   . ALA A 1 27  ? -6.752  -8.240  9.011   1.00 40.21 ? 120 ALA A O   1 
ATOM   196  C CB  . ALA A 1 27  ? -8.782  -10.689 8.797   1.00 36.74 ? 120 ALA A CB  1 
ATOM   197  N N   . LYS A 1 28  ? -8.651  -7.448  8.020   1.00 37.25 ? 121 LYS A N   1 
ATOM   198  C CA  . LYS A 1 28  ? -8.042  -6.363  7.308   1.00 34.25 ? 121 LYS A CA  1 
ATOM   199  C C   . LYS A 1 28  ? -8.326  -4.997  7.987   1.00 30.98 ? 121 LYS A C   1 
ATOM   200  O O   . LYS A 1 28  ? -8.361  -3.961  7.373   1.00 31.79 ? 121 LYS A O   1 
ATOM   201  C CB  . LYS A 1 28  ? -8.516  -6.339  5.875   1.00 33.78 ? 121 LYS A CB  1 
ATOM   202  C CG  . LYS A 1 28  ? -8.334  -7.646  5.124   1.00 40.77 ? 121 LYS A CG  1 
ATOM   203  C CD  . LYS A 1 28  ? -8.573  -7.380  3.656   1.00 46.66 ? 121 LYS A CD  1 
ATOM   204  C CE  . LYS A 1 28  ? -8.689  -8.655  2.828   1.00 58.01 ? 121 LYS A CE  1 
ATOM   205  N NZ  . LYS A 1 28  ? -8.093  -8.405  1.492   1.00 62.04 ? 121 LYS A NZ  1 
ATOM   206  N N   . SER A 1 29  ? -8.445  -5.029  9.291   1.00 28.96 ? 122 SER A N   1 
ATOM   207  C CA  . SER A 1 29  ? -8.851  -3.908  10.037  1.00 36.54 ? 122 SER A CA  1 
ATOM   208  C C   . SER A 1 29  ? -7.849  -2.750  10.182  1.00 40.04 ? 122 SER A C   1 
ATOM   209  O O   . SER A 1 29  ? -8.213  -1.618  10.607  1.00 49.85 ? 122 SER A O   1 
ATOM   210  C CB  . SER A 1 29  ? -9.170  -4.372  11.460  1.00 36.85 ? 122 SER A CB  1 
ATOM   211  O OG  . SER A 1 29  ? -9.544  -3.211  12.094  1.00 44.85 ? 122 SER A OG  1 
ATOM   212  N N   . GLY A 1 30  ? -6.600  -3.048  9.956   1.00 26.93 ? 123 GLY A N   1 
ATOM   213  C CA  . GLY A 1 30  ? -5.547  -1.971  9.987   1.00 30.92 ? 123 GLY A CA  1 
ATOM   214  C C   . GLY A 1 30  ? -5.433  -1.207  8.672   1.00 25.64 ? 123 GLY A C   1 
ATOM   215  O O   . GLY A 1 30  ? -6.343  -1.255  7.838   1.00 29.92 ? 123 GLY A O   1 
ATOM   216  N N   . TRP A 1 31  ? -4.321  -0.515  8.491   1.00 23.29 ? 124 TRP A N   1 
ATOM   217  C CA  . TRP A 1 31  ? -4.093  0.316   7.346   1.00 21.51 ? 124 TRP A CA  1 
ATOM   218  C C   . TRP A 1 31  ? -3.138  -0.373  6.439   1.00 24.55 ? 124 TRP A C   1 
ATOM   219  O O   . TRP A 1 31  ? -2.112  -0.822  6.905   1.00 26.86 ? 124 TRP A O   1 
ATOM   220  C CB  . TRP A 1 31  ? -3.489  1.666   7.793   1.00 21.93 ? 124 TRP A CB  1 
ATOM   221  C CG  . TRP A 1 31  ? -4.433  2.553   8.477   1.00 23.70 ? 124 TRP A CG  1 
ATOM   222  C CD1 . TRP A 1 31  ? -4.628  2.644   9.822   1.00 25.32 ? 124 TRP A CD1 1 
ATOM   223  C CD2 . TRP A 1 31  ? -5.446  3.343   7.874   1.00 23.10 ? 124 TRP A CD2 1 
ATOM   224  N NE1 . TRP A 1 31  ? -5.654  3.509   10.089  1.00 25.59 ? 124 TRP A NE1 1 
ATOM   225  C CE2 . TRP A 1 31  ? -6.164  3.971   8.907   1.00 26.38 ? 124 TRP A CE2 1 
ATOM   226  C CE3 . TRP A 1 31  ? -5.757  3.675   6.551   1.00 20.98 ? 124 TRP A CE3 1 
ATOM   227  C CZ2 . TRP A 1 31  ? -7.157  4.909   8.656   1.00 25.30 ? 124 TRP A CZ2 1 
ATOM   228  C CZ3 . TRP A 1 31  ? -6.799  4.564   6.304   1.00 22.89 ? 124 TRP A CZ3 1 
ATOM   229  C CH2 . TRP A 1 31  ? -7.503  5.148   7.345   1.00 26.51 ? 124 TRP A CH2 1 
ATOM   230  N N   . GLY A 1 32  ? -3.373  -0.300  5.109   1.00 21.91 ? 125 GLY A N   1 
ATOM   231  C CA  . GLY A 1 32  ? -2.527  -0.935  4.178   1.00 22.60 ? 125 GLY A CA  1 
ATOM   232  C C   . GLY A 1 32  ? -2.713  -0.277  2.834   1.00 18.10 ? 125 GLY A C   1 
ATOM   233  O O   . GLY A 1 32  ? -3.585  0.621   2.675   1.00 21.05 ? 125 GLY A O   1 
ATOM   234  N N   . PHE A 1 33  ? -1.780  -0.574  1.914   1.00 20.61 ? 126 PHE A N   1 
ATOM   235  C CA  . PHE A 1 33  ? -1.882  -0.140  0.552   1.00 19.17 ? 126 PHE A CA  1 
ATOM   236  C C   . PHE A 1 33  ? -3.046  -0.870  -0.120  1.00 20.58 ? 126 PHE A C   1 
ATOM   237  O O   . PHE A 1 33  ? -3.302  -2.016  0.143   1.00 21.60 ? 126 PHE A O   1 
ATOM   238  C CB  . PHE A 1 33  ? -0.565  -0.391  -0.232  1.00 18.50 ? 126 PHE A CB  1 
ATOM   239  C CG  . PHE A 1 33  ? 0.546   0.384   0.282   1.00 22.08 ? 126 PHE A CG  1 
ATOM   240  C CD1 . PHE A 1 33  ? 0.543   1.747   0.127   1.00 19.66 ? 126 PHE A CD1 1 
ATOM   241  C CD2 . PHE A 1 33  ? 1.499   -0.179  1.109   1.00 23.88 ? 126 PHE A CD2 1 
ATOM   242  C CE1 . PHE A 1 33  ? 1.569   2.519   0.594   1.00 23.35 ? 126 PHE A CE1 1 
ATOM   243  C CE2 . PHE A 1 33  ? 2.490   0.592   1.672   1.00 22.92 ? 126 PHE A CE2 1 
ATOM   244  C CZ  . PHE A 1 33  ? 2.545   1.969   1.420   1.00 21.66 ? 126 PHE A CZ  1 
ATOM   245  N N   . PRO A 1 34  ? -3.775  -0.186  -1.022  1.00 20.18 ? 127 PRO A N   1 
ATOM   246  C CA  . PRO A 1 34  ? -4.820  -0.825  -1.810  1.00 22.80 ? 127 PRO A CA  1 
ATOM   247  C C   . PRO A 1 34  ? -4.228  -1.882  -2.744  1.00 23.28 ? 127 PRO A C   1 
ATOM   248  O O   . PRO A 1 34  ? -3.299  -1.575  -3.525  1.00 21.59 ? 127 PRO A O   1 
ATOM   249  C CB  . PRO A 1 34  ? -5.493  0.405   -2.496  1.00 21.92 ? 127 PRO A CB  1 
ATOM   250  C CG  . PRO A 1 34  ? -4.410  1.375   -2.618  1.00 22.38 ? 127 PRO A CG  1 
ATOM   251  C CD  . PRO A 1 34  ? -3.564  1.205   -1.366  1.00 20.10 ? 127 PRO A CD  1 
ATOM   252  N N   . LYS A 1 35  ? -4.782  -3.115  -2.691  1.00 24.23 ? 128 LYS A N   1 
ATOM   253  C CA  . LYS A 1 35  ? -4.260  -4.263  -3.408  1.00 26.83 ? 128 LYS A CA  1 
ATOM   254  C C   . LYS A 1 35  ? -5.284  -5.403  -3.292  1.00 24.95 ? 128 LYS A C   1 
ATOM   255  O O   . LYS A 1 35  ? -6.100  -5.436  -2.364  1.00 27.09 ? 128 LYS A O   1 
ATOM   256  C CB  . LYS A 1 35  ? -2.889  -4.727  -2.894  1.00 28.50 ? 128 LYS A CB  1 
ATOM   257  C CG  . LYS A 1 35  ? -2.855  -5.359  -1.498  1.00 28.19 ? 128 LYS A CG  1 
ATOM   258  C CD  . LYS A 1 35  ? -1.492  -5.807  -1.132  1.00 33.81 ? 128 LYS A CD  1 
ATOM   259  C CE  . LYS A 1 35  ? -1.457  -6.584  0.195   1.00 38.72 ? 128 LYS A CE  1 
ATOM   260  N NZ  . LYS A 1 35  ? -1.803  -8.019  -0.074  1.00 42.90 ? 128 LYS A NZ  1 
ATOM   261  N N   . GLY A 1 36  ? -5.123  -6.397  -4.125  1.00 29.35 ? 129 GLY A N   1 
ATOM   262  C CA  . GLY A 1 36  ? -5.953  -7.550  -4.017  1.00 28.18 ? 129 GLY A CA  1 
ATOM   263  C C   . GLY A 1 36  ? -5.466  -8.676  -4.932  1.00 29.54 ? 129 GLY A C   1 
ATOM   264  O O   . GLY A 1 36  ? -4.533  -8.547  -5.691  1.00 27.90 ? 129 GLY A O   1 
ATOM   265  N N   . LYS A 1 37  ? -6.188  -9.801  -4.869  1.00 32.31 ? 130 LYS A N   1 
ATOM   266  C CA  . LYS A 1 37  ? -5.793  -11.032 -5.543  1.00 32.26 ? 130 LYS A CA  1 
ATOM   267  C C   . LYS A 1 37  ? -6.067  -10.960 -7.058  1.00 29.88 ? 130 LYS A C   1 
ATOM   268  O O   . LYS A 1 37  ? -7.072  -10.443 -7.476  1.00 32.93 ? 130 LYS A O   1 
ATOM   269  C CB  . LYS A 1 37  ? -6.547  -12.240 -4.874  1.00 36.70 ? 130 LYS A CB  1 
ATOM   270  C CG  . LYS A 1 37  ? -5.989  -12.754 -3.546  1.00 40.91 ? 130 LYS A CG  1 
ATOM   271  C CD  . LYS A 1 37  ? -6.687  -14.051 -3.097  1.00 43.88 ? 130 LYS A CD  1 
ATOM   272  N N   . VAL A 1 38  ? -5.118  -11.423 -7.849  1.00 33.53 ? 131 VAL A N   1 
ATOM   273  C CA  . VAL A 1 38  ? -5.231  -11.440 -9.293  1.00 40.49 ? 131 VAL A CA  1 
ATOM   274  C C   . VAL A 1 38  ? -6.295  -12.490 -9.708  1.00 40.34 ? 131 VAL A C   1 
ATOM   275  O O   . VAL A 1 38  ? -6.359  -13.542 -9.084  1.00 39.85 ? 131 VAL A O   1 
ATOM   276  C CB  . VAL A 1 38  ? -3.872  -11.744 -9.964  1.00 41.72 ? 131 VAL A CB  1 
ATOM   277  C CG1 . VAL A 1 38  ? -3.362  -13.175 -9.661  1.00 41.99 ? 131 VAL A CG1 1 
ATOM   278  C CG2 . VAL A 1 38  ? -3.943  -11.480 -11.467 1.00 43.22 ? 131 VAL A CG2 1 
ATOM   279  N N   . ASN A 1 39  ? -7.125  -12.143 -10.703 1.00 40.43 ? 132 ASN A N   1 
ATOM   280  C CA  . ASN A 1 39  ? -8.124  -13.094 -11.291 1.00 46.02 ? 132 ASN A CA  1 
ATOM   281  C C   . ASN A 1 39  ? -7.438  -13.989 -12.373 1.00 47.99 ? 132 ASN A C   1 
ATOM   282  O O   . ASN A 1 39  ? -6.421  -13.616 -12.924 1.00 47.27 ? 132 ASN A O   1 
ATOM   283  C CB  . ASN A 1 39  ? -9.283  -12.340 -11.940 1.00 40.67 ? 132 ASN A CB  1 
ATOM   284  C CG  . ASN A 1 39  ? -10.176 -11.626 -10.957 1.00 40.33 ? 132 ASN A CG  1 
ATOM   285  O OD1 . ASN A 1 39  ? -10.364 -12.049 -9.818  1.00 49.33 ? 132 ASN A OD1 1 
ATOM   286  N ND2 . ASN A 1 39  ? -10.795 -10.558 -11.414 1.00 41.04 ? 132 ASN A ND2 1 
ATOM   287  N N   . LYS A 1 40  ? -8.009  -15.170 -12.666 1.00 55.25 ? 133 LYS A N   1 
ATOM   288  C CA  . LYS A 1 40  ? -7.545  -16.056 -13.796 1.00 54.89 ? 133 LYS A CA  1 
ATOM   289  C C   . LYS A 1 40  ? -7.237  -15.316 -15.113 1.00 51.77 ? 133 LYS A C   1 
ATOM   290  O O   . LYS A 1 40  ? -8.056  -14.538 -15.557 1.00 50.72 ? 133 LYS A O   1 
ATOM   291  C CB  . LYS A 1 40  ? -8.640  -17.100 -14.115 1.00 54.93 ? 133 LYS A CB  1 
ATOM   292  N N   . GLU A 1 41  ? -6.070  -15.544 -15.719 1.00 55.78 ? 134 GLU A N   1 
ATOM   293  C CA  . GLU A 1 41  ? -5.694  -14.885 -17.003 1.00 61.60 ? 134 GLU A CA  1 
ATOM   294  C C   . GLU A 1 41  ? -5.554  -13.323 -16.997 1.00 61.73 ? 134 GLU A C   1 
ATOM   295  O O   . GLU A 1 41  ? -5.235  -12.755 -18.052 1.00 66.17 ? 134 GLU A O   1 
ATOM   296  C CB  . GLU A 1 41  ? -6.660  -15.321 -18.142 1.00 62.70 ? 134 GLU A CB  1 
ATOM   297  N N   . GLU A 1 42  ? -5.727  -12.644 -15.834 1.00 51.56 ? 135 GLU A N   1 
ATOM   298  C CA  . GLU A 1 42  ? -5.717  -11.150 -15.743 1.00 40.96 ? 135 GLU A CA  1 
ATOM   299  C C   . GLU A 1 42  ? -4.276  -10.667 -15.654 1.00 43.63 ? 135 GLU A C   1 
ATOM   300  O O   . GLU A 1 42  ? -3.495  -11.275 -14.963 1.00 36.29 ? 135 GLU A O   1 
ATOM   301  C CB  . GLU A 1 42  ? -6.522  -10.695 -14.517 1.00 40.60 ? 135 GLU A CB  1 
ATOM   302  C CG  . GLU A 1 42  ? -6.457  -9.200  -14.167 1.00 34.81 ? 135 GLU A CG  1 
ATOM   303  C CD  . GLU A 1 42  ? -7.229  -8.847  -12.921 1.00 35.90 ? 135 GLU A CD  1 
ATOM   304  O OE1 . GLU A 1 42  ? -7.067  -9.565  -11.920 1.00 36.11 ? 135 GLU A OE1 1 
ATOM   305  O OE2 . GLU A 1 42  ? -7.958  -7.826  -12.929 1.00 34.41 ? 135 GLU A OE2 1 
ATOM   306  N N   . ALA A 1 43  ? -3.934  -9.562  -16.332 1.00 43.72 ? 136 ALA A N   1 
ATOM   307  C CA  . ALA A 1 43  ? -2.536  -9.085  -16.362 1.00 43.59 ? 136 ALA A CA  1 
ATOM   308  C C   . ALA A 1 43  ? -2.246  -8.328  -15.037 1.00 35.70 ? 136 ALA A C   1 
ATOM   309  O O   . ALA A 1 43  ? -3.153  -7.712  -14.512 1.00 34.20 ? 136 ALA A O   1 
ATOM   310  C CB  . ALA A 1 43  ? -2.320  -8.172  -17.533 1.00 40.92 ? 136 ALA A CB  1 
ATOM   311  N N   . PRO A 1 44  ? -1.008  -8.375  -14.556 1.00 38.03 ? 137 PRO A N   1 
ATOM   312  C CA  . PRO A 1 44  ? -0.734  -7.650  -13.306 1.00 35.97 ? 137 PRO A CA  1 
ATOM   313  C C   . PRO A 1 44  ? -1.225  -6.180  -13.337 1.00 32.51 ? 137 PRO A C   1 
ATOM   314  O O   . PRO A 1 44  ? -1.845  -5.778  -12.387 1.00 31.41 ? 137 PRO A O   1 
ATOM   315  C CB  . PRO A 1 44  ? 0.791   -7.756  -13.177 1.00 42.31 ? 137 PRO A CB  1 
ATOM   316  C CG  . PRO A 1 44  ? 1.130   -9.082  -13.883 1.00 40.76 ? 137 PRO A CG  1 
ATOM   317  C CD  . PRO A 1 44  ? 0.195   -9.062  -15.069 1.00 42.76 ? 137 PRO A CD  1 
ATOM   318  N N   . HIS A 1 45  ? -0.940  -5.408  -14.370 1.00 32.81 ? 138 HIS A N   1 
ATOM   319  C CA  . HIS A 1 45  ? -1.365  -3.978  -14.376 1.00 36.05 ? 138 HIS A CA  1 
ATOM   320  C C   . HIS A 1 45  ? -2.868  -3.799  -14.315 1.00 31.48 ? 138 HIS A C   1 
ATOM   321  O O   . HIS A 1 45  ? -3.414  -2.838  -13.694 1.00 29.91 ? 138 HIS A O   1 
ATOM   322  C CB  . HIS A 1 45  ? -0.719  -3.226  -15.526 1.00 40.40 ? 138 HIS A CB  1 
ATOM   323  C CG  . HIS A 1 45  ? -1.302  -3.545  -16.859 1.00 50.68 ? 138 HIS A CG  1 
ATOM   324  N ND1 . HIS A 1 45  ? -0.804  -4.556  -17.662 1.00 58.64 ? 138 HIS A ND1 1 
ATOM   325  C CD2 . HIS A 1 45  ? -2.336  -2.987  -17.542 1.00 51.36 ? 138 HIS A CD2 1 
ATOM   326  C CE1 . HIS A 1 45  ? -1.496  -4.591  -18.792 1.00 52.40 ? 138 HIS A CE1 1 
ATOM   327  N NE2 . HIS A 1 45  ? -2.424  -3.648  -18.748 1.00 55.08 ? 138 HIS A NE2 1 
ATOM   328  N N   . ASP A 1 46  ? -3.599  -4.746  -14.917 1.00 30.61 ? 139 ASP A N   1 
ATOM   329  C CA  . ASP A 1 46  ? -5.025  -4.674  -14.852 1.00 29.75 ? 139 ASP A CA  1 
ATOM   330  C C   . ASP A 1 46  ? -5.583  -4.998  -13.476 1.00 28.71 ? 139 ASP A C   1 
ATOM   331  O O   . ASP A 1 46  ? -6.568  -4.399  -13.082 1.00 28.20 ? 139 ASP A O   1 
ATOM   332  C CB  . ASP A 1 46  ? -5.692  -5.580  -15.917 1.00 33.77 ? 139 ASP A CB  1 
ATOM   333  C CG  . ASP A 1 46  ? -5.478  -5.067  -17.338 1.00 39.20 ? 139 ASP A CG  1 
ATOM   334  O OD1 . ASP A 1 46  ? -5.530  -3.828  -17.576 1.00 39.36 ? 139 ASP A OD1 1 
ATOM   335  O OD2 . ASP A 1 46  ? -5.306  -5.923  -18.228 1.00 44.37 ? 139 ASP A OD2 1 
ATOM   336  N N   . CYS A 1 47  ? -5.030  -6.001  -12.808 1.00 30.52 ? 140 CYS A N   1 
ATOM   337  C CA  . CYS A 1 47  ? -5.436  -6.340  -11.475 1.00 28.62 ? 140 CYS A CA  1 
ATOM   338  C C   . CYS A 1 47  ? -5.176  -5.131  -10.549 1.00 24.27 ? 140 CYS A C   1 
ATOM   339  O O   . CYS A 1 47  ? -6.026  -4.732  -9.788  1.00 25.03 ? 140 CYS A O   1 
ATOM   340  C CB  . CYS A 1 47  ? -4.602  -7.504  -11.010 1.00 30.26 ? 140 CYS A CB  1 
ATOM   341  S SG  . CYS A 1 47  ? -4.860  -7.948  -9.281  1.00 31.13 ? 140 CYS A SG  1 
ATOM   342  N N   . ALA A 1 48  ? -3.996  -4.556  -10.672 1.00 27.00 ? 141 ALA A N   1 
ATOM   343  C CA  . ALA A 1 48  ? -3.692  -3.379  -9.799  1.00 23.12 ? 141 ALA A CA  1 
ATOM   344  C C   . ALA A 1 48  ? -4.674  -2.257  -9.950  1.00 24.45 ? 141 ALA A C   1 
ATOM   345  O O   . ALA A 1 48  ? -5.180  -1.678  -8.996  1.00 24.10 ? 141 ALA A O   1 
ATOM   346  C CB  . ALA A 1 48  ? -2.305  -2.919  -10.088 1.00 24.40 ? 141 ALA A CB  1 
ATOM   347  N N   . ALA A 1 49  ? -4.931  -1.877  -11.210 1.00 25.38 ? 142 ALA A N   1 
ATOM   348  C CA  . ALA A 1 49  ? -5.932  -0.859  -11.450 1.00 23.06 ? 142 ALA A CA  1 
ATOM   349  C C   . ALA A 1 49  ? -7.349  -1.241  -10.936 1.00 22.51 ? 142 ALA A C   1 
ATOM   350  O O   . ALA A 1 49  ? -8.063  -0.412  -10.405 1.00 24.61 ? 142 ALA A O   1 
ATOM   351  C CB  . ALA A 1 49  ? -5.970  -0.563  -12.952 1.00 23.51 ? 142 ALA A CB  1 
ATOM   352  N N   . ARG A 1 50  ? -7.742  -2.494  -11.156 1.00 23.60 ? 143 ARG A N   1 
ATOM   353  C CA  . ARG A 1 50  ? -9.009  -2.977  -10.730 1.00 23.90 ? 143 ARG A CA  1 
ATOM   354  C C   . ARG A 1 50  ? -9.158  -2.868  -9.224  1.00 26.84 ? 143 ARG A C   1 
ATOM   355  O O   . ARG A 1 50  ? -10.170 -2.394  -8.718  1.00 25.25 ? 143 ARG A O   1 
ATOM   356  C CB  . ARG A 1 50  ? -9.228  -4.460  -11.142 1.00 27.96 ? 143 ARG A CB  1 
ATOM   357  C CG  . ARG A 1 50  ? -10.602 -4.993  -10.774 1.00 31.29 ? 143 ARG A CG  1 
ATOM   358  C CD  . ARG A 1 50  ? -10.792 -6.418  -11.314 1.00 29.57 ? 143 ARG A CD  1 
ATOM   359  N NE  . ARG A 1 50  ? -9.699  -7.351  -10.972 1.00 32.58 ? 143 ARG A NE  1 
ATOM   360  C CZ  . ARG A 1 50  ? -9.502  -7.987  -9.788  1.00 32.28 ? 143 ARG A CZ  1 
ATOM   361  N NH1 . ARG A 1 50  ? -10.338 -7.876  -8.764  1.00 35.61 ? 143 ARG A NH1 1 
ATOM   362  N NH2 . ARG A 1 50  ? -8.472  -8.779  -9.663  1.00 35.83 ? 143 ARG A NH2 1 
ATOM   363  N N   . GLU A 1 51  ? -8.157  -3.384  -8.510  1.00 28.04 ? 144 GLU A N   1 
ATOM   364  C CA  . GLU A 1 51  ? -8.219  -3.419  -7.047  1.00 25.65 ? 144 GLU A CA  1 
ATOM   365  C C   . GLU A 1 51  ? -8.200  -2.008  -6.487  1.00 24.86 ? 144 GLU A C   1 
ATOM   366  O O   . GLU A 1 51  ? -8.906  -1.682  -5.530  1.00 26.82 ? 144 GLU A O   1 
ATOM   367  C CB  . GLU A 1 51  ? -7.102  -4.204  -6.491  1.00 30.82 ? 144 GLU A CB  1 
ATOM   368  C CG  . GLU A 1 51  ? -7.179  -5.661  -6.863  1.00 31.31 ? 144 GLU A CG  1 
ATOM   369  C CD  . GLU A 1 51  ? -8.234  -6.415  -6.087  1.00 38.06 ? 144 GLU A CD  1 
ATOM   370  O OE1 . GLU A 1 51  ? -8.851  -5.851  -5.154  1.00 37.08 ? 144 GLU A OE1 1 
ATOM   371  O OE2 . GLU A 1 51  ? -8.430  -7.608  -6.398  1.00 43.26 ? 144 GLU A OE2 1 
ATOM   372  N N   . VAL A 1 52  ? -7.355  -1.175  -7.067  1.00 23.54 ? 145 VAL A N   1 
ATOM   373  C CA  . VAL A 1 52  ? -7.242  0.206   -6.601  1.00 21.12 ? 145 VAL A CA  1 
ATOM   374  C C   . VAL A 1 52  ? -8.549  0.963   -6.849  1.00 23.04 ? 145 VAL A C   1 
ATOM   375  O O   . VAL A 1 52  ? -9.020  1.776   -5.991  1.00 23.06 ? 145 VAL A O   1 
ATOM   376  C CB  . VAL A 1 52  ? -5.965  0.860   -7.120  1.00 22.21 ? 145 VAL A CB  1 
ATOM   377  C CG1 . VAL A 1 52  ? -5.928  2.308   -6.715  1.00 24.58 ? 145 VAL A CG1 1 
ATOM   378  C CG2 . VAL A 1 52  ? -4.729  0.178   -6.626  1.00 24.95 ? 145 VAL A CG2 1 
ATOM   379  N N   . PHE A 1 53  ? -9.147  0.739   -8.042  1.00 22.79 ? 146 PHE A N   1 
ATOM   380  C CA  . PHE A 1 53  ? -10.396 1.403   -8.302  1.00 23.39 ? 146 PHE A CA  1 
ATOM   381  C C   . PHE A 1 53  ? -11.515 0.876   -7.374  1.00 24.37 ? 146 PHE A C   1 
ATOM   382  O O   . PHE A 1 53  ? -12.251 1.636   -6.857  1.00 27.47 ? 146 PHE A O   1 
ATOM   383  C CB  . PHE A 1 53  ? -10.800 1.254   -9.766  1.00 24.49 ? 146 PHE A CB  1 
ATOM   384  C CG  . PHE A 1 53  ? -11.945 2.096   -10.125 1.00 30.21 ? 146 PHE A CG  1 
ATOM   385  C CD1 . PHE A 1 53  ? -11.778 3.432   -10.354 1.00 30.11 ? 146 PHE A CD1 1 
ATOM   386  C CD2 . PHE A 1 53  ? -13.221 1.558   -10.223 1.00 36.86 ? 146 PHE A CD2 1 
ATOM   387  C CE1 . PHE A 1 53  ? -12.821 4.267   -10.650 1.00 37.30 ? 146 PHE A CE1 1 
ATOM   388  C CE2 . PHE A 1 53  ? -14.277 2.403   -10.541 1.00 35.17 ? 146 PHE A CE2 1 
ATOM   389  C CZ  . PHE A 1 53  ? -14.073 3.749   -10.745 1.00 36.85 ? 146 PHE A CZ  1 
ATOM   390  N N   . GLU A 1 54  ? -11.534 -0.420  -7.123  1.00 25.10 ? 147 GLU A N   1 
ATOM   391  C CA  . GLU A 1 54  ? -12.587 -0.962  -6.177  1.00 29.02 ? 147 GLU A CA  1 
ATOM   392  C C   . GLU A 1 54  ? -12.443 -0.424  -4.787  1.00 27.47 ? 147 GLU A C   1 
ATOM   393  O O   . GLU A 1 54  ? -13.409 -0.249  -4.093  1.00 30.02 ? 147 GLU A O   1 
ATOM   394  C CB  . GLU A 1 54  ? -12.453 -2.479  -6.029  1.00 34.11 ? 147 GLU A CB  1 
ATOM   395  C CG  . GLU A 1 54  ? -12.913 -3.330  -7.200  1.00 44.01 ? 147 GLU A CG  1 
ATOM   396  C CD  . GLU A 1 54  ? -12.604 -4.853  -7.059  1.00 52.59 ? 147 GLU A CD  1 
ATOM   397  O OE1 . GLU A 1 54  ? -12.086 -5.316  -5.983  1.00 55.92 ? 147 GLU A OE1 1 
ATOM   398  O OE2 . GLU A 1 54  ? -12.894 -5.615  -8.051  1.00 51.19 ? 147 GLU A OE2 1 
ATOM   399  N N   . GLU A 1 55  ? -11.193 -0.244  -4.336  1.00 25.13 ? 148 GLU A N   1 
ATOM   400  C CA  . GLU A 1 55  ? -10.935 0.225   -2.950  1.00 26.13 ? 148 GLU A CA  1 
ATOM   401  C C   . GLU A 1 55  ? -10.903 1.732   -2.722  1.00 25.91 ? 148 GLU A C   1 
ATOM   402  O O   . GLU A 1 55  ? -11.024 2.154   -1.611  1.00 28.20 ? 148 GLU A O   1 
ATOM   403  C CB  . GLU A 1 55  ? -9.663  -0.493  -2.435  1.00 26.17 ? 148 GLU A CB  1 
ATOM   404  C CG  . GLU A 1 55  ? -9.823  -2.000  -2.376  1.00 31.43 ? 148 GLU A CG  1 
ATOM   405  C CD  . GLU A 1 55  ? -8.542  -2.749  -2.095  1.00 37.70 ? 148 GLU A CD  1 
ATOM   406  O OE1 . GLU A 1 55  ? -7.629  -2.188  -1.465  1.00 32.79 ? 148 GLU A OE1 1 
ATOM   407  O OE2 . GLU A 1 55  ? -8.434  -3.896  -2.573  1.00 42.95 ? 148 GLU A OE2 1 
ATOM   408  N N   . THR A 1 56  ? -10.646 2.522   -3.760  1.00 24.13 ? 149 THR A N   1 
ATOM   409  C CA  . THR A 1 56  ? -10.441 3.993   -3.624  1.00 25.26 ? 149 THR A CA  1 
ATOM   410  C C   . THR A 1 56  ? -11.289 4.834   -4.526  1.00 25.80 ? 149 THR A C   1 
ATOM   411  O O   . THR A 1 56  ? -11.329 6.047   -4.363  1.00 26.70 ? 149 THR A O   1 
ATOM   412  C CB  . THR A 1 56  ? -8.972  4.409   -3.934  1.00 25.76 ? 149 THR A CB  1 
ATOM   413  O OG1 . THR A 1 56  ? -8.600  4.168   -5.276  1.00 23.66 ? 149 THR A OG1 1 
ATOM   414  C CG2 . THR A 1 56  ? -8.033  3.527   -3.133  1.00 24.01 ? 149 THR A CG2 1 
ATOM   415  N N   . GLY A 1 57  ? -11.815 4.246   -5.567  1.00 29.09 ? 150 GLY A N   1 
ATOM   416  C CA  . GLY A 1 57  ? -12.563 5.021   -6.543  1.00 30.24 ? 150 GLY A CA  1 
ATOM   417  C C   . GLY A 1 57  ? -11.659 5.770   -7.542  1.00 32.39 ? 150 GLY A C   1 
ATOM   418  O O   . GLY A 1 57  ? -12.148 6.568   -8.312  1.00 33.22 ? 150 GLY A O   1 
ATOM   419  N N   . PHE A 1 58  ? -10.358 5.550   -7.501  1.00 27.05 ? 151 PHE A N   1 
ATOM   420  C CA  . PHE A 1 58  ? -9.414  6.363   -8.296  1.00 25.50 ? 151 PHE A CA  1 
ATOM   421  C C   . PHE A 1 58  ? -8.827  5.446   -9.314  1.00 26.59 ? 151 PHE A C   1 
ATOM   422  O O   . PHE A 1 58  ? -8.410  4.313   -9.027  1.00 25.93 ? 151 PHE A O   1 
ATOM   423  C CB  . PHE A 1 58  ? -8.376  7.035   -7.430  1.00 28.44 ? 151 PHE A CB  1 
ATOM   424  C CG  . PHE A 1 58  ? -7.425  7.879   -8.224  1.00 26.18 ? 151 PHE A CG  1 
ATOM   425  C CD1 . PHE A 1 58  ? -7.791  9.172   -8.596  1.00 27.83 ? 151 PHE A CD1 1 
ATOM   426  C CD2 . PHE A 1 58  ? -6.180  7.369   -8.608  1.00 28.69 ? 151 PHE A CD2 1 
ATOM   427  C CE1 . PHE A 1 58  ? -6.933  9.959   -9.336  1.00 31.30 ? 151 PHE A CE1 1 
ATOM   428  C CE2 . PHE A 1 58  ? -5.300  8.182   -9.339  1.00 29.21 ? 151 PHE A CE2 1 
ATOM   429  C CZ  . PHE A 1 58  ? -5.717  9.458   -9.695  1.00 30.58 ? 151 PHE A CZ  1 
ATOM   430  N N   . ASP A 1 59  ? -8.775  5.895   -10.579 1.00 27.25 ? 152 ASP A N   1 
ATOM   431  C CA  . ASP A 1 59  ? -8.343  5.021   -11.669 1.00 30.82 ? 152 ASP A CA  1 
ATOM   432  C C   . ASP A 1 59  ? -6.934  5.342   -12.036 1.00 30.93 ? 152 ASP A C   1 
ATOM   433  O O   . ASP A 1 59  ? -6.598  6.455   -12.531 1.00 29.75 ? 152 ASP A O   1 
ATOM   434  C CB  . ASP A 1 59  ? -9.265  5.253   -12.868 1.00 33.46 ? 152 ASP A CB  1 
ATOM   435  C CG  . ASP A 1 59  ? -8.948  4.393   -14.068 1.00 36.53 ? 152 ASP A CG  1 
ATOM   436  O OD1 . ASP A 1 59  ? -8.054  3.513   -14.119 1.00 30.63 ? 152 ASP A OD1 1 
ATOM   437  O OD2 . ASP A 1 59  ? -9.652  4.645   -15.084 1.00 41.35 ? 152 ASP A OD2 1 
ATOM   438  N N   . ILE A 1 60  ? -6.067  4.384   -11.796 1.00 26.09 ? 153 ILE A N   1 
ATOM   439  C CA  . ILE A 1 60  ? -4.614  4.584   -12.032 1.00 25.17 ? 153 ILE A CA  1 
ATOM   440  C C   . ILE A 1 60  ? -4.166  4.117   -13.441 1.00 28.85 ? 153 ILE A C   1 
ATOM   441  O O   . ILE A 1 60  ? -3.017  4.139   -13.762 1.00 28.07 ? 153 ILE A O   1 
ATOM   442  C CB  . ILE A 1 60  ? -3.765  3.852   -10.975 1.00 23.64 ? 153 ILE A CB  1 
ATOM   443  C CG1 . ILE A 1 60  ? -3.897  2.348   -11.075 1.00 27.66 ? 153 ILE A CG1 1 
ATOM   444  C CG2 . ILE A 1 60  ? -4.068  4.359   -9.611  1.00 24.56 ? 153 ILE A CG2 1 
ATOM   445  C CD1 . ILE A 1 60  ? -2.881  1.667   -10.191 1.00 27.88 ? 153 ILE A CD1 1 
ATOM   446  N N   . LYS A 1 61  ? -5.060  3.600   -14.261 1.00 27.43 ? 154 LYS A N   1 
ATOM   447  C CA  . LYS A 1 61  ? -4.653  2.933   -15.470 1.00 31.39 ? 154 LYS A CA  1 
ATOM   448  C C   . LYS A 1 61  ? -3.757  3.864   -16.349 1.00 27.20 ? 154 LYS A C   1 
ATOM   449  O O   . LYS A 1 61  ? -2.765  3.401   -16.854 1.00 30.90 ? 154 LYS A O   1 
ATOM   450  C CB  . LYS A 1 61  ? -5.879  2.443   -16.236 1.00 36.58 ? 154 LYS A CB  1 
ATOM   451  C CG  . LYS A 1 61  ? -5.577  1.787   -17.573 1.00 51.24 ? 154 LYS A CG  1 
ATOM   452  C CD  . LYS A 1 61  ? -6.842  1.340   -18.385 1.00 55.66 ? 154 LYS A CD  1 
ATOM   453  C CE  . LYS A 1 61  ? -8.082  2.244   -18.248 1.00 64.34 ? 154 LYS A CE  1 
ATOM   454  N NZ  . LYS A 1 61  ? -7.962  3.616   -18.830 1.00 73.57 ? 154 LYS A NZ  1 
ATOM   455  N N   . ASP A 1 62  ? -4.128  5.128   -16.459 1.00 32.57 ? 155 ASP A N   1 
ATOM   456  C CA  . ASP A 1 62  ? -3.362  6.093   -17.349 1.00 32.77 ? 155 ASP A CA  1 
ATOM   457  C C   . ASP A 1 62  ? -2.001  6.465   -16.728 1.00 35.58 ? 155 ASP A C   1 
ATOM   458  O O   . ASP A 1 62  ? -1.126  7.099   -17.411 1.00 33.21 ? 155 ASP A O   1 
ATOM   459  C CB  . ASP A 1 62  ? -4.172  7.381   -17.489 1.00 39.72 ? 155 ASP A CB  1 
ATOM   460  C CG  . ASP A 1 62  ? -5.437  7.250   -18.402 1.00 47.98 ? 155 ASP A CG  1 
ATOM   461  O OD1 . ASP A 1 62  ? -5.616  6.261   -19.151 1.00 47.95 ? 155 ASP A OD1 1 
ATOM   462  O OD2 . ASP A 1 62  ? -6.246  8.202   -18.364 1.00 48.57 ? 155 ASP A OD2 1 
ATOM   463  N N   . TYR A 1 63  ? -1.788  6.091   -15.438 1.00 31.05 ? 156 TYR A N   1 
ATOM   464  C CA  . TYR A 1 63  ? -0.560  6.476   -14.692 1.00 31.09 ? 156 TYR A CA  1 
ATOM   465  C C   . TYR A 1 63  ? 0.441   5.421   -14.404 1.00 31.65 ? 156 TYR A C   1 
ATOM   466  O O   . TYR A 1 63  ? 1.597   5.694   -14.096 1.00 33.34 ? 156 TYR A O   1 
ATOM   467  C CB  . TYR A 1 63  ? -0.954  7.098   -13.374 1.00 33.01 ? 156 TYR A CB  1 
ATOM   468  C CG  . TYR A 1 63  ? -1.880  8.154   -13.583 1.00 29.57 ? 156 TYR A CG  1 
ATOM   469  C CD1 . TYR A 1 63  ? -1.591  9.116   -14.559 1.00 39.12 ? 156 TYR A CD1 1 
ATOM   470  C CD2 . TYR A 1 63  ? -3.118  8.155   -13.032 1.00 31.09 ? 156 TYR A CD2 1 
ATOM   471  C CE1 . TYR A 1 63  ? -2.481  10.081  -14.852 1.00 33.18 ? 156 TYR A CE1 1 
ATOM   472  C CE2 . TYR A 1 63  ? -4.045  9.146   -13.308 1.00 34.53 ? 156 TYR A CE2 1 
ATOM   473  C CZ  . TYR A 1 63  ? -3.680  10.113  -14.224 1.00 40.82 ? 156 TYR A CZ  1 
ATOM   474  O OH  . TYR A 1 63  ? -4.508  11.103  -14.571 1.00 41.72 ? 156 TYR A OH  1 
ATOM   475  N N   . ILE A 1 64  ? 0.019   4.176   -14.477 1.00 28.26 ? 157 ILE A N   1 
ATOM   476  C CA  . ILE A 1 64  ? 0.941   3.105   -14.233 1.00 29.41 ? 157 ILE A CA  1 
ATOM   477  C C   . ILE A 1 64  ? 2.115   3.109   -15.147 1.00 34.83 ? 157 ILE A C   1 
ATOM   478  O O   . ILE A 1 64  ? 1.948   3.246   -16.395 1.00 37.41 ? 157 ILE A O   1 
ATOM   479  C CB  . ILE A 1 64  ? 0.242   1.712   -14.367 1.00 32.41 ? 157 ILE A CB  1 
ATOM   480  C CG1 . ILE A 1 64  ? -0.629  1.440   -13.170 1.00 35.93 ? 157 ILE A CG1 1 
ATOM   481  C CG2 . ILE A 1 64  ? 1.255   0.577   -14.381 1.00 31.04 ? 157 ILE A CG2 1 
ATOM   482  C CD1 . ILE A 1 64  ? -1.418  0.117   -13.240 1.00 37.46 ? 157 ILE A CD1 1 
ATOM   483  N N   A CYS A 1 65  ? 3.301   2.991   -14.564 0.25 29.12 ? 158 CYS A N   1 
ATOM   484  N N   B CYS A 1 65  ? 3.300   2.927   -14.574 0.25 34.42 ? 158 CYS A N   1 
ATOM   485  C CA  A CYS A 1 65  ? 4.501   2.737   -15.316 0.25 28.80 ? 158 CYS A CA  1 
ATOM   486  C CA  B CYS A 1 65  ? 4.532   2.821   -15.328 0.25 37.41 ? 158 CYS A CA  1 
ATOM   487  C C   A CYS A 1 65  ? 4.891   1.323   -15.044 0.25 31.86 ? 158 CYS A C   1 
ATOM   488  C C   B CYS A 1 65  ? 5.089   1.420   -15.080 0.25 37.77 ? 158 CYS A C   1 
ATOM   489  O O   A CYS A 1 65  ? 4.988   0.895   -13.889 0.25 30.20 ? 158 CYS A O   1 
ATOM   490  O O   B CYS A 1 65  ? 5.532   1.108   -13.966 0.25 38.49 ? 158 CYS A O   1 
ATOM   491  C CB  A CYS A 1 65  ? 5.601   3.671   -14.910 0.25 27.70 ? 158 CYS A CB  1 
ATOM   492  C CB  B CYS A 1 65  ? 5.491   3.930   -14.891 0.25 40.94 ? 158 CYS A CB  1 
ATOM   493  S SG  A CYS A 1 65  ? 5.189   5.356   -15.311 0.25 22.57 ? 158 CYS A SG  1 
ATOM   494  S SG  B CYS A 1 65  ? 7.126   3.912   -15.663 0.25 49.29 ? 158 CYS A SG  1 
ATOM   495  N N   . LYS A 1 66  ? 5.071   0.584   -16.125 1.00 36.08 ? 159 LYS A N   1 
ATOM   496  C CA  . LYS A 1 66  ? 5.462   -0.840  -16.055 1.00 39.16 ? 159 LYS A CA  1 
ATOM   497  C C   . LYS A 1 66  ? 6.609   -1.250  -15.198 1.00 40.08 ? 159 LYS A C   1 
ATOM   498  O O   . LYS A 1 66  ? 6.564   -2.347  -14.570 1.00 42.00 ? 159 LYS A O   1 
ATOM   499  C CB  . LYS A 1 66  ? 5.750   -1.334  -17.500 1.00 39.00 ? 159 LYS A CB  1 
ATOM   500  C CG  . LYS A 1 66  ? 7.046   -0.802  -18.115 1.00 43.87 ? 159 LYS A CG  1 
ATOM   501  N N   . ASP A 1 67  ? 7.676   -0.450  -15.171 1.00 39.40 ? 160 ASP A N   1 
ATOM   502  C CA  . ASP A 1 67  ? 8.864   -0.846  -14.403 1.00 41.17 ? 160 ASP A CA  1 
ATOM   503  C C   . ASP A 1 67  ? 8.913   -0.233  -13.032 1.00 35.95 ? 160 ASP A C   1 
ATOM   504  O O   . ASP A 1 67  ? 9.922   -0.405  -12.339 1.00 41.15 ? 160 ASP A O   1 
ATOM   505  C CB  . ASP A 1 67  ? 10.131  -0.413  -15.150 1.00 51.91 ? 160 ASP A CB  1 
ATOM   506  C CG  . ASP A 1 67  ? 10.188  -1.012  -16.532 1.00 63.45 ? 160 ASP A CG  1 
ATOM   507  O OD1 . ASP A 1 67  ? 10.211  -2.262  -16.580 1.00 61.57 ? 160 ASP A OD1 1 
ATOM   508  O OD2 . ASP A 1 67  ? 10.122  -0.253  -17.534 1.00 66.78 ? 160 ASP A OD2 1 
ATOM   509  N N   . ASP A 1 68  ? 7.881   0.529   -12.652 1.00 34.39 ? 161 ASP A N   1 
ATOM   510  C CA  . ASP A 1 68  ? 7.934   1.303   -11.391 1.00 30.00 ? 161 ASP A CA  1 
ATOM   511  C C   . ASP A 1 68  ? 7.014   0.653   -10.351 1.00 25.95 ? 161 ASP A C   1 
ATOM   512  O O   . ASP A 1 68  ? 5.839   0.985   -10.245 1.00 24.52 ? 161 ASP A O   1 
ATOM   513  C CB  . ASP A 1 68  ? 7.483   2.746   -11.555 1.00 28.28 ? 161 ASP A CB  1 
ATOM   514  C CG  . ASP A 1 68  ? 8.398   3.601   -12.428 1.00 35.89 ? 161 ASP A CG  1 
ATOM   515  O OD1 . ASP A 1 68  ? 9.437   3.139   -12.826 1.00 32.39 ? 161 ASP A OD1 1 
ATOM   516  O OD2 . ASP A 1 68  ? 8.062   4.783   -12.660 1.00 30.49 ? 161 ASP A OD2 1 
ATOM   517  N N   . TYR A 1 69  ? 7.579   -0.264  -9.598  1.00 27.16 ? 162 TYR A N   1 
ATOM   518  C CA  . TYR A 1 69  ? 6.832   -0.999  -8.565  1.00 26.31 ? 162 TYR A CA  1 
ATOM   519  C C   . TYR A 1 69  ? 7.789   -1.515  -7.517  1.00 30.81 ? 162 TYR A C   1 
ATOM   520  O O   . TYR A 1 69  ? 8.990   -1.449  -7.671  1.00 31.75 ? 162 TYR A O   1 
ATOM   521  C CB  . TYR A 1 69  ? 5.998   -2.133  -9.183  1.00 28.38 ? 162 TYR A CB  1 
ATOM   522  C CG  . TYR A 1 69  ? 6.859   -3.158  -9.925  1.00 30.84 ? 162 TYR A CG  1 
ATOM   523  C CD1 . TYR A 1 69  ? 7.571   -4.149  -9.236  1.00 37.02 ? 162 TYR A CD1 1 
ATOM   524  C CD2 . TYR A 1 69  ? 6.968   -3.107  -11.329 1.00 38.19 ? 162 TYR A CD2 1 
ATOM   525  C CE1 . TYR A 1 69  ? 8.347   -5.080  -9.898  1.00 39.96 ? 162 TYR A CE1 1 
ATOM   526  C CE2 . TYR A 1 69  ? 7.734   -4.054  -12.008 1.00 37.06 ? 162 TYR A CE2 1 
ATOM   527  C CZ  . TYR A 1 69  ? 8.433   -5.004  -11.299 1.00 45.05 ? 162 TYR A CZ  1 
ATOM   528  O OH  . TYR A 1 69  ? 9.204   -5.910  -11.972 1.00 53.58 ? 162 TYR A OH  1 
ATOM   529  N N   . ILE A 1 70  ? 7.238   -1.891  -6.381  1.00 27.03 ? 163 ILE A N   1 
ATOM   530  C CA  . ILE A 1 70  ? 7.905   -2.650  -5.333  1.00 29.69 ? 163 ILE A CA  1 
ATOM   531  C C   . ILE A 1 70  ? 7.206   -3.963  -5.164  1.00 29.64 ? 163 ILE A C   1 
ATOM   532  O O   . ILE A 1 70  ? 5.986   -4.015  -5.012  1.00 25.55 ? 163 ILE A O   1 
ATOM   533  C CB  . ILE A 1 70  ? 7.918   -1.830  -4.046  1.00 33.29 ? 163 ILE A CB  1 
ATOM   534  C CG1 . ILE A 1 70  ? 8.878   -0.664  -4.258  1.00 37.24 ? 163 ILE A CG1 1 
ATOM   535  C CG2 . ILE A 1 70  ? 8.388   -2.666  -2.848  1.00 35.96 ? 163 ILE A CG2 1 
ATOM   536  C CD1 . ILE A 1 70  ? 8.650   0.379   -3.211  1.00 41.21 ? 163 ILE A CD1 1 
ATOM   537  N N   . GLU A 1 71  ? 8.008   -5.049  -5.168  1.00 30.88 ? 164 GLU A N   1 
ATOM   538  C CA  . GLU A 1 71  ? 7.478   -6.389  -5.041  1.00 31.64 ? 164 GLU A CA  1 
ATOM   539  C C   . GLU A 1 71  ? 8.100   -7.070  -3.851  1.00 33.98 ? 164 GLU A C   1 
ATOM   540  O O   . GLU A 1 71  ? 9.296   -6.934  -3.639  1.00 37.23 ? 164 GLU A O   1 
ATOM   541  C CB  . GLU A 1 71  ? 7.791   -7.112  -6.316  1.00 35.71 ? 164 GLU A CB  1 
ATOM   542  C CG  . GLU A 1 71  ? 7.182   -8.454  -6.486  1.00 44.25 ? 164 GLU A CG  1 
ATOM   543  C CD  . GLU A 1 71  ? 7.508   -8.958  -7.883  1.00 51.14 ? 164 GLU A CD  1 
ATOM   544  O OE1 . GLU A 1 71  ? 8.642   -9.459  -8.083  1.00 57.24 ? 164 GLU A OE1 1 
ATOM   545  O OE2 . GLU A 1 71  ? 6.653   -8.779  -8.765  1.00 44.21 ? 164 GLU A OE2 1 
ATOM   546  N N   . LEU A 1 72  ? 7.278   -7.699  -3.039  1.00 29.63 ? 165 LEU A N   1 
ATOM   547  C CA  . LEU A 1 72  ? 7.727   -8.435  -1.906  1.00 30.56 ? 165 LEU A CA  1 
ATOM   548  C C   . LEU A 1 72  ? 7.075   -9.808  -1.874  1.00 30.74 ? 165 LEU A C   1 
ATOM   549  O O   . LEU A 1 72  ? 5.918   -9.999  -2.127  1.00 30.97 ? 165 LEU A O   1 
ATOM   550  C CB  . LEU A 1 72  ? 7.398   -7.742  -0.613  1.00 30.77 ? 165 LEU A CB  1 
ATOM   551  C CG  . LEU A 1 72  ? 7.983   -6.366  -0.400  1.00 32.14 ? 165 LEU A CG  1 
ATOM   552  C CD1 . LEU A 1 72  ? 7.539   -5.841  0.960   1.00 31.80 ? 165 LEU A CD1 1 
ATOM   553  C CD2 . LEU A 1 72  ? 9.512   -6.461  -0.462  1.00 37.49 ? 165 LEU A CD2 1 
ATOM   554  N N   . ARG A 1 73  ? 7.854   -10.768 -1.416  1.00 35.08 ? 166 ARG A N   1 
ATOM   555  C CA  . ARG A 1 73  ? 7.309   -12.123 -1.268  1.00 36.59 ? 166 ARG A CA  1 
ATOM   556  C C   . ARG A 1 73  ? 7.240   -12.290 0.233   1.00 34.90 ? 166 ARG A C   1 
ATOM   557  O O   . ARG A 1 73  ? 8.244   -12.195 0.952   1.00 39.50 ? 166 ARG A O   1 
ATOM   558  C CB  . ARG A 1 73  ? 8.183   -13.191 -1.928  1.00 41.10 ? 166 ARG A CB  1 
ATOM   559  C CG  . ARG A 1 73  ? 7.525   -14.577 -1.891  1.00 47.89 ? 166 ARG A CG  1 
ATOM   560  C CD  . ARG A 1 73  ? 8.443   -15.738 -2.319  1.00 55.49 ? 166 ARG A CD  1 
ATOM   561  N NE  . ARG A 1 73  ? 9.649   -15.910 -1.462  1.00 52.84 ? 166 ARG A NE  1 
ATOM   562  C CZ  . ARG A 1 73  ? 10.923  -15.960 -1.893  1.00 58.56 ? 166 ARG A CZ  1 
ATOM   563  N NH1 . ARG A 1 73  ? 11.247  -15.901 -3.186  1.00 61.85 ? 166 ARG A NH1 1 
ATOM   564  N NH2 . ARG A 1 73  ? 11.912  -16.108 -1.025  1.00 59.88 ? 166 ARG A NH2 1 
ATOM   565  N N   . ILE A 1 74  ? 6.064   -12.499 0.736   1.00 29.69 ? 167 ILE A N   1 
ATOM   566  C CA  . ILE A 1 74  ? 5.894   -12.650 2.135   1.00 37.46 ? 167 ILE A CA  1 
ATOM   567  C C   . ILE A 1 74  ? 5.181   -13.970 2.346   1.00 37.91 ? 167 ILE A C   1 
ATOM   568  O O   . ILE A 1 74  ? 4.060   -14.133 1.861   1.00 36.19 ? 167 ILE A O   1 
ATOM   569  C CB  . ILE A 1 74  ? 5.015   -11.503 2.644   1.00 43.33 ? 167 ILE A CB  1 
ATOM   570  C CG1 . ILE A 1 74  ? 5.880   -10.208 2.632   1.00 43.59 ? 167 ILE A CG1 1 
ATOM   571  C CG2 . ILE A 1 74  ? 4.366   -11.875 4.010   1.00 43.54 ? 167 ILE A CG2 1 
ATOM   572  C CD1 . ILE A 1 74  ? 5.086   -8.952  2.875   1.00 42.24 ? 167 ILE A CD1 1 
ATOM   573  N N   . ASN A 1 75  ? 5.815   -14.886 3.077   1.00 39.20 ? 168 ASN A N   1 
ATOM   574  C CA  . ASN A 1 75  ? 5.246   -16.226 3.309   1.00 39.16 ? 168 ASN A CA  1 
ATOM   575  C C   . ASN A 1 75  ? 4.747   -16.862 2.084   1.00 40.54 ? 168 ASN A C   1 
ATOM   576  O O   . ASN A 1 75  ? 3.655   -17.406 2.036   1.00 46.54 ? 168 ASN A O   1 
ATOM   577  C CB  . ASN A 1 75  ? 4.117   -16.130 4.309   1.00 42.44 ? 168 ASN A CB  1 
ATOM   578  C CG  . ASN A 1 75  ? 4.628   -15.755 5.654   1.00 40.65 ? 168 ASN A CG  1 
ATOM   579  O OD1 . ASN A 1 75  ? 5.757   -16.149 6.021   1.00 46.73 ? 168 ASN A OD1 1 
ATOM   580  N ND2 . ASN A 1 75  ? 3.880   -14.922 6.368   1.00 45.52 ? 168 ASN A ND2 1 
ATOM   581  N N   . ASP A 1 76  ? 5.576   -16.775 1.089   1.00 35.15 ? 169 ASP A N   1 
ATOM   582  C CA  . ASP A 1 76  ? 5.345   -17.363 -0.174  1.00 53.55 ? 169 ASP A CA  1 
ATOM   583  C C   . ASP A 1 76  ? 4.238   -16.707 -1.062  1.00 53.65 ? 169 ASP A C   1 
ATOM   584  O O   . ASP A 1 76  ? 4.025   -17.199 -2.171  1.00 66.80 ? 169 ASP A O   1 
ATOM   585  C CB  . ASP A 1 76  ? 5.176   -18.881 0.012   1.00 55.48 ? 169 ASP A CB  1 
ATOM   586  C CG  . ASP A 1 76  ? 6.170   -19.660 -0.803  1.00 64.69 ? 169 ASP A CG  1 
ATOM   587  O OD1 . ASP A 1 76  ? 7.438   -19.647 -0.499  1.00 63.18 ? 169 ASP A OD1 1 
ATOM   588  O OD2 . ASP A 1 76  ? 5.646   -20.276 -1.757  1.00 61.45 ? 169 ASP A OD2 1 
ATOM   589  N N   . GLN A 1 77  ? 3.578   -15.628 -0.603  1.00 51.84 ? 170 GLN A N   1 
ATOM   590  C CA  . GLN A 1 77  ? 2.662   -14.809 -1.446  1.00 46.15 ? 170 GLN A CA  1 
ATOM   591  C C   . GLN A 1 77  ? 3.433   -13.614 -2.004  1.00 46.56 ? 170 GLN A C   1 
ATOM   592  O O   . GLN A 1 77  ? 4.177   -12.937 -1.272  1.00 41.93 ? 170 GLN A O   1 
ATOM   593  C CB  . GLN A 1 77  ? 1.451   -14.322 -0.661  1.00 60.13 ? 170 GLN A CB  1 
ATOM   594  C CG  . GLN A 1 77  ? 0.289   -13.768 -1.538  1.00 69.64 ? 170 GLN A CG  1 
ATOM   595  C CD  . GLN A 1 77  ? -1.093  -14.392 -1.263  1.00 72.62 ? 170 GLN A CD  1 
ATOM   596  O OE1 . GLN A 1 77  ? -1.209  -15.463 -0.663  1.00 84.78 ? 170 GLN A OE1 1 
ATOM   597  N NE2 . GLN A 1 77  ? -2.147  -13.732 -1.744  1.00 84.75 ? 170 GLN A NE2 1 
ATOM   598  N N   . LEU A 1 78  ? 3.272   -13.361 -3.294  1.00 35.89 ? 171 LEU A N   1 
ATOM   599  C CA  . LEU A 1 78  ? 3.943   -12.273 -3.952  1.00 39.88 ? 171 LEU A CA  1 
ATOM   600  C C   . LEU A 1 78  ? 2.996   -11.058 -3.946  1.00 34.19 ? 171 LEU A C   1 
ATOM   601  O O   . LEU A 1 78  ? 1.855   -11.261 -4.196  1.00 36.87 ? 171 LEU A O   1 
ATOM   602  C CB  . LEU A 1 78  ? 4.250   -12.655 -5.361  1.00 47.66 ? 171 LEU A CB  1 
ATOM   603  C CG  . LEU A 1 78  ? 5.233   -11.748 -6.048  1.00 54.59 ? 171 LEU A CG  1 
ATOM   604  C CD1 . LEU A 1 78  ? 6.632   -12.326 -5.857  1.00 67.98 ? 171 LEU A CD1 1 
ATOM   605  C CD2 . LEU A 1 78  ? 4.854   -11.638 -7.520  1.00 60.32 ? 171 LEU A CD2 1 
ATOM   606  N N   . ALA A 1 79  ? 3.466   -9.859  -3.570  1.00 30.43 ? 172 ALA A N   1 
ATOM   607  C CA  . ALA A 1 79  ? 2.651   -8.600  -3.566  1.00 30.94 ? 172 ALA A CA  1 
ATOM   608  C C   . ALA A 1 79  ? 3.440   -7.534  -4.307  1.00 31.65 ? 172 ALA A C   1 
ATOM   609  O O   . ALA A 1 79  ? 4.579   -7.224  -3.950  1.00 30.13 ? 172 ALA A O   1 
ATOM   610  C CB  . ALA A 1 79  ? 2.258   -8.144  -2.141  1.00 31.52 ? 172 ALA A CB  1 
ATOM   611  N N   . ARG A 1 80  ? 2.870   -7.034  -5.409  1.00 27.37 ? 173 ARG A N   1 
ATOM   612  C CA  . ARG A 1 80  ? 3.506   -6.029  -6.210  1.00 27.57 ? 173 ARG A CA  1 
ATOM   613  C C   . ARG A 1 80  ? 2.647   -4.775  -6.212  1.00 26.69 ? 173 ARG A C   1 
ATOM   614  O O   . ARG A 1 80  ? 1.441   -4.839  -6.525  1.00 26.31 ? 173 ARG A O   1 
ATOM   615  C CB  . ARG A 1 80  ? 3.744   -6.529  -7.629  1.00 31.75 ? 173 ARG A CB  1 
ATOM   616  C CG  . ARG A 1 80  ? 4.269   -5.383  -8.525  1.00 31.27 ? 173 ARG A CG  1 
ATOM   617  C CD  . ARG A 1 80  ? 4.187   -5.799  -9.964  1.00 35.55 ? 173 ARG A CD  1 
ATOM   618  N NE  . ARG A 1 80  ? 5.075   -6.959  -10.202 1.00 36.05 ? 173 ARG A NE  1 
ATOM   619  C CZ  . ARG A 1 80  ? 5.290   -7.493  -11.417 1.00 40.56 ? 173 ARG A CZ  1 
ATOM   620  N NH1 . ARG A 1 80  ? 4.681   -6.988  -12.500 1.00 41.38 ? 173 ARG A NH1 1 
ATOM   621  N NH2 . ARG A 1 80  ? 6.103   -8.518  -11.534 1.00 43.97 ? 173 ARG A NH2 1 
ATOM   622  N N   . LEU A 1 81  ? 3.250   -3.641  -5.809  1.00 24.93 ? 174 LEU A N   1 
ATOM   623  C CA  . LEU A 1 81  ? 2.523   -2.378  -5.750  1.00 22.48 ? 174 LEU A CA  1 
ATOM   624  C C   . LEU A 1 81  ? 3.180   -1.498  -6.735  1.00 23.51 ? 174 LEU A C   1 
ATOM   625  O O   . LEU A 1 81  ? 4.344   -1.172  -6.583  1.00 22.06 ? 174 LEU A O   1 
ATOM   626  C CB  . LEU A 1 81  ? 2.583   -1.701  -4.369  1.00 21.56 ? 174 LEU A CB  1 
ATOM   627  C CG  . LEU A 1 81  ? 2.042   -2.550  -3.237  1.00 22.80 ? 174 LEU A CG  1 
ATOM   628  C CD1 . LEU A 1 81  ? 2.148   -1.903  -1.862  1.00 24.76 ? 174 LEU A CD1 1 
ATOM   629  C CD2 . LEU A 1 81  ? 0.578   -3.009  -3.478  1.00 26.09 ? 174 LEU A CD2 1 
ATOM   630  N N   . TYR A 1 82  ? 2.401   -0.991  -7.680  1.00 23.54 ? 175 TYR A N   1 
ATOM   631  C CA  . TYR A 1 82  ? 2.905   -0.047  -8.622  1.00 21.26 ? 175 TYR A CA  1 
ATOM   632  C C   . TYR A 1 82  ? 3.007   1.318   -8.007  1.00 24.62 ? 175 TYR A C   1 
ATOM   633  O O   . TYR A 1 82  ? 2.146   1.683   -7.202  1.00 22.37 ? 175 TYR A O   1 
ATOM   634  C CB  . TYR A 1 82  ? 2.019   0.041   -9.875  1.00 23.85 ? 175 TYR A CB  1 
ATOM   635  C CG  . TYR A 1 82  ? 2.168   -1.193  -10.705 1.00 23.13 ? 175 TYR A CG  1 
ATOM   636  C CD1 . TYR A 1 82  ? 3.174   -1.272  -11.680 1.00 25.80 ? 175 TYR A CD1 1 
ATOM   637  C CD2 . TYR A 1 82  ? 1.390   -2.274  -10.495 1.00 25.22 ? 175 TYR A CD2 1 
ATOM   638  C CE1 . TYR A 1 82  ? 3.336   -2.412  -12.444 1.00 30.64 ? 175 TYR A CE1 1 
ATOM   639  C CE2 . TYR A 1 82  ? 1.575   -3.428  -11.235 1.00 27.79 ? 175 TYR A CE2 1 
ATOM   640  C CZ  . TYR A 1 82  ? 2.559   -3.487  -12.188 1.00 32.01 ? 175 TYR A CZ  1 
ATOM   641  O OH  . TYR A 1 82  ? 2.726   -4.645  -12.902 1.00 36.25 ? 175 TYR A OH  1 
ATOM   642  N N   . ILE A 1 83  ? 4.073   2.056   -8.287  1.00 21.16 ? 176 ILE A N   1 
ATOM   643  C CA  . ILE A 1 83  ? 4.280   3.363   -7.678  1.00 21.91 ? 176 ILE A CA  1 
ATOM   644  C C   . ILE A 1 83  ? 3.640   4.416   -8.547  1.00 20.81 ? 176 ILE A C   1 
ATOM   645  O O   . ILE A 1 83  ? 4.024   4.568   -9.717  1.00 23.66 ? 176 ILE A O   1 
ATOM   646  C CB  . ILE A 1 83  ? 5.781   3.600   -7.382  1.00 24.85 ? 176 ILE A CB  1 
ATOM   647  C CG1 . ILE A 1 83  ? 6.252   2.489   -6.392  1.00 28.21 ? 176 ILE A CG1 1 
ATOM   648  C CG2 . ILE A 1 83  ? 5.960   4.904   -6.687  1.00 24.05 ? 176 ILE A CG2 1 
ATOM   649  C CD1 . ILE A 1 83  ? 7.756   2.416   -6.283  1.00 41.20 ? 176 ILE A CD1 1 
ATOM   650  N N   . ILE A 1 84  ? 2.737   5.236   -7.966  1.00 22.90 ? 177 ILE A N   1 
ATOM   651  C CA  . ILE A 1 84  ? 1.953   6.252   -8.665  1.00 21.76 ? 177 ILE A CA  1 
ATOM   652  C C   . ILE A 1 84  ? 2.088   7.601   -7.981  1.00 21.42 ? 177 ILE A C   1 
ATOM   653  O O   . ILE A 1 84  ? 1.319   7.914   -7.150  1.00 22.32 ? 177 ILE A O   1 
ATOM   654  C CB  . ILE A 1 84  ? 0.478   5.835   -8.706  1.00 24.11 ? 177 ILE A CB  1 
ATOM   655  C CG1 . ILE A 1 84  ? 0.306   4.390   -9.160  1.00 24.99 ? 177 ILE A CG1 1 
ATOM   656  C CG2 . ILE A 1 84  ? -0.325  6.769   -9.625  1.00 24.56 ? 177 ILE A CG2 1 
ATOM   657  C CD1 . ILE A 1 84  ? 0.595   4.059   -10.586 1.00 27.72 ? 177 ILE A CD1 1 
ATOM   658  N N   . PRO A 1 85  ? 3.093   8.390   -8.337  1.00 21.42 ? 178 PRO A N   1 
ATOM   659  C CA  . PRO A 1 85  ? 3.313   9.704   -7.693  1.00 21.21 ? 178 PRO A CA  1 
ATOM   660  C C   . PRO A 1 85  ? 2.486   10.739  -8.266  1.00 20.84 ? 178 PRO A C   1 
ATOM   661  O O   . PRO A 1 85  ? 1.905   10.604  -9.368  1.00 23.23 ? 178 PRO A O   1 
ATOM   662  C CB  . PRO A 1 85  ? 4.762   10.046  -8.044  1.00 23.72 ? 178 PRO A CB  1 
ATOM   663  C CG  . PRO A 1 85  ? 5.320   8.852   -8.607  1.00 26.29 ? 178 PRO A CG  1 
ATOM   664  C CD  . PRO A 1 85  ? 4.240   7.983   -9.169  1.00 23.84 ? 178 PRO A CD  1 
ATOM   665  N N   . GLY A 1 86  ? 2.417   11.827  -7.581  1.00 22.89 ? 179 GLY A N   1 
ATOM   666  C CA  . GLY A 1 86  ? 1.866   13.019  -8.167  1.00 22.41 ? 179 GLY A CA  1 
ATOM   667  C C   . GLY A 1 86  ? 0.380   13.174  -8.154  1.00 24.17 ? 179 GLY A C   1 
ATOM   668  O O   . GLY A 1 86  ? -0.177  13.889  -8.985  1.00 28.12 ? 179 GLY A O   1 
ATOM   669  N N   . ILE A 1 87  ? -0.295  12.445  -7.312  1.00 25.28 ? 180 ILE A N   1 
ATOM   670  C CA  . ILE A 1 87  ? -1.767  12.456  -7.292  1.00 25.40 ? 180 ILE A CA  1 
ATOM   671  C C   . ILE A 1 87  ? -2.186  13.540  -6.268  1.00 27.42 ? 180 ILE A C   1 
ATOM   672  O O   . ILE A 1 87  ? -1.820  13.496  -5.131  1.00 27.91 ? 180 ILE A O   1 
ATOM   673  C CB  . ILE A 1 87  ? -2.351  11.073  -6.963  1.00 24.53 ? 180 ILE A CB  1 
ATOM   674  C CG1 . ILE A 1 87  ? -1.877  10.001  -7.967  1.00 25.86 ? 180 ILE A CG1 1 
ATOM   675  C CG2 . ILE A 1 87  ? -3.846  11.112  -6.923  1.00 27.33 ? 180 ILE A CG2 1 
ATOM   676  C CD1 . ILE A 1 87  ? -2.011  10.351  -9.434  1.00 26.13 ? 180 ILE A CD1 1 
ATOM   677  N N   . PRO A 1 88  ? -2.961  14.561  -6.706  1.00 30.33 ? 181 PRO A N   1 
ATOM   678  C CA  . PRO A 1 88  ? -3.283  15.661  -5.777  1.00 28.92 ? 181 PRO A CA  1 
ATOM   679  C C   . PRO A 1 88  ? -3.963  15.195  -4.514  1.00 31.80 ? 181 PRO A C   1 
ATOM   680  O O   . PRO A 1 88  ? -4.893  14.336  -4.566  1.00 26.98 ? 181 PRO A O   1 
ATOM   681  C CB  . PRO A 1 88  ? -4.215  16.593  -6.602  1.00 34.96 ? 181 PRO A CB  1 
ATOM   682  C CG  . PRO A 1 88  ? -4.032  16.183  -8.022  1.00 37.58 ? 181 PRO A CG  1 
ATOM   683  C CD  . PRO A 1 88  ? -3.584  14.729  -8.036  1.00 37.14 ? 181 PRO A CD  1 
ATOM   684  N N   . LYS A 1 89  ? -3.571  15.804  -3.402  1.00 31.55 ? 182 LYS A N   1 
ATOM   685  C CA  . LYS A 1 89  ? -4.122  15.505  -2.106  1.00 36.73 ? 182 LYS A CA  1 
ATOM   686  C C   . LYS A 1 89  ? -5.576  15.870  -1.960  1.00 37.81 ? 182 LYS A C   1 
ATOM   687  O O   . LYS A 1 89  ? -6.238  15.329  -1.084  1.00 39.72 ? 182 LYS A O   1 
ATOM   688  C CB  . LYS A 1 89  ? -3.330  16.174  -0.962  1.00 49.14 ? 182 LYS A CB  1 
ATOM   689  C CG  . LYS A 1 89  ? -2.513  15.200  -0.112  1.00 61.53 ? 182 LYS A CG  1 
ATOM   690  C CD  . LYS A 1 89  ? -2.298  15.668  1.333   1.00 71.03 ? 182 LYS A CD  1 
ATOM   691  C CE  . LYS A 1 89  ? -1.591  17.010  1.401   1.00 72.16 ? 182 LYS A CE  1 
ATOM   692  N NZ  . LYS A 1 89  ? -0.316  17.025  0.612   1.00 76.43 ? 182 LYS A NZ  1 
ATOM   693  N N   . ASP A 1 90  ? -6.104  16.729  -2.813  1.00 36.10 ? 183 ASP A N   1 
ATOM   694  C CA  . ASP A 1 90  ? -7.558  16.998  -2.753  1.00 40.51 ? 183 ASP A CA  1 
ATOM   695  C C   . ASP A 1 90  ? -8.424  16.063  -3.620  1.00 37.61 ? 183 ASP A C   1 
ATOM   696  O O   . ASP A 1 90  ? -9.650  16.230  -3.721  1.00 36.92 ? 183 ASP A O   1 
ATOM   697  C CB  . ASP A 1 90  ? -7.812  18.472  -3.045  1.00 42.06 ? 183 ASP A CB  1 
ATOM   698  C CG  . ASP A 1 90  ? -7.461  18.856  -4.462  1.00 51.66 ? 183 ASP A CG  1 
ATOM   699  O OD1 . ASP A 1 90  ? -6.928  18.037  -5.256  1.00 49.42 ? 183 ASP A OD1 1 
ATOM   700  O OD2 . ASP A 1 90  ? -7.749  20.000  -4.801  1.00 54.30 ? 183 ASP A OD2 1 
ATOM   701  N N   . THR A 1 91  ? -7.794  15.081  -4.265  1.00 32.32 ? 184 THR A N   1 
ATOM   702  C CA  . THR A 1 91  ? -8.553  14.019  -4.935  1.00 29.41 ? 184 THR A CA  1 
ATOM   703  C C   . THR A 1 91  ? -9.590  13.372  -4.026  1.00 37.58 ? 184 THR A C   1 
ATOM   704  O O   . THR A 1 91  ? -9.298  13.053  -2.878  1.00 37.40 ? 184 THR A O   1 
ATOM   705  C CB  . THR A 1 91  ? -7.603  12.941  -5.438  1.00 29.04 ? 184 THR A CB  1 
ATOM   706  O OG1 . THR A 1 91  ? -6.583  13.529  -6.299  1.00 30.41 ? 184 THR A OG1 1 
ATOM   707  C CG2 . THR A 1 91  ? -8.340  11.908  -6.193  1.00 26.97 ? 184 THR A CG2 1 
ATOM   708  N N   . LYS A 1 92  ? -10.799 13.187  -4.525  1.00 39.18 ? 185 LYS A N   1 
ATOM   709  C CA  . LYS A 1 92  ? -11.880 12.494  -3.817  1.00 39.77 ? 185 LYS A CA  1 
ATOM   710  C C   . LYS A 1 92  ? -11.858 11.024  -4.069  1.00 39.84 ? 185 LYS A C   1 
ATOM   711  O O   . LYS A 1 92  ? -12.059 10.588  -5.200  1.00 39.48 ? 185 LYS A O   1 
ATOM   712  C CB  . LYS A 1 92  ? -13.263 13.035  -4.301  1.00 47.56 ? 185 LYS A CB  1 
ATOM   713  C CG  . LYS A 1 92  ? -13.527 14.511  -3.993  1.00 47.49 ? 185 LYS A CG  1 
ATOM   714  C CD  . LYS A 1 92  ? -12.940 14.979  -2.651  1.00 55.37 ? 185 LYS A CD  1 
ATOM   715  N N   . PHE A 1 93  ? -11.596 10.279  -3.000  1.00 35.06 ? 186 PHE A N   1 
ATOM   716  C CA  . PHE A 1 93  ? -11.510 8.850   -3.015  1.00 32.27 ? 186 PHE A CA  1 
ATOM   717  C C   . PHE A 1 93  ? -12.769 8.377   -2.356  1.00 35.06 ? 186 PHE A C   1 
ATOM   718  O O   . PHE A 1 93  ? -13.185 8.950   -1.381  1.00 43.24 ? 186 PHE A O   1 
ATOM   719  C CB  . PHE A 1 93  ? -10.314 8.418   -2.177  1.00 26.78 ? 186 PHE A CB  1 
ATOM   720  C CG  . PHE A 1 93  ? -8.980  8.859   -2.755  1.00 28.32 ? 186 PHE A CG  1 
ATOM   721  C CD1 . PHE A 1 93  ? -8.538  8.266   -3.918  1.00 28.32 ? 186 PHE A CD1 1 
ATOM   722  C CD2 . PHE A 1 93  ? -8.228  9.890   -2.195  1.00 26.88 ? 186 PHE A CD2 1 
ATOM   723  C CE1 . PHE A 1 93  ? -7.329  8.630   -4.518  1.00 29.58 ? 186 PHE A CE1 1 
ATOM   724  C CE2 . PHE A 1 93  ? -7.040  10.297  -2.815  1.00 28.14 ? 186 PHE A CE2 1 
ATOM   725  C CZ  . PHE A 1 93  ? -6.577  9.642   -3.945  1.00 30.76 ? 186 PHE A CZ  1 
ATOM   726  N N   . ASN A 1 94  ? -13.359 7.330   -2.906  1.00 38.12 ? 187 ASN A N   1 
ATOM   727  C CA  . ASN A 1 94  ? -14.537 6.658   -2.341  1.00 41.34 ? 187 ASN A CA  1 
ATOM   728  C C   . ASN A 1 94  ? -14.518 5.219   -2.777  1.00 36.41 ? 187 ASN A C   1 
ATOM   729  O O   . ASN A 1 94  ? -14.538 4.953   -3.964  1.00 37.97 ? 187 ASN A O   1 
ATOM   730  C CB  . ASN A 1 94  ? -15.786 7.295   -2.934  1.00 51.70 ? 187 ASN A CB  1 
ATOM   731  C CG  . ASN A 1 94  ? -16.016 8.700   -2.426  1.00 57.48 ? 187 ASN A CG  1 
ATOM   732  O OD1 . ASN A 1 94  ? -15.951 9.682   -3.179  1.00 65.45 ? 187 ASN A OD1 1 
ATOM   733  N ND2 . ASN A 1 94  ? -16.286 8.806   -1.138  1.00 64.02 ? 187 ASN A ND2 1 
ATOM   734  N N   . PRO A 1 95  ? -14.567 4.269   -1.833  1.00 37.19 ? 188 PRO A N   1 
ATOM   735  C CA  . PRO A 1 95  ? -14.579 2.931   -2.338  1.00 34.97 ? 188 PRO A CA  1 
ATOM   736  C C   . PRO A 1 95  ? -15.893 2.579   -2.976  1.00 44.02 ? 188 PRO A C   1 
ATOM   737  O O   . PRO A 1 95  ? -16.915 3.271   -2.785  1.00 46.64 ? 188 PRO A O   1 
ATOM   738  C CB  . PRO A 1 95  ? -14.391 2.099   -1.067  1.00 33.83 ? 188 PRO A CB  1 
ATOM   739  C CG  . PRO A 1 95  ? -15.172 2.850   -0.088  1.00 37.09 ? 188 PRO A CG  1 
ATOM   740  C CD  . PRO A 1 95  ? -14.779 4.273   -0.364  1.00 39.45 ? 188 PRO A CD  1 
ATOM   741  N N   . LYS A 1 96  ? -15.887 1.460   -3.688  0.50 42.75 ? 189 LYS A N   1 
ATOM   742  C CA  . LYS A 1 96  ? -17.094 0.928   -4.286  0.50 41.63 ? 189 LYS A CA  1 
ATOM   743  C C   . LYS A 1 96  ? -18.162 0.608   -3.226  0.50 39.04 ? 189 LYS A C   1 
ATOM   744  O O   . LYS A 1 96  ? -19.310 1.023   -3.369  0.50 36.82 ? 189 LYS A O   1 
ATOM   745  C CB  . LYS A 1 96  ? -16.765 -0.280  -5.159  0.50 43.35 ? 189 LYS A CB  1 
ATOM   746  C CG  . LYS A 1 96  ? -16.411 0.137   -6.590  0.50 46.08 ? 189 LYS A CG  1 
ATOM   747  C CD  . LYS A 1 96  ? -16.736 1.618   -6.836  0.50 47.94 ? 189 LYS A CD  1 
ATOM   748  C CE  . LYS A 1 96  ? -15.543 2.537   -6.560  0.50 45.47 ? 189 LYS A CE  1 
ATOM   749  N NZ  . LYS A 1 96  ? -15.947 3.910   -6.114  0.50 45.13 ? 189 LYS A NZ  1 
ATOM   750  N N   . THR A 1 97  ? -17.768 -0.069  -2.149  0.50 36.62 ? 190 THR A N   1 
ATOM   751  C CA  . THR A 1 97  ? -18.692 -0.376  -1.054  0.50 33.61 ? 190 THR A CA  1 
ATOM   752  C C   . THR A 1 97  ? -18.017 -0.186  0.292   0.50 33.85 ? 190 THR A C   1 
ATOM   753  O O   . THR A 1 97  ? -16.885 -0.640  0.531   0.50 34.56 ? 190 THR A O   1 
ATOM   754  C CB  . THR A 1 97  ? -19.261 -1.814  -1.132  0.50 32.97 ? 190 THR A CB  1 
ATOM   755  O OG1 . THR A 1 97  ? -20.164 -2.037  -0.050  0.50 33.07 ? 190 THR A OG1 1 
ATOM   756  C CG2 . THR A 1 97  ? -18.173 -2.873  -1.054  0.50 35.07 ? 190 THR A CG2 1 
ATOM   757  N N   . ARG A 1 98  ? -18.715 0.497   1.183   0.50 29.46 ? 191 ARG A N   1 
ATOM   758  C CA  . ARG A 1 98  ? -18.244 0.580   2.538   0.50 30.50 ? 191 ARG A CA  1 
ATOM   759  C C   . ARG A 1 98  ? -18.285 -0.782  3.241   0.50 31.50 ? 191 ARG A C   1 
ATOM   760  O O   . ARG A 1 98  ? -17.889 -0.838  4.421   0.50 30.84 ? 191 ARG A O   1 
ATOM   761  C CB  . ARG A 1 98  ? -19.009 1.647   3.334   0.50 29.09 ? 191 ARG A CB  1 
ATOM   762  C CG  . ARG A 1 98  ? -18.834 3.067   2.813   0.50 29.43 ? 191 ARG A CG  1 
ATOM   763  C CD  . ARG A 1 98  ? -17.402 3.582   2.993   0.50 29.84 ? 191 ARG A CD  1 
ATOM   764  N NE  . ARG A 1 98  ? -16.942 3.556   4.389   0.50 27.09 ? 191 ARG A NE  1 
ATOM   765  C CZ  . ARG A 1 98  ? -17.558 4.152   5.413   0.50 28.84 ? 191 ARG A CZ  1 
ATOM   766  N NH1 . ARG A 1 98  ? -18.695 4.825   5.242   0.50 31.15 ? 191 ARG A NH1 1 
ATOM   767  N NH2 . ARG A 1 98  ? -17.036 4.069   6.626   0.50 27.61 ? 191 ARG A NH2 1 
ATOM   768  N N   . ARG A 1 99  ? -18.754 -1.869  2.581   1.00 34.92 ? 192 ARG A N   1 
ATOM   769  C CA  . ARG A 1 99  ? -18.714 -3.166  3.235   1.00 31.33 ? 192 ARG A CA  1 
ATOM   770  C C   . ARG A 1 99  ? -17.335 -3.749  3.318   1.00 28.75 ? 192 ARG A C   1 
ATOM   771  O O   . ARG A 1 99  ? -17.094 -4.636  4.122   1.00 26.65 ? 192 ARG A O   1 
ATOM   772  C CB  . ARG A 1 99  ? -19.676 -4.192  2.557   1.00 42.58 ? 192 ARG A CB  1 
ATOM   773  C CG  . ARG A 1 99  ? -21.169 -3.899  2.720   1.00 48.55 ? 192 ARG A CG  1 
ATOM   774  C CD  . ARG A 1 99  ? -22.031 -4.941  1.984   1.00 56.52 ? 192 ARG A CD  1 
ATOM   775  N NE  . ARG A 1 99  ? -23.150 -5.367  2.825   1.00 70.61 ? 192 ARG A NE  1 
ATOM   776  C CZ  . ARG A 1 99  ? -24.323 -4.744  2.924   1.00 70.43 ? 192 ARG A CZ  1 
ATOM   777  N NH1 . ARG A 1 99  ? -24.603 -3.666  2.195   1.00 72.79 ? 192 ARG A NH1 1 
ATOM   778  N NH2 . ARG A 1 99  ? -25.247 -5.225  3.742   1.00 70.35 ? 192 ARG A NH2 1 
ATOM   779  N N   . GLU A 1 100 ? -16.366 -3.242  2.499   1.00 30.94 ? 193 GLU A N   1 
ATOM   780  C CA  . GLU A 1 100 ? -14.976 -3.713  2.584   1.00 30.24 ? 193 GLU A CA  1 
ATOM   781  C C   . GLU A 1 100 ? -13.959 -2.700  3.105   1.00 25.50 ? 193 GLU A C   1 
ATOM   782  O O   . GLU A 1 100 ? -13.003 -3.096  3.710   1.00 26.98 ? 193 GLU A O   1 
ATOM   783  C CB  . GLU A 1 100 ? -14.527 -4.164  1.196   1.00 42.00 ? 193 GLU A CB  1 
ATOM   784  C CG  . GLU A 1 100 ? -15.585 -5.063  0.550   1.00 50.48 ? 193 GLU A CG  1 
ATOM   785  C CD  . GLU A 1 100 ? -15.095 -5.702  -0.734  1.00 60.86 ? 193 GLU A CD  1 
ATOM   786  O OE1 . GLU A 1 100 ? -14.214 -6.582  -0.596  1.00 63.81 ? 193 GLU A OE1 1 
ATOM   787  O OE2 . GLU A 1 100 ? -15.568 -5.306  -1.841  1.00 62.27 ? 193 GLU A OE2 1 
ATOM   788  N N   . ILE A 1 101 ? -14.238 -1.430  2.884   1.00 20.56 ? 194 ILE A N   1 
ATOM   789  C CA  . ILE A 1 101 ? -13.299 -0.298  3.211   1.00 25.34 ? 194 ILE A CA  1 
ATOM   790  C C   . ILE A 1 101 ? -13.966 0.682   4.174   1.00 23.47 ? 194 ILE A C   1 
ATOM   791  O O   . ILE A 1 101 ? -14.946 1.387   3.852   1.00 27.46 ? 194 ILE A O   1 
ATOM   792  C CB  . ILE A 1 101 ? -12.808 0.490   1.983   1.00 25.14 ? 194 ILE A CB  1 
ATOM   793  C CG1 . ILE A 1 101 ? -12.110 -0.425  0.969   1.00 25.61 ? 194 ILE A CG1 1 
ATOM   794  C CG2 . ILE A 1 101 ? -11.824 1.625   2.371   1.00 23.94 ? 194 ILE A CG2 1 
ATOM   795  C CD1 . ILE A 1 101 ? -10.835 -1.139  1.422   1.00 25.22 ? 194 ILE A CD1 1 
ATOM   796  N N   . ARG A 1 102 ? -13.324 0.825   5.334   1.00 24.21 ? 195 ARG A N   1 
ATOM   797  C CA  . ARG A 1 102 ? -13.774 1.741   6.359   1.00 24.86 ? 195 ARG A CA  1 
ATOM   798  C C   . ARG A 1 102 ? -13.371 3.137   6.070   1.00 24.43 ? 195 ARG A C   1 
ATOM   799  O O   . ARG A 1 102 ? -14.210 4.041   6.172   1.00 23.91 ? 195 ARG A O   1 
ATOM   800  C CB  . ARG A 1 102 ? -13.271 1.321   7.787   1.00 22.88 ? 195 ARG A CB  1 
ATOM   801  C CG  . ARG A 1 102 ? -13.920 2.153   8.928   1.00 25.03 ? 195 ARG A CG  1 
ATOM   802  C CD  . ARG A 1 102 ? -13.268 2.042   10.268  1.00 24.14 ? 195 ARG A CD  1 
ATOM   803  N NE  . ARG A 1 102 ? -13.253 0.691   10.811  1.00 24.43 ? 195 ARG A NE  1 
ATOM   804  C CZ  . ARG A 1 102 ? -14.300 0.119   11.441  1.00 24.45 ? 195 ARG A CZ  1 
ATOM   805  N NH1 . ARG A 1 102 ? -15.382 0.847   11.665  1.00 26.47 ? 195 ARG A NH1 1 
ATOM   806  N NH2 . ARG A 1 102 ? -14.236 -1.103  11.915  1.00 27.37 ? 195 ARG A NH2 1 
ATOM   807  N N   . ASN A 1 103 ? -12.123 3.382   5.624   1.00 22.64 ? 196 ASN A N   1 
ATOM   808  C CA  . ASN A 1 103 ? -11.616 4.719   5.537   1.00 25.37 ? 196 ASN A CA  1 
ATOM   809  C C   . ASN A 1 103 ? -10.387 4.659   4.643   1.00 24.43 ? 196 ASN A C   1 
ATOM   810  O O   . ASN A 1 103 ? -9.876  3.603   4.337   1.00 22.64 ? 196 ASN A O   1 
ATOM   811  C CB  . ASN A 1 103 ? -11.214 5.202   6.906   1.00 26.00 ? 196 ASN A CB  1 
ATOM   812  C CG  . ASN A 1 103 ? -11.273 6.680   7.033   1.00 32.03 ? 196 ASN A CG  1 
ATOM   813  O OD1 . ASN A 1 103 ? -11.474 7.404   6.028   1.00 34.34 ? 196 ASN A OD1 1 
ATOM   814  N ND2 . ASN A 1 103 ? -10.997 7.167   8.269   1.00 37.13 ? 196 ASN A ND2 1 
ATOM   815  N N   . ILE A 1 104 ? -10.106 5.823   4.107   1.00 22.90 ? 197 ILE A N   1 
ATOM   816  C CA  . ILE A 1 104 ? -9.052  6.074   3.129   1.00 22.69 ? 197 ILE A CA  1 
ATOM   817  C C   . ILE A 1 104 ? -8.421  7.383   3.557   1.00 24.89 ? 197 ILE A C   1 
ATOM   818  O O   . ILE A 1 104 ? -9.131  8.391   3.687   1.00 24.48 ? 197 ILE A O   1 
ATOM   819  C CB  . ILE A 1 104 ? -9.593  6.297   1.747   1.00 24.60 ? 197 ILE A CB  1 
ATOM   820  C CG1 . ILE A 1 104 ? -10.269 5.073   1.236   1.00 25.28 ? 197 ILE A CG1 1 
ATOM   821  C CG2 . ILE A 1 104 ? -8.449  6.626   0.783   1.00 22.75 ? 197 ILE A CG2 1 
ATOM   822  C CD1 . ILE A 1 104 ? -11.103 5.273   0.011   1.00 28.76 ? 197 ILE A CD1 1 
ATOM   823  N N   . GLU A 1 105 ? -7.103  7.386   3.781   1.00 24.05 ? 198 GLU A N   1 
ATOM   824  C CA  . GLU A 1 105 ? -6.381  8.568   4.309   1.00 23.91 ? 198 GLU A CA  1 
ATOM   825  C C   . GLU A 1 105 ? -5.003  8.640   3.709   1.00 21.81 ? 198 GLU A C   1 
ATOM   826  O O   . GLU A 1 105 ? -4.328  7.594   3.448   1.00 21.17 ? 198 GLU A O   1 
ATOM   827  C CB  . GLU A 1 105 ? -6.250  8.615   5.804   1.00 26.23 ? 198 GLU A CB  1 
ATOM   828  C CG  . GLU A 1 105 ? -7.566  8.816   6.535   1.00 30.82 ? 198 GLU A CG  1 
ATOM   829  C CD  . GLU A 1 105 ? -7.427  8.680   8.058   1.00 32.72 ? 198 GLU A CD  1 
ATOM   830  O OE1 . GLU A 1 105 ? -6.317  8.797   8.607   1.00 34.56 ? 198 GLU A OE1 1 
ATOM   831  O OE2 . GLU A 1 105 ? -8.456  8.428   8.713   1.00 41.40 ? 198 GLU A OE2 1 
ATOM   832  N N   . TRP A 1 106 ? -4.539  9.886   3.680   1.00 21.33 ? 199 TRP A N   1 
ATOM   833  C CA  . TRP A 1 106 ? -3.141  10.216  3.410   1.00 24.36 ? 199 TRP A CA  1 
ATOM   834  C C   . TRP A 1 106 ? -2.351  10.099  4.704   1.00 23.93 ? 199 TRP A C   1 
ATOM   835  O O   . TRP A 1 106 ? -2.797  10.573  5.745   1.00 26.90 ? 199 TRP A O   1 
ATOM   836  C CB  . TRP A 1 106 ? -2.976  11.621  2.861   1.00 24.94 ? 199 TRP A CB  1 
ATOM   837  C CG  . TRP A 1 106 ? -3.496  11.808  1.515   1.00 25.76 ? 199 TRP A CG  1 
ATOM   838  C CD1 . TRP A 1 106 ? -4.659  12.475  1.162   1.00 29.83 ? 199 TRP A CD1 1 
ATOM   839  C CD2 . TRP A 1 106 ? -2.901  11.381  0.261   1.00 25.57 ? 199 TRP A CD2 1 
ATOM   840  N NE1 . TRP A 1 106 ? -4.823  12.427  -0.206  1.00 29.25 ? 199 TRP A NE1 1 
ATOM   841  C CE2 . TRP A 1 106 ? -3.756  11.811  -0.785  1.00 26.70 ? 199 TRP A CE2 1 
ATOM   842  C CE3 . TRP A 1 106 ? -1.770  10.689  -0.068  1.00 25.97 ? 199 TRP A CE3 1 
ATOM   843  C CZ2 . TRP A 1 106 ? -3.469  11.589  -2.134  1.00 26.97 ? 199 TRP A CZ2 1 
ATOM   844  C CZ3 . TRP A 1 106 ? -1.464  10.459  -1.390  1.00 25.65 ? 199 TRP A CZ3 1 
ATOM   845  C CH2 . TRP A 1 106 ? -2.329  10.894  -2.429  1.00 27.97 ? 199 TRP A CH2 1 
ATOM   846  N N   . PHE A 1 107 ? -1.175  9.503   4.604   1.00 23.15 ? 200 PHE A N   1 
ATOM   847  C CA  . PHE A 1 107 ? -0.209  9.443   5.725   1.00 23.83 ? 200 PHE A CA  1 
ATOM   848  C C   . PHE A 1 107 ? 1.083   9.942   5.311   1.00 28.04 ? 200 PHE A C   1 
ATOM   849  O O   . PHE A 1 107 ? 1.568   9.638   4.192   1.00 27.30 ? 200 PHE A O   1 
ATOM   850  C CB  . PHE A 1 107 ? -0.065  7.989   6.272   1.00 21.89 ? 200 PHE A CB  1 
ATOM   851  C CG  . PHE A 1 107 ? -1.330  7.490   6.935   1.00 20.07 ? 200 PHE A CG  1 
ATOM   852  C CD1 . PHE A 1 107 ? -2.365  6.899   6.194   1.00 22.07 ? 200 PHE A CD1 1 
ATOM   853  C CD2 . PHE A 1 107 ? -1.506  7.675   8.304   1.00 23.05 ? 200 PHE A CD2 1 
ATOM   854  C CE1 . PHE A 1 107 ? -3.543  6.466   6.863   1.00 22.18 ? 200 PHE A CE1 1 
ATOM   855  C CE2 . PHE A 1 107 ? -2.660  7.230   8.931   1.00 23.70 ? 200 PHE A CE2 1 
ATOM   856  C CZ  . PHE A 1 107 ? -3.640  6.573   8.218   1.00 22.86 ? 200 PHE A CZ  1 
ATOM   857  N N   . SER A 1 108 ? 1.727   10.670  6.233   1.00 24.32 ? 201 SER A N   1 
ATOM   858  C CA  . SER A 1 108 ? 3.081   11.158  6.009   1.00 27.30 ? 201 SER A CA  1 
ATOM   859  C C   . SER A 1 108 ? 4.018   9.974   5.967   1.00 23.39 ? 201 SER A C   1 
ATOM   860  O O   . SER A 1 108 ? 4.163   9.238   6.956   1.00 26.40 ? 201 SER A O   1 
ATOM   861  C CB  . SER A 1 108 ? 3.558   12.156  7.121   1.00 26.71 ? 201 SER A CB  1 
ATOM   862  O OG  . SER A 1 108 ? 4.964   12.183  7.155   1.00 32.28 ? 201 SER A OG  1 
ATOM   863  N N   . ILE A 1 109 ? 4.815   9.898   4.924   1.00 23.89 ? 202 ILE A N   1 
ATOM   864  C CA  . ILE A 1 109 ? 5.776   8.774   4.791   1.00 25.43 ? 202 ILE A CA  1 
ATOM   865  C C   . ILE A 1 109 ? 6.832   8.779   5.882   1.00 30.78 ? 202 ILE A C   1 
ATOM   866  O O   . ILE A 1 109 ? 7.260   7.727   6.386   1.00 30.37 ? 202 ILE A O   1 
ATOM   867  C CB  . ILE A 1 109 ? 6.490   8.773   3.451   1.00 33.62 ? 202 ILE A CB  1 
ATOM   868  C CG1 . ILE A 1 109 ? 5.578   8.439   2.317   1.00 40.09 ? 202 ILE A CG1 1 
ATOM   869  C CG2 . ILE A 1 109 ? 7.541   7.691   3.446   1.00 35.27 ? 202 ILE A CG2 1 
ATOM   870  C CD1 . ILE A 1 109 ? 6.170   8.894   0.987   1.00 44.72 ? 202 ILE A CD1 1 
ATOM   871  N N   . GLU A 1 110 ? 7.256   9.980   6.307   1.00 28.52 ? 203 GLU A N   1 
ATOM   872  C CA  . GLU A 1 110 ? 8.339   10.054  7.230   1.00 31.39 ? 203 GLU A CA  1 
ATOM   873  C C   . GLU A 1 110 ? 7.897   9.641   8.608   1.00 27.89 ? 203 GLU A C   1 
ATOM   874  O O   . GLU A 1 110 ? 8.734   9.154   9.401   1.00 31.38 ? 203 GLU A O   1 
ATOM   875  C CB  . GLU A 1 110 ? 9.009   11.440  7.147   1.00 34.57 ? 203 GLU A CB  1 
ATOM   876  C CG  . GLU A 1 110 ? 8.379   12.592  7.885   1.00 40.81 ? 203 GLU A CG  1 
ATOM   877  C CD  . GLU A 1 110 ? 9.198   13.893  7.634   1.00 44.83 ? 203 GLU A CD  1 
ATOM   878  O OE1 . GLU A 1 110 ? 10.120  13.882  6.772   1.00 54.58 ? 203 GLU A OE1 1 
ATOM   879  O OE2 . GLU A 1 110 ? 8.945   14.909  8.308   1.00 57.24 ? 203 GLU A OE2 1 
ATOM   880  N N   . LYS A 1 111 ? 6.590   9.724   8.869   1.00 26.28 ? 204 LYS A N   1 
ATOM   881  C CA  . LYS A 1 111 ? 6.050   9.365   10.193  1.00 27.63 ? 204 LYS A CA  1 
ATOM   882  C C   . LYS A 1 111 ? 5.662   7.906   10.295  1.00 23.70 ? 204 LYS A C   1 
ATOM   883  O O   . LYS A 1 111 ? 5.450   7.416   11.425  1.00 26.07 ? 204 LYS A O   1 
ATOM   884  C CB  . LYS A 1 111 ? 4.871   10.185  10.544  1.00 30.80 ? 204 LYS A CB  1 
ATOM   885  C CG  . LYS A 1 111 ? 5.218   11.683  10.695  1.00 42.64 ? 204 LYS A CG  1 
ATOM   886  C CD  . LYS A 1 111 ? 3.988   12.361  11.245  1.00 44.80 ? 204 LYS A CD  1 
ATOM   887  C CE  . LYS A 1 111 ? 4.166   13.822  11.564  1.00 54.26 ? 204 LYS A CE  1 
ATOM   888  N NZ  . LYS A 1 111 ? 2.836   14.222  12.103  1.00 64.77 ? 204 LYS A NZ  1 
ATOM   889  N N   . LEU A 1 112 ? 5.491   7.208   9.141   1.00 23.37 ? 205 LEU A N   1 
ATOM   890  C CA  . LEU A 1 112 ? 5.101   5.808   9.178   1.00 22.96 ? 205 LEU A CA  1 
ATOM   891  C C   . LEU A 1 112 ? 6.269   4.973   9.656   1.00 25.61 ? 205 LEU A C   1 
ATOM   892  O O   . LEU A 1 112 ? 7.445   5.248   9.416   1.00 28.14 ? 205 LEU A O   1 
ATOM   893  C CB  . LEU A 1 112 ? 4.638   5.285   7.821   1.00 22.42 ? 205 LEU A CB  1 
ATOM   894  C CG  . LEU A 1 112 ? 3.315   5.859   7.283   1.00 22.93 ? 205 LEU A CG  1 
ATOM   895  C CD1 . LEU A 1 112 ? 3.212   5.605   5.747   1.00 24.65 ? 205 LEU A CD1 1 
ATOM   896  C CD2 . LEU A 1 112 ? 2.148   5.213   8.049   1.00 26.12 ? 205 LEU A CD2 1 
ATOM   897  N N   . PRO A 1 113 ? 5.927   3.911   10.398  1.00 28.07 ? 206 PRO A N   1 
ATOM   898  C CA  . PRO A 1 113 ? 6.970   3.027   10.862  1.00 30.89 ? 206 PRO A CA  1 
ATOM   899  C C   . PRO A 1 113 ? 7.514   2.210   9.720   1.00 31.64 ? 206 PRO A C   1 
ATOM   900  O O   . PRO A 1 113 ? 6.734   1.894   8.801   1.00 28.25 ? 206 PRO A O   1 
ATOM   901  C CB  . PRO A 1 113 ? 6.216   2.106   11.852  1.00 28.51 ? 206 PRO A CB  1 
ATOM   902  C CG  . PRO A 1 113 ? 4.793   2.120   11.362  1.00 30.51 ? 206 PRO A CG  1 
ATOM   903  C CD  . PRO A 1 113 ? 4.563   3.501   10.808  1.00 31.11 ? 206 PRO A CD  1 
ATOM   904  N N   . CYS A 1 114 ? 8.775   1.814   9.784   1.00 33.89 ? 207 CYS A N   1 
ATOM   905  C CA  . CYS A 1 114 ? 9.252   0.845   8.811   1.00 34.77 ? 207 CYS A CA  1 
ATOM   906  C C   . CYS A 1 114 ? 9.646   -0.496  9.476   1.00 33.26 ? 207 CYS A C   1 
ATOM   907  O O   . CYS A 1 114 ? 10.230  -1.327  8.824   1.00 35.59 ? 207 CYS A O   1 
ATOM   908  C CB  . CYS A 1 114 ? 10.391  1.428   8.033   1.00 38.95 ? 207 CYS A CB  1 
ATOM   909  S SG  . CYS A 1 114 ? 11.811  1.701   9.104   1.00 47.72 ? 207 CYS A SG  1 
ATOM   910  N N   . HIS A 1 115 ? 9.259   -0.670  10.740  1.00 35.49 ? 208 HIS A N   1 
ATOM   911  C CA  . HIS A 1 115 ? 9.324   -1.963  11.467  1.00 39.46 ? 208 HIS A CA  1 
ATOM   912  C C   . HIS A 1 115 ? 8.346   -1.869  12.613  1.00 40.63 ? 208 HIS A C   1 
ATOM   913  O O   . HIS A 1 115 ? 7.949   -0.755  13.009  1.00 35.59 ? 208 HIS A O   1 
ATOM   914  C CB  . HIS A 1 115 ? 10.805  -2.194  11.938  1.00 42.22 ? 208 HIS A CB  1 
ATOM   915  C CG  . HIS A 1 115 ? 11.299  -1.119  12.875  1.00 40.39 ? 208 HIS A CG  1 
ATOM   916  N ND1 . HIS A 1 115 ? 10.937  -1.080  14.205  1.00 42.66 ? 208 HIS A ND1 1 
ATOM   917  C CD2 . HIS A 1 115 ? 12.008  0.017   12.650  1.00 40.54 ? 208 HIS A CD2 1 
ATOM   918  C CE1 . HIS A 1 115 ? 11.426  0.019   14.770  1.00 39.60 ? 208 HIS A CE1 1 
ATOM   919  N NE2 . HIS A 1 115 ? 12.102  0.684   13.851  1.00 40.67 ? 208 HIS A NE2 1 
ATOM   920  N N   A ARG A 1 116 ? 7.892   -3.010  13.141  0.32 39.45 ? 209 ARG A N   1 
ATOM   921  N N   B ARG A 1 116 ? 8.065   -3.030  13.181  0.29 41.94 ? 209 ARG A N   1 
ATOM   922  C CA  A ARG A 1 116 ? 7.147   -3.032  14.417  0.32 38.17 ? 209 ARG A CA  1 
ATOM   923  C CA  B ARG A 1 116 ? 7.323   -3.132  14.411  0.29 41.06 ? 209 ARG A CA  1 
ATOM   924  C C   A ARG A 1 116 ? 8.167   -3.040  15.575  0.32 37.81 ? 209 ARG A C   1 
ATOM   925  C C   B ARG A 1 116 ? 8.258   -2.964  15.595  0.29 39.55 ? 209 ARG A C   1 
ATOM   926  O O   A ARG A 1 116 ? 9.335   -3.287  15.366  0.32 37.84 ? 209 ARG A O   1 
ATOM   927  O O   B ARG A 1 116 ? 9.464   -3.038  15.438  0.29 39.81 ? 209 ARG A O   1 
ATOM   928  C CB  A ARG A 1 116 ? 6.199   -4.233  14.479  0.32 37.59 ? 209 ARG A CB  1 
ATOM   929  C CB  B ARG A 1 116 ? 6.703   -4.498  14.497  0.29 42.09 ? 209 ARG A CB  1 
ATOM   930  C CG  A ARG A 1 116 ? 5.144   -4.260  13.372  0.32 34.22 ? 209 ARG A CG  1 
ATOM   931  C CG  B ARG A 1 116 ? 5.293   -4.427  14.944  0.29 40.52 ? 209 ARG A CG  1 
ATOM   932  C CD  A ARG A 1 116 ? 4.564   -5.653  13.153  0.32 36.13 ? 209 ARG A CD  1 
ATOM   933  C CD  B ARG A 1 116 ? 4.352   -4.375  13.775  0.29 35.94 ? 209 ARG A CD  1 
ATOM   934  N NE  A ARG A 1 116 ? 3.720   -6.084  14.253  0.32 37.19 ? 209 ARG A NE  1 
ATOM   935  N NE  B ARG A 1 116 ? 3.319   -5.302  14.151  0.29 36.93 ? 209 ARG A NE  1 
ATOM   936  C CZ  A ARG A 1 116 ? 3.417   -7.344  14.587  0.32 33.49 ? 209 ARG A CZ  1 
ATOM   937  C CZ  B ARG A 1 116 ? 3.333   -6.610  13.892  0.29 33.91 ? 209 ARG A CZ  1 
ATOM   938  N NH1 A ARG A 1 116 ? 3.908   -8.424  13.944  0.32 33.93 ? 209 ARG A NH1 1 
ATOM   939  N NH1 B ARG A 1 116 ? 4.284   -7.146  13.136  0.29 30.19 ? 209 ARG A NH1 1 
ATOM   940  N NH2 A ARG A 1 116 ? 2.618   -7.538  15.610  0.32 34.58 ? 209 ARG A NH2 1 
ATOM   941  N NH2 B ARG A 1 116 ? 2.346   -7.372  14.361  0.29 31.72 ? 209 ARG A NH2 1 
ATOM   942  N N   . ASN A 1 117 ? 7.718   -2.739  16.785  1.00 43.62 ? 210 ASN A N   1 
ATOM   943  C CA  . ASN A 1 117 ? 8.580   -2.579  17.943  1.00 44.83 ? 210 ASN A CA  1 
ATOM   944  C C   . ASN A 1 117 ? 8.506   -3.903  18.620  1.00 48.46 ? 210 ASN A C   1 
ATOM   945  O O   . ASN A 1 117 ? 7.433   -4.571  18.622  1.00 41.10 ? 210 ASN A O   1 
ATOM   946  C CB  . ASN A 1 117 ? 8.030   -1.502  18.869  1.00 54.39 ? 210 ASN A CB  1 
ATOM   947  C CG  . ASN A 1 117 ? 8.062   -0.126  18.235  1.00 55.61 ? 210 ASN A CG  1 
ATOM   948  O OD1 . ASN A 1 117 ? 8.924   0.160   17.397  1.00 49.95 ? 210 ASN A OD1 1 
ATOM   949  N ND2 . ASN A 1 117 ? 7.136   0.730   18.653  1.00 51.63 ? 210 ASN A ND2 1 
ATOM   950  N N   . ASP A 1 118 ? 9.639   -4.298  19.187  1.00 51.18 ? 211 ASP A N   1 
ATOM   951  C CA  . ASP A 1 118 ? 9.671   -5.539  19.957  1.00 54.66 ? 211 ASP A CA  1 
ATOM   952  C C   . ASP A 1 118 ? 9.005   -5.275  21.311  1.00 55.87 ? 211 ASP A C   1 
ATOM   953  O O   . ASP A 1 118 ? 8.340   -4.223  21.488  1.00 46.72 ? 211 ASP A O   1 
ATOM   954  C CB  . ASP A 1 118 ? 11.090  -6.156  19.991  1.00 54.53 ? 211 ASP A CB  1 
ATOM   955  C CG  . ASP A 1 118 ? 12.129  -5.281  20.646  1.00 59.60 ? 211 ASP A CG  1 
ATOM   956  O OD1 . ASP A 1 118 ? 11.812  -4.349  21.456  1.00 52.08 ? 211 ASP A OD1 1 
ATOM   957  O OD2 . ASP A 1 118 ? 13.300  -5.609  20.358  1.00 58.96 ? 211 ASP A OD2 1 
ATOM   958  N N   . MET A 1 119 ? 9.101   -6.246  22.232  1.00 55.38 ? 212 MET A N   1 
ATOM   959  C CA  . MET A 1 119 ? 8.605   -6.074  23.611  1.00 59.65 ? 212 MET A CA  1 
ATOM   960  C C   . MET A 1 119 ? 9.719   -6.359  24.646  1.00 67.49 ? 212 MET A C   1 
ATOM   961  O O   . MET A 1 119 ? 9.458   -6.861  25.760  1.00 71.95 ? 212 MET A O   1 
ATOM   962  C CB  . MET A 1 119 ? 7.378   -6.949  23.779  1.00 53.73 ? 212 MET A CB  1 
ATOM   963  C CG  . MET A 1 119 ? 6.225   -6.369  22.974  1.00 55.61 ? 212 MET A CG  1 
ATOM   964  S SD  . MET A 1 119 ? 4.857   -7.473  22.689  1.00 53.90 ? 212 MET A SD  1 
ATOM   965  C CE  . MET A 1 119 ? 5.708   -8.948  22.123  1.00 63.93 ? 212 MET A CE  1 
ATOM   966  N N   . THR A 1 120 ? 10.952  -5.988  24.260  1.00 71.11 ? 213 THR A N   1 
ATOM   967  C CA  . THR A 1 120 ? 12.141  -6.006  25.121  1.00 74.02 ? 213 THR A CA  1 
ATOM   968  C C   . THR A 1 120 ? 11.903  -5.287  26.472  1.00 78.82 ? 213 THR A C   1 
ATOM   969  O O   . THR A 1 120 ? 12.292  -5.844  27.490  1.00 73.28 ? 213 THR A O   1 
ATOM   970  C CB  . THR A 1 120 ? 13.429  -5.480  24.404  1.00 75.51 ? 213 THR A CB  1 
ATOM   971  O OG1 . THR A 1 120 ? 13.234  -4.152  23.885  1.00 84.03 ? 213 THR A OG1 1 
ATOM   972  C CG2 . THR A 1 120 ? 13.866  -6.412  23.251  1.00 70.94 ? 213 THR A CG2 1 
ATOM   973  N N   . PRO A 1 121 ? 11.217  -4.102  26.496  1.00 88.79 ? 214 PRO A N   1 
ATOM   974  C CA  . PRO A 1 121 ? 10.771  -3.554  27.797  1.00 85.69 ? 214 PRO A CA  1 
ATOM   975  C C   . PRO A 1 121 ? 10.147  -4.588  28.766  1.00 85.50 ? 214 PRO A C   1 
ATOM   976  O O   . PRO A 1 121 ? 10.458  -4.551  29.962  1.00 77.65 ? 214 PRO A O   1 
ATOM   977  C CB  . PRO A 1 121 ? 9.736   -2.463  27.405  1.00 87.49 ? 214 PRO A CB  1 
ATOM   978  C CG  . PRO A 1 121 ? 9.665   -2.451  25.906  1.00 94.42 ? 214 PRO A CG  1 
ATOM   979  C CD  . PRO A 1 121 ? 10.911  -3.137  25.414  1.00 95.82 ? 214 PRO A CD  1 
ATOM   980  N N   . LYS A 1 122 ? 9.319   -5.508  28.252  1.00 76.12 ? 215 LYS A N   1 
ATOM   981  C CA  . LYS A 1 122 ? 8.650   -6.529  29.079  1.00 72.02 ? 215 LYS A CA  1 
ATOM   982  C C   . LYS A 1 122 ? 9.346   -7.948  29.118  1.00 68.14 ? 215 LYS A C   1 
ATOM   983  O O   . LYS A 1 122 ? 8.763   -8.907  29.646  1.00 79.10 ? 215 LYS A O   1 
ATOM   984  C CB  . LYS A 1 122 ? 7.194   -6.646  28.619  1.00 70.59 ? 215 LYS A CB  1 
ATOM   985  C CG  . LYS A 1 122 ? 6.217   -6.958  29.737  1.00 74.00 ? 215 LYS A CG  1 
ATOM   986  N N   . SER A 1 123 ? 10.577  -8.062  28.590  1.00 57.51 ? 216 SER A N   1 
ATOM   987  C CA  . SER A 1 123 ? 11.289  -9.351  28.382  1.00 49.54 ? 216 SER A CA  1 
ATOM   988  C C   . SER A 1 123 ? 10.448  -10.469 27.722  1.00 43.33 ? 216 SER A C   1 
ATOM   989  O O   . SER A 1 123 ? 10.540  -11.626 28.088  1.00 42.46 ? 216 SER A O   1 
ATOM   990  C CB  . SER A 1 123 ? 11.847  -9.839  29.724  1.00 47.77 ? 216 SER A CB  1 
ATOM   991  O OG  . SER A 1 123 ? 12.739  -8.873  30.261  1.00 58.99 ? 216 SER A OG  1 
ATOM   992  N N   . LYS A 1 124 ? 9.604   -10.091 26.760  1.00 34.77 ? 217 LYS A N   1 
ATOM   993  C CA  . LYS A 1 124 ? 8.700   -10.978 26.134  1.00 31.61 ? 217 LYS A CA  1 
ATOM   994  C C   . LYS A 1 124 ? 9.120   -11.023 24.640  1.00 29.79 ? 217 LYS A C   1 
ATOM   995  O O   . LYS A 1 124 ? 9.570   -9.990  24.047  1.00 31.51 ? 217 LYS A O   1 
ATOM   996  C CB  . LYS A 1 124 ? 7.281   -10.430 26.336  1.00 38.22 ? 217 LYS A CB  1 
ATOM   997  C CG  . LYS A 1 124 ? 6.185   -11.225 25.635  1.00 41.14 ? 217 LYS A CG  1 
ATOM   998  C CD  . LYS A 1 124 ? 4.790   -10.822 26.142  1.00 48.25 ? 217 LYS A CD  1 
ATOM   999  N N   . LEU A 1 125 ? 9.020   -12.208 24.040  1.00 27.45 ? 218 LEU A N   1 
ATOM   1000 C CA  . LEU A 1 125 ? 9.333   -12.316 22.604  1.00 25.92 ? 218 LEU A CA  1 
ATOM   1001 C C   . LEU A 1 125 ? 8.198   -11.800 21.759  1.00 27.47 ? 218 LEU A C   1 
ATOM   1002 O O   . LEU A 1 125 ? 7.031   -12.002 22.064  1.00 30.95 ? 218 LEU A O   1 
ATOM   1003 C CB  . LEU A 1 125 ? 9.598   -13.752 22.214  1.00 24.10 ? 218 LEU A CB  1 
ATOM   1004 C CG  . LEU A 1 125 ? 10.766  -14.325 23.031  1.00 26.40 ? 218 LEU A CG  1 
ATOM   1005 C CD1 . LEU A 1 125 ? 11.314  -15.557 22.441  1.00 31.11 ? 218 LEU A CD1 1 
ATOM   1006 C CD2 . LEU A 1 125 ? 11.940  -13.367 23.308  1.00 30.55 ? 218 LEU A CD2 1 
ATOM   1007 N N   . GLY A 1 126 ? 8.597   -11.312 20.617  1.00 27.15 ? 219 GLY A N   1 
ATOM   1008 C CA  . GLY A 1 126 ? 7.646   -11.016 19.541  1.00 27.39 ? 219 GLY A CA  1 
ATOM   1009 C C   . GLY A 1 126 ? 7.559   -9.544  19.282  1.00 26.36 ? 219 GLY A C   1 
ATOM   1010 O O   . GLY A 1 126 ? 8.429   -8.804  19.636  1.00 27.83 ? 219 GLY A O   1 
ATOM   1011 N N   . LEU A 1 127 ? 6.482   -9.147  18.586  1.00 31.61 ? 220 LEU A N   1 
ATOM   1012 C CA  . LEU A 1 127 ? 6.267   -7.717  18.233  1.00 31.92 ? 220 LEU A CA  1 
ATOM   1013 C C   . LEU A 1 127 ? 4.974   -7.188  18.797  1.00 23.99 ? 220 LEU A C   1 
ATOM   1014 O O   . LEU A 1 127 ? 3.977   -7.926  18.812  1.00 27.29 ? 220 LEU A O   1 
ATOM   1015 C CB  . LEU A 1 127 ? 6.210   -7.620  16.698  1.00 31.89 ? 220 LEU A CB  1 
ATOM   1016 C CG  . LEU A 1 127 ? 7.491   -8.041  15.961  1.00 34.93 ? 220 LEU A CG  1 
ATOM   1017 C CD1 . LEU A 1 127 ? 7.176   -8.185  14.486  1.00 42.37 ? 220 LEU A CD1 1 
ATOM   1018 C CD2 . LEU A 1 127 ? 8.651   -7.091  16.215  1.00 34.12 ? 220 LEU A CD2 1 
ATOM   1019 N N   . ALA A 1 128 ? 4.954   -5.904  19.137  1.00 30.88 ? 221 ALA A N   1 
ATOM   1020 C CA  . ALA A 1 128 ? 3.754   -5.244  19.591  1.00 31.84 ? 221 ALA A CA  1 
ATOM   1021 C C   . ALA A 1 128 ? 2.839   -5.038  18.401  1.00 35.68 ? 221 ALA A C   1 
ATOM   1022 O O   . ALA A 1 128 ? 3.325   -4.917  17.290  1.00 36.75 ? 221 ALA A O   1 
ATOM   1023 C CB  . ALA A 1 128 ? 4.052   -3.891  20.247  1.00 34.54 ? 221 ALA A CB  1 
ATOM   1024 N N   . PRO A 1 129 ? 1.526   -5.034  18.634  1.00 37.35 ? 222 PRO A N   1 
ATOM   1025 C CA  . PRO A 1 129 ? 0.576   -4.701  17.561  1.00 35.48 ? 222 PRO A CA  1 
ATOM   1026 C C   . PRO A 1 129 ? 0.856   -3.344  16.982  1.00 30.75 ? 222 PRO A C   1 
ATOM   1027 O O   . PRO A 1 129 ? 1.404   -2.477  17.677  1.00 31.05 ? 222 PRO A O   1 
ATOM   1028 C CB  . PRO A 1 129 ? -0.786  -4.726  18.279  1.00 41.88 ? 222 PRO A CB  1 
ATOM   1029 C CG  . PRO A 1 129 ? -0.600  -5.677  19.427  1.00 44.34 ? 222 PRO A CG  1 
ATOM   1030 C CD  . PRO A 1 129 ? 0.810   -5.395  19.895  1.00 41.29 ? 222 PRO A CD  1 
ATOM   1031 N N   . ASN A 1 130 ? 0.587   -3.190  15.668  1.00 31.42 ? 223 ASN A N   1 
ATOM   1032 C CA  . ASN A 1 130 ? 0.776   -1.907  15.023  1.00 30.04 ? 223 ASN A CA  1 
ATOM   1033 C C   . ASN A 1 130 ? -0.214  -1.839  13.921  1.00 26.78 ? 223 ASN A C   1 
ATOM   1034 O O   . ASN A 1 130 ? -0.331  -2.738  13.176  1.00 26.99 ? 223 ASN A O   1 
ATOM   1035 C CB  . ASN A 1 130 ? 2.173   -1.779  14.438  1.00 36.35 ? 223 ASN A CB  1 
ATOM   1036 C CG  . ASN A 1 130 ? 2.452   -0.384  13.934  1.00 35.21 ? 223 ASN A CG  1 
ATOM   1037 O OD1 . ASN A 1 130 ? 1.924   0.005   12.929  1.00 30.66 ? 223 ASN A OD1 1 
ATOM   1038 N ND2 . ASN A 1 130 ? 3.203   0.386   14.668  1.00 35.55 ? 223 ASN A ND2 1 
ATOM   1039 N N   . LYS A 1 131 ? -0.980  -0.770  13.852  1.00 25.03 ? 224 LYS A N   1 
ATOM   1040 C CA  . LYS A 1 131 ? -2.067  -0.697  12.884  1.00 24.48 ? 224 LYS A CA  1 
ATOM   1041 C C   . LYS A 1 131 ? -1.570  -0.563  11.482  1.00 22.59 ? 224 LYS A C   1 
ATOM   1042 O O   . LYS A 1 131 ? -2.387  -0.650  10.601  1.00 24.98 ? 224 LYS A O   1 
ATOM   1043 C CB  . LYS A 1 131 ? -2.984  0.459   13.169  1.00 25.39 ? 224 LYS A CB  1 
ATOM   1044 C CG  . LYS A 1 131 ? -2.353  1.810   13.267  1.00 29.63 ? 224 LYS A CG  1 
ATOM   1045 C CD  . LYS A 1 131 ? -3.454  2.819   13.486  1.00 30.33 ? 224 LYS A CD  1 
ATOM   1046 C CE  . LYS A 1 131 ? -2.920  4.229   13.461  1.00 34.06 ? 224 LYS A CE  1 
ATOM   1047 N NZ  . LYS A 1 131 ? -4.010  5.244   13.668  1.00 38.71 ? 224 LYS A NZ  1 
ATOM   1048 N N   . PHE A 1 132 ? -0.276  -0.320  11.316  1.00 22.12 ? 225 PHE A N   1 
ATOM   1049 C CA  . PHE A 1 132 ? 0.247   -0.243  9.933   1.00 22.43 ? 225 PHE A CA  1 
ATOM   1050 C C   . PHE A 1 132 ? 0.965   -1.525  9.478   1.00 22.53 ? 225 PHE A C   1 
ATOM   1051 O O   . PHE A 1 132 ? 1.703   -1.498  8.489   1.00 22.76 ? 225 PHE A O   1 
ATOM   1052 C CB  . PHE A 1 132 ? 1.211   0.892   9.915   1.00 20.65 ? 225 PHE A CB  1 
ATOM   1053 C CG  . PHE A 1 132 ? 0.566   2.229   10.175  1.00 22.95 ? 225 PHE A CG  1 
ATOM   1054 C CD1 . PHE A 1 132 ? -0.253  2.767   9.271   1.00 22.50 ? 225 PHE A CD1 1 
ATOM   1055 C CD2 . PHE A 1 132 ? 0.868   2.968   11.330  1.00 26.58 ? 225 PHE A CD2 1 
ATOM   1056 C CE1 . PHE A 1 132 ? -0.828  4.000   9.457   1.00 22.98 ? 225 PHE A CE1 1 
ATOM   1057 C CE2 . PHE A 1 132 ? 0.240   4.168   11.549  1.00 24.10 ? 225 PHE A CE2 1 
ATOM   1058 C CZ  . PHE A 1 132 ? -0.569  4.692   10.587  1.00 23.88 ? 225 PHE A CZ  1 
ATOM   1059 N N   A PHE A 1 133 ? 0.767   -2.620  10.200  0.32 24.42 ? 226 PHE A N   1 
ATOM   1060 N N   B PHE A 1 133 ? 0.679   -2.633  10.160  0.29 24.57 ? 226 PHE A N   1 
ATOM   1061 C CA  A PHE A 1 133 ? 1.432   -3.907  9.923   0.32 25.61 ? 226 PHE A CA  1 
ATOM   1062 C CA  B PHE A 1 133 ? 1.317   -3.926  9.916   0.29 26.04 ? 226 PHE A CA  1 
ATOM   1063 C C   A PHE A 1 133 ? 1.439   -4.381  8.455   0.32 25.73 ? 226 PHE A C   1 
ATOM   1064 C C   B PHE A 1 133 ? 1.481   -4.230  8.441   0.29 25.87 ? 226 PHE A C   1 
ATOM   1065 O O   A PHE A 1 133 ? 2.409   -4.989  8.015   0.32 23.98 ? 226 PHE A O   1 
ATOM   1066 O O   B PHE A 1 133 ? 2.576   -4.569  8.004   0.29 25.37 ? 226 PHE A O   1 
ATOM   1067 C CB  A PHE A 1 133 ? 0.908   -5.029  10.850  0.32 27.35 ? 226 PHE A CB  1 
ATOM   1068 C CB  B PHE A 1 133 ? 0.495   -5.063  10.541  0.29 27.93 ? 226 PHE A CB  1 
ATOM   1069 C CG  A PHE A 1 133 ? -0.549  -5.397  10.651  0.32 28.55 ? 226 PHE A CG  1 
ATOM   1070 C CG  B PHE A 1 133 ? 1.077   -6.435  10.331  0.29 28.70 ? 226 PHE A CG  1 
ATOM   1071 C CD1 A PHE A 1 133 ? -1.576  -4.628  11.210  0.32 27.89 ? 226 PHE A CD1 1 
ATOM   1072 C CD1 B PHE A 1 133 ? 2.388   -6.720  10.728  0.29 32.70 ? 226 PHE A CD1 1 
ATOM   1073 C CD2 A PHE A 1 133 ? -0.893  -6.569  9.983   0.32 28.78 ? 226 PHE A CD2 1 
ATOM   1074 C CD2 B PHE A 1 133 ? 0.331   -7.456  9.772   0.29 28.89 ? 226 PHE A CD2 1 
ATOM   1075 C CE1 A PHE A 1 133 ? -2.895  -4.966  11.052  0.32 28.28 ? 226 PHE A CE1 1 
ATOM   1076 C CE1 B PHE A 1 133 ? 2.934   -7.995  10.553  0.29 32.66 ? 226 PHE A CE1 1 
ATOM   1077 C CE2 A PHE A 1 133 ? -2.219  -6.925  9.838   0.32 28.02 ? 226 PHE A CE2 1 
ATOM   1078 C CE2 B PHE A 1 133 ? 0.883   -8.735  9.600   0.29 31.12 ? 226 PHE A CE2 1 
ATOM   1079 C CZ  A PHE A 1 133 ? -3.218  -6.121  10.352  0.32 26.26 ? 226 PHE A CZ  1 
ATOM   1080 C CZ  B PHE A 1 133 ? 2.179   -8.992  9.976   0.29 32.17 ? 226 PHE A CZ  1 
ATOM   1081 N N   . MET A 1 134 ? 0.401   -4.132  7.693   0.61 24.87 ? 227 MET A N   1 
ATOM   1082 C CA  . MET A 1 134 ? 0.458   -4.536  6.267   0.61 27.39 ? 227 MET A CA  1 
ATOM   1083 C C   . MET A 1 134 ? 1.228   -3.576  5.371   0.61 25.68 ? 227 MET A C   1 
ATOM   1084 O O   . MET A 1 134 ? 1.774   -3.976  4.327   0.61 24.22 ? 227 MET A O   1 
ATOM   1085 C CB  . MET A 1 134 ? -0.927  -4.777  5.752   0.61 29.67 ? 227 MET A CB  1 
ATOM   1086 C CG  . MET A 1 134 ? -1.521  -6.031  6.356   0.61 33.64 ? 227 MET A CG  1 
ATOM   1087 S SD  . MET A 1 134 ? -0.864  -7.505  5.588   0.61 38.51 ? 227 MET A SD  1 
ATOM   1088 C CE  . MET A 1 134 ? 0.181   -8.191  6.856   0.61 40.07 ? 227 MET A CE  1 
ATOM   1089 N N   . ALA A 1 135 ? 1.300   -2.314  5.763   1.00 25.24 ? 228 ALA A N   1 
ATOM   1090 C CA  . ALA A 1 135 ? 2.097   -1.340  5.008   1.00 22.93 ? 228 ALA A CA  1 
ATOM   1091 C C   . ALA A 1 135 ? 3.581   -1.401  5.317   1.00 21.93 ? 228 ALA A C   1 
ATOM   1092 O O   . ALA A 1 135 ? 4.432   -1.142  4.470   1.00 21.92 ? 228 ALA A O   1 
ATOM   1093 C CB  . ALA A 1 135 ? 1.593   0.072   5.295   1.00 20.11 ? 228 ALA A CB  1 
ATOM   1094 N N   . ILE A 1 136 ? 3.917   -1.723  6.595   1.00 21.28 ? 229 ILE A N   1 
ATOM   1095 C CA  . ILE A 1 136 ? 5.269   -1.663  7.098   1.00 23.76 ? 229 ILE A CA  1 
ATOM   1096 C C   . ILE A 1 136 ? 6.330   -2.277  6.189   1.00 23.54 ? 229 ILE A C   1 
ATOM   1097 O O   . ILE A 1 136 ? 7.348   -1.659  5.918   1.00 22.81 ? 229 ILE A O   1 
ATOM   1098 C CB  . ILE A 1 136 ? 5.306   -2.253  8.537   1.00 24.20 ? 229 ILE A CB  1 
ATOM   1099 C CG1 . ILE A 1 136 ? 4.900   -1.099  9.476   1.00 27.47 ? 229 ILE A CG1 1 
ATOM   1100 C CG2 . ILE A 1 136 ? 6.662   -2.846  8.912   1.00 27.05 ? 229 ILE A CG2 1 
ATOM   1101 C CD1 . ILE A 1 136 ? 4.543   -1.586  10.895  1.00 27.92 ? 229 ILE A CD1 1 
ATOM   1102 N N   . PRO A 1 137 ? 6.090   -3.474  5.631   1.00 25.57 ? 230 PRO A N   1 
ATOM   1103 C CA  . PRO A 1 137 ? 7.188   -4.090  4.854   1.00 25.83 ? 230 PRO A CA  1 
ATOM   1104 C C   . PRO A 1 137 ? 7.574   -3.328  3.608   1.00 25.89 ? 230 PRO A C   1 
ATOM   1105 O O   . PRO A 1 137 ? 8.714   -3.431  3.170   1.00 27.82 ? 230 PRO A O   1 
ATOM   1106 C CB  . PRO A 1 137 ? 6.597   -5.452  4.459   1.00 27.50 ? 230 PRO A CB  1 
ATOM   1107 C CG  . PRO A 1 137 ? 5.543   -5.772  5.426   1.00 29.38 ? 230 PRO A CG  1 
ATOM   1108 C CD  . PRO A 1 137 ? 4.978   -4.394  5.839   1.00 28.77 ? 230 PRO A CD  1 
ATOM   1109 N N   . PHE A 1 138 ? 6.683   -2.456  3.110   1.00 24.68 ? 231 PHE A N   1 
ATOM   1110 C CA  . PHE A 1 138 ? 6.964   -1.638  1.933   1.00 24.27 ? 231 PHE A CA  1 
ATOM   1111 C C   . PHE A 1 138 ? 7.604   -0.321  2.187   1.00 23.34 ? 231 PHE A C   1 
ATOM   1112 O O   . PHE A 1 138 ? 8.109   0.279   1.249   1.00 24.02 ? 231 PHE A O   1 
ATOM   1113 C CB  . PHE A 1 138 ? 5.670   -1.372  1.128   1.00 24.07 ? 231 PHE A CB  1 
ATOM   1114 C CG  . PHE A 1 138 ? 5.061   -2.623  0.609   1.00 24.14 ? 231 PHE A CG  1 
ATOM   1115 C CD1 . PHE A 1 138 ? 5.406   -3.119  -0.660  1.00 26.24 ? 231 PHE A CD1 1 
ATOM   1116 C CD2 . PHE A 1 138 ? 4.137   -3.306  1.383   1.00 25.54 ? 231 PHE A CD2 1 
ATOM   1117 C CE1 . PHE A 1 138 ? 4.855   -4.283  -1.096  1.00 26.59 ? 231 PHE A CE1 1 
ATOM   1118 C CE2 . PHE A 1 138 ? 3.552   -4.454  0.869   1.00 27.71 ? 231 PHE A CE2 1 
ATOM   1119 C CZ  . PHE A 1 138 ? 3.945   -4.893  -0.368  1.00 25.86 ? 231 PHE A CZ  1 
ATOM   1120 N N   . ILE A 1 139 ? 7.647   0.155   3.418   1.00 24.29 ? 232 ILE A N   1 
ATOM   1121 C CA  . ILE A 1 139 ? 8.123   1.505   3.704   1.00 23.40 ? 232 ILE A CA  1 
ATOM   1122 C C   . ILE A 1 139 ? 9.627   1.790   3.445   1.00 29.32 ? 232 ILE A C   1 
ATOM   1123 O O   . ILE A 1 139 ? 9.981   2.745   2.770   1.00 25.68 ? 232 ILE A O   1 
ATOM   1124 C CB  . ILE A 1 139 ? 7.727   1.982   5.109   1.00 25.93 ? 232 ILE A CB  1 
ATOM   1125 C CG1 . ILE A 1 139 ? 6.195   1.916   5.317   1.00 23.55 ? 232 ILE A CG1 1 
ATOM   1126 C CG2 . ILE A 1 139 ? 8.223   3.365   5.302   1.00 30.84 ? 232 ILE A CG2 1 
ATOM   1127 C CD1 . ILE A 1 139 ? 5.345   2.743   4.357   1.00 24.66 ? 232 ILE A CD1 1 
ATOM   1128 N N   . ARG A 1 140 ? 10.506  0.960   3.975   1.00 26.20 ? 233 ARG A N   1 
ATOM   1129 C CA  . ARG A 1 140 ? 11.918  1.085   3.691   1.00 31.59 ? 233 ARG A CA  1 
ATOM   1130 C C   . ARG A 1 140 ? 12.221  0.918   2.171   1.00 27.44 ? 233 ARG A C   1 
ATOM   1131 O O   . ARG A 1 140 ? 12.844  1.766   1.581   1.00 28.47 ? 233 ARG A O   1 
ATOM   1132 C CB  . ARG A 1 140 ? 12.724  0.119   4.588   1.00 35.49 ? 233 ARG A CB  1 
ATOM   1133 C CG  . ARG A 1 140 ? 14.223  0.060   4.256   1.00 44.91 ? 233 ARG A CG  1 
ATOM   1134 C CD  . ARG A 1 140 ? 14.829  1.429   4.284   1.00 54.05 ? 233 ARG A CD  1 
ATOM   1135 N NE  . ARG A 1 140 ? 14.338  2.176   5.446   1.00 65.21 ? 233 ARG A NE  1 
ATOM   1136 C CZ  . ARG A 1 140 ? 14.443  3.488   5.603   1.00 68.39 ? 233 ARG A CZ  1 
ATOM   1137 N NH1 . ARG A 1 140 ? 15.061  4.271   4.686   1.00 75.43 ? 233 ARG A NH1 1 
ATOM   1138 N NH2 . ARG A 1 140 ? 13.926  4.020   6.696   1.00 68.98 ? 233 ARG A NH2 1 
ATOM   1139 N N   . PRO A 1 141 ? 11.713  -0.145  1.525   1.00 28.39 ? 234 PRO A N   1 
ATOM   1140 C CA  . PRO A 1 141 ? 11.920  -0.183  0.093   1.00 27.51 ? 234 PRO A CA  1 
ATOM   1141 C C   . PRO A 1 141 ? 11.348  1.003   -0.679  1.00 29.13 ? 234 PRO A C   1 
ATOM   1142 O O   . PRO A 1 141 ? 11.971  1.472   -1.674  1.00 28.33 ? 234 PRO A O   1 
ATOM   1143 C CB  . PRO A 1 141 ? 11.248  -1.520  -0.336  1.00 28.33 ? 234 PRO A CB  1 
ATOM   1144 C CG  . PRO A 1 141 ? 11.144  -2.319  0.892   1.00 31.36 ? 234 PRO A CG  1 
ATOM   1145 C CD  . PRO A 1 141 ? 11.126  -1.385  2.051   1.00 27.62 ? 234 PRO A CD  1 
ATOM   1146 N N   . LEU A 1 142 ? 10.202  1.537   -0.242  1.00 25.50 ? 235 LEU A N   1 
ATOM   1147 C CA  . LEU A 1 142 ? 9.706   2.822   -0.870  1.00 25.47 ? 235 LEU A CA  1 
ATOM   1148 C C   . LEU A 1 142 ? 10.599  4.045   -0.695  1.00 27.72 ? 235 LEU A C   1 
ATOM   1149 O O   . LEU A 1 142 ? 10.849  4.794   -1.659  1.00 28.38 ? 235 LEU A O   1 
ATOM   1150 C CB  . LEU A 1 142 ? 8.251   3.151   -0.430  1.00 23.02 ? 235 LEU A CB  1 
ATOM   1151 C CG  . LEU A 1 142 ? 7.619   4.486   -0.847  1.00 22.60 ? 235 LEU A CG  1 
ATOM   1152 C CD1 . LEU A 1 142 ? 7.401   4.488   -2.344  1.00 23.68 ? 235 LEU A CD1 1 
ATOM   1153 C CD2 . LEU A 1 142 ? 6.297   4.736   -0.087  1.00 25.01 ? 235 LEU A CD2 1 
ATOM   1154 N N   . ARG A 1 143 ? 11.067  4.248   0.517   1.00 28.08 ? 236 ARG A N   1 
ATOM   1155 C CA  . ARG A 1 143 ? 11.956  5.364   0.794   1.00 28.58 ? 236 ARG A CA  1 
ATOM   1156 C C   . ARG A 1 143 ? 13.226  5.159   -0.065  1.00 29.80 ? 236 ARG A C   1 
ATOM   1157 O O   . ARG A 1 143 ? 13.651  6.121   -0.700  1.00 29.99 ? 236 ARG A O   1 
ATOM   1158 C CB  . ARG A 1 143 ? 12.304  5.499   2.266   1.00 27.58 ? 236 ARG A CB  1 
ATOM   1159 C CG  . ARG A 1 143 ? 11.134  5.739   3.196   1.00 31.34 ? 236 ARG A CG  1 
ATOM   1160 C CD  . ARG A 1 143 ? 11.643  5.896   4.634   1.00 36.53 ? 236 ARG A CD  1 
ATOM   1161 N NE  . ARG A 1 143 ? 10.556  6.264   5.546   1.00 36.66 ? 236 ARG A NE  1 
ATOM   1162 C CZ  . ARG A 1 143 ? 10.319  5.798   6.788   1.00 37.13 ? 236 ARG A CZ  1 
ATOM   1163 N NH1 . ARG A 1 143 ? 11.101  4.884   7.346   1.00 35.84 ? 236 ARG A NH1 1 
ATOM   1164 N NH2 . ARG A 1 143 ? 9.255   6.261   7.472   1.00 32.04 ? 236 ARG A NH2 1 
ATOM   1165 N N   . ASP A 1 144 ? 13.759  3.929   -0.180  1.00 32.70 ? 237 ASP A N   1 
ATOM   1166 C CA  . ASP A 1 144 ? 14.987  3.701   -0.991  1.00 32.74 ? 237 ASP A CA  1 
ATOM   1167 C C   . ASP A 1 144 ? 14.724  3.925   -2.473  1.00 34.89 ? 237 ASP A C   1 
ATOM   1168 O O   . ASP A 1 144 ? 15.568  4.407   -3.198  1.00 35.66 ? 237 ASP A O   1 
ATOM   1169 C CB  . ASP A 1 144 ? 15.583  2.275   -0.785  1.00 34.51 ? 237 ASP A CB  1 
ATOM   1170 C CG  . ASP A 1 144 ? 16.150  2.061   0.653   1.00 41.32 ? 237 ASP A CG  1 
ATOM   1171 O OD1 . ASP A 1 144 ? 16.270  3.025   1.452   1.00 43.75 ? 237 ASP A OD1 1 
ATOM   1172 O OD2 . ASP A 1 144 ? 16.371  0.893   1.019   1.00 48.04 ? 237 ASP A OD2 1 
ATOM   1173 N N   . TRP A 1 145 ? 13.570  3.497   -2.935  1.00 30.47 ? 238 TRP A N   1 
ATOM   1174 C CA  . TRP A 1 145 ? 13.185  3.685   -4.300  1.00 31.34 ? 238 TRP A CA  1 
ATOM   1175 C C   . TRP A 1 145 ? 12.999  5.171   -4.638  1.00 31.93 ? 238 TRP A C   1 
ATOM   1176 O O   . TRP A 1 145 ? 13.418  5.589   -5.697  1.00 31.39 ? 238 TRP A O   1 
ATOM   1177 C CB  . TRP A 1 145 ? 11.883  2.921   -4.561  1.00 31.34 ? 238 TRP A CB  1 
ATOM   1178 C CG  . TRP A 1 145 ? 11.490  2.839   -6.013  1.00 33.48 ? 238 TRP A CG  1 
ATOM   1179 C CD1 . TRP A 1 145 ? 11.685  1.763   -6.849  1.00 33.56 ? 238 TRP A CD1 1 
ATOM   1180 C CD2 . TRP A 1 145 ? 10.779  3.813   -6.778  1.00 31.34 ? 238 TRP A CD2 1 
ATOM   1181 N NE1 . TRP A 1 145 ? 11.159  2.005   -8.089  1.00 33.39 ? 238 TRP A NE1 1 
ATOM   1182 C CE2 . TRP A 1 145 ? 10.635  3.271   -8.096  1.00 35.31 ? 238 TRP A CE2 1 
ATOM   1183 C CE3 . TRP A 1 145 ? 10.250  5.071   -6.510  1.00 32.63 ? 238 TRP A CE3 1 
ATOM   1184 C CZ2 . TRP A 1 145 ? 9.957   3.934   -9.094  1.00 31.38 ? 238 TRP A CZ2 1 
ATOM   1185 C CZ3 . TRP A 1 145 ? 9.583   5.753   -7.528  1.00 33.31 ? 238 TRP A CZ3 1 
ATOM   1186 C CH2 . TRP A 1 145 ? 9.468   5.187   -8.811  1.00 34.50 ? 238 TRP A CH2 1 
ATOM   1187 N N   . LEU A 1 146 ? 12.395  5.956   -3.748  1.00 31.06 ? 239 LEU A N   1 
ATOM   1188 C CA  . LEU A 1 146 ? 12.192  7.415   -4.010  1.00 30.05 ? 239 LEU A CA  1 
ATOM   1189 C C   . LEU A 1 146 ? 13.523  8.192   -4.070  1.00 35.86 ? 239 LEU A C   1 
ATOM   1190 O O   . LEU A 1 146 ? 13.685  9.062   -4.929  1.00 34.04 ? 239 LEU A O   1 
ATOM   1191 C CB  . LEU A 1 146 ? 11.310  8.089   -2.977  1.00 28.33 ? 239 LEU A CB  1 
ATOM   1192 C CG  . LEU A 1 146 ? 9.849   7.580   -3.041  1.00 26.89 ? 239 LEU A CG  1 
ATOM   1193 C CD1 . LEU A 1 146 ? 9.035   7.924   -1.835  1.00 26.27 ? 239 LEU A CD1 1 
ATOM   1194 C CD2 . LEU A 1 146 ? 9.138   8.038   -4.328  1.00 25.95 ? 239 LEU A CD2 1 
ATOM   1195 N N   . SER A 1 147 ? 14.426  7.810   -3.193  1.00 35.30 ? 240 SER A N   1 
ATOM   1196 C CA  . SER A 1 147 ? 15.787  8.398   -3.173  1.00 40.56 ? 240 SER A CA  1 
ATOM   1197 C C   . SER A 1 147 ? 16.507  8.096   -4.466  1.00 40.54 ? 240 SER A C   1 
ATOM   1198 O O   . SER A 1 147 ? 17.035  9.002   -5.088  1.00 44.12 ? 240 SER A O   1 
ATOM   1199 C CB  . SER A 1 147 ? 16.598  7.833   -2.029  1.00 38.65 ? 240 SER A CB  1 
ATOM   1200 O OG  . SER A 1 147 ? 16.027  8.287   -0.849  1.00 50.37 ? 240 SER A OG  1 
ATOM   1201 N N   . ARG A 1 148 ? 16.519  6.843   -4.899  1.00 40.04 ? 241 ARG A N   1 
ATOM   1202 C CA  . ARG A 1 148 ? 17.107  6.509   -6.191  1.00 45.32 ? 241 ARG A CA  1 
ATOM   1203 C C   . ARG A 1 148 ? 16.430  7.208   -7.418  1.00 57.97 ? 241 ARG A C   1 
ATOM   1204 O O   . ARG A 1 148 ? 17.116  7.928   -8.166  1.00 60.93 ? 241 ARG A O   1 
ATOM   1205 C CB  . ARG A 1 148 ? 17.229  4.992   -6.391  1.00 47.63 ? 241 ARG A CB  1 
ATOM   1206 C CG  . ARG A 1 148 ? 18.000  4.261   -5.275  1.00 49.94 ? 241 ARG A CG  1 
ATOM   1207 N N   . ARG A 1 149 ? 15.125  7.011   -7.594  0.50 58.94 ? 242 ARG A N   1 
ATOM   1208 C CA  . ARG A 1 149 ? 14.412  7.499   -8.782  0.50 61.61 ? 242 ARG A CA  1 
ATOM   1209 C C   . ARG A 1 149 ? 14.115  8.997   -8.831  0.50 62.62 ? 242 ARG A C   1 
ATOM   1210 O O   . ARG A 1 149 ? 13.899  9.524   -9.922  0.50 67.46 ? 242 ARG A O   1 
ATOM   1211 C CB  . ARG A 1 149 ? 13.111  6.726   -8.974  0.50 64.60 ? 242 ARG A CB  1 
ATOM   1212 C CG  . ARG A 1 149 ? 13.265  5.478   -9.827  0.50 65.73 ? 242 ARG A CG  1 
ATOM   1213 C CD  . ARG A 1 149 ? 14.550  4.739   -9.505  0.50 65.88 ? 242 ARG A CD  1 
ATOM   1214 N NE  . ARG A 1 149 ? 14.532  3.372   -10.012 0.50 66.41 ? 242 ARG A NE  1 
ATOM   1215 C CZ  . ARG A 1 149 ? 15.591  2.568   -10.013 0.50 69.33 ? 242 ARG A CZ  1 
ATOM   1216 N NH1 . ARG A 1 149 ? 15.493  1.332   -10.485 0.50 71.64 ? 242 ARG A NH1 1 
ATOM   1217 N NH2 . ARG A 1 149 ? 16.752  3.001   -9.546  0.50 69.15 ? 242 ARG A NH2 1 
ATOM   1218 N N   . PHE A 1 150 ? 14.077  9.676   -7.679  1.00 64.46 ? 243 PHE A N   1 
ATOM   1219 C CA  . PHE A 1 150 ? 13.879  11.166  -7.629  1.00 59.60 ? 243 PHE A CA  1 
ATOM   1220 C C   . PHE A 1 150 ? 15.098  11.968  -7.215  1.00 71.84 ? 243 PHE A C   1 
ATOM   1221 O O   . PHE A 1 150 ? 15.668  12.685  -8.035  1.00 88.84 ? 243 PHE A O   1 
ATOM   1222 C CB  . PHE A 1 150 ? 12.680  11.545  -6.782  1.00 58.65 ? 243 PHE A CB  1 
ATOM   1223 C CG  . PHE A 1 150 ? 11.374  11.191  -7.441  1.00 65.92 ? 243 PHE A CG  1 
ATOM   1224 C CD1 . PHE A 1 150 ? 10.746  12.092  -8.293  1.00 69.16 ? 243 PHE A CD1 1 
ATOM   1225 C CD2 . PHE A 1 150 ? 10.821  9.948   -7.295  1.00 57.96 ? 243 PHE A CD2 1 
ATOM   1226 C CE1 . PHE A 1 150 ? 9.556   11.774  -8.947  1.00 67.73 ? 243 PHE A CE1 1 
ATOM   1227 C CE2 . PHE A 1 150 ? 9.652   9.610   -7.973  1.00 63.33 ? 243 PHE A CE2 1 
ATOM   1228 C CZ  . PHE A 1 150 ? 9.016   10.521  -8.794  1.00 62.94 ? 243 PHE A CZ  1 
ATOM   1229 N N   . GLY A 1 151 ? 15.484  11.895  -5.949  1.00 83.65 ? 244 GLY A N   1 
ATOM   1230 C CA  . GLY A 1 151 ? 16.604  12.704  -5.459  1.00 79.50 ? 244 GLY A CA  1 
ATOM   1231 C C   . GLY A 1 151 ? 16.940  12.371  -4.028  1.00 73.73 ? 244 GLY A C   1 
ATOM   1232 O O   . GLY A 1 151 ? 16.751  13.200  -3.147  1.00 80.71 ? 244 GLY A O   1 
HETATM 1233 C C1  . EDO B 2 .   ? -10.322 -0.277  -13.378 1.00 59.59 ? 301 EDO A C1  1 
HETATM 1234 O O1  . EDO B 2 .   ? -11.712 0.127   -13.335 1.00 66.64 ? 301 EDO A O1  1 
HETATM 1235 C C2  . EDO B 2 .   ? -9.511  0.987   -13.655 1.00 61.40 ? 301 EDO A C2  1 
HETATM 1236 O O2  . EDO B 2 .   ? -8.951  0.988   -14.985 1.00 59.71 ? 301 EDO A O2  1 
HETATM 1237 C C1  . EDO C 2 .   ? -3.569  -2.289  16.571  1.00 58.39 ? 302 EDO A C1  1 
HETATM 1238 O O1  . EDO C 2 .   ? -3.011  -3.296  15.677  1.00 64.37 ? 302 EDO A O1  1 
HETATM 1239 C C2  . EDO C 2 .   ? -2.485  -1.684  17.459  1.00 62.73 ? 302 EDO A C2  1 
HETATM 1240 O O2  . EDO C 2 .   ? -2.154  -0.301  17.191  1.00 72.58 ? 302 EDO A O2  1 
HETATM 1241 S S   . DMS D 3 .   ? -1.750  14.555  5.307   1.00 82.67 ? 303 DMS A S   1 
HETATM 1242 O O   . DMS D 3 .   ? -0.964  13.364  5.661   1.00 50.41 ? 303 DMS A O   1 
HETATM 1243 C C1  . DMS D 3 .   ? -2.865  14.907  6.549   1.00 70.37 ? 303 DMS A C1  1 
HETATM 1244 C C2  . DMS D 3 .   ? -0.678  15.892  5.387   1.00 73.30 ? 303 DMS A C2  1 
HETATM 1245 C C   . ACT E 4 .   ? -11.694 -4.500  14.694  1.00 54.23 ? 304 ACT A C   1 
HETATM 1246 O O   . ACT E 4 .   ? -11.443 -5.645  14.236  1.00 60.62 ? 304 ACT A O   1 
HETATM 1247 O OXT . ACT E 4 .   ? -11.789 -3.595  13.887  1.00 47.84 ? 304 ACT A OXT 1 
HETATM 1248 C CH3 . ACT E 4 .   ? -11.949 -4.188  16.171  1.00 61.20 ? 304 ACT A CH3 1 
HETATM 1249 C C   . ACT F 4 .   ? -0.943  -6.533  14.058  1.00 52.15 ? 305 ACT A C   1 
HETATM 1250 O O   . ACT F 4 .   ? 0.080   -5.861  14.221  1.00 42.50 ? 305 ACT A O   1 
HETATM 1251 O OXT . ACT F 4 .   ? -2.073  -5.989  14.293  1.00 58.70 ? 305 ACT A OXT 1 
HETATM 1252 C CH3 . ACT F 4 .   ? -0.791  -7.990  13.669  1.00 54.04 ? 305 ACT A CH3 1 
HETATM 1253 N N1  . LHM G 5 .   ? -5.177  -3.977  4.610   0.61 62.86 ? 306 LHM A N1  1 
HETATM 1254 N N3  . LHM G 5 .   ? -4.516  -8.222  6.275   0.61 60.95 ? 306 LHM A N3  1 
HETATM 1255 C C4  . LHM G 5 .   ? -6.816  -3.376  2.838   0.61 64.58 ? 306 LHM A C4  1 
HETATM 1256 C C5  . LHM G 5 .   ? -5.638  -2.948  3.681   0.61 64.63 ? 306 LHM A C5  1 
HETATM 1257 C C6  . LHM G 5 .   ? -4.879  -5.227  4.210   0.61 63.70 ? 306 LHM A C6  1 
HETATM 1258 C C7  . LHM G 5 .   ? -4.757  -6.275  5.250   0.61 64.41 ? 306 LHM A C7  1 
HETATM 1259 C C8  . LHM G 5 .   ? -4.778  -6.091  6.647   0.61 63.83 ? 306 LHM A C8  1 
HETATM 1260 C C10 . LHM G 5 .   ? -3.483  -10.212 5.468   0.61 62.82 ? 306 LHM A C10 1 
HETATM 1261 C C13 . LHM G 5 .   ? -4.576  -7.651  5.055   0.61 62.74 ? 306 LHM A C13 1 
HETATM 1262 C C15 . LHM G 5 .   ? -9.189  -3.760  2.586   0.61 60.70 ? 306 LHM A C15 1 
HETATM 1263 C C1  . LHM G 5 .   ? -8.961  -4.155  1.297   0.61 62.53 ? 306 LHM A C1  1 
HETATM 1264 C C11 . LHM G 5 .   ? -4.039  -9.902  4.075   0.61 64.26 ? 306 LHM A C11 1 
HETATM 1265 C C12 . LHM G 5 .   ? -4.472  -8.452  3.803   0.61 62.82 ? 306 LHM A C12 1 
HETATM 1266 C C14 . LHM G 5 .   ? -8.103  -3.360  3.351   0.61 59.93 ? 306 LHM A C14 1 
HETATM 1267 C C2  . LHM G 5 .   ? -7.712  -4.191  0.747   0.61 63.88 ? 306 LHM A C2  1 
HETATM 1268 C C3  . LHM G 5 .   ? -6.638  -3.787  1.526   0.61 64.52 ? 306 LHM A C3  1 
HETATM 1269 C C9  . LHM G 5 .   ? -4.336  -9.634  6.558   0.61 61.42 ? 306 LHM A C9  1 
HETATM 1270 F F1  . LHM G 5 .   ? -10.021 -4.539  0.532   0.61 59.31 ? 306 LHM A F1  1 
HETATM 1271 N N2  . LHM G 5 .   ? -4.622  -7.258  7.252   0.61 60.15 ? 306 LHM A N2  1 
HETATM 1272 O O1  . LHM G 5 .   ? -4.725  -5.525  3.015   0.61 58.23 ? 306 LHM A O1  1 
HETATM 1273 O O   . HOH H 6 .   ? -1.697  17.755  -2.942  1.00 48.43 ? 401 HOH A O   1 
HETATM 1274 O O   . HOH H 6 .   ? 7.294   -2.501  22.530  1.00 62.88 ? 402 HOH A O   1 
HETATM 1275 O O   . HOH H 6 .   ? -0.633  1.199   16.256  1.00 34.66 ? 403 HOH A O   1 
HETATM 1276 O O   . HOH H 6 .   ? 10.900  -0.372  -10.109 1.00 39.57 ? 404 HOH A O   1 
HETATM 1277 O O   . HOH H 6 .   ? -13.366 -4.362  12.119  1.00 34.07 ? 405 HOH A O   1 
HETATM 1278 O O   . HOH H 6 .   ? -10.871 5.457   10.105  1.00 40.91 ? 406 HOH A O   1 
HETATM 1279 O O   . HOH H 6 .   ? -10.940 -4.775  -3.807  1.00 50.93 ? 407 HOH A O   1 
HETATM 1280 O O   . HOH H 6 .   ? 0.118   -12.882 -11.602 1.00 40.05 ? 408 HOH A O   1 
HETATM 1281 O O   . HOH H 6 .   ? -5.882  -8.390  -18.009 1.00 40.37 ? 409 HOH A O   1 
HETATM 1282 O O   . HOH H 6 .   ? -7.909  13.445  -0.671  1.00 44.93 ? 410 HOH A O   1 
HETATM 1283 O O   . HOH H 6 .   ? 0.013   3.520   -18.044 1.00 38.38 ? 411 HOH A O   1 
HETATM 1284 O O   . HOH H 6 .   ? 0.839   -1.625  20.053  1.00 51.29 ? 412 HOH A O   1 
HETATM 1285 O O   . HOH H 6 .   ? 4.759   -4.182  -14.971 1.00 42.61 ? 413 HOH A O   1 
HETATM 1286 O O   . HOH H 6 .   ? 9.462   11.380  0.274   1.00 41.44 ? 414 HOH A O   1 
HETATM 1287 O O   . HOH H 6 .   ? 5.019   -19.958 -4.292  1.00 60.96 ? 415 HOH A O   1 
HETATM 1288 O O   . HOH H 6 .   ? 3.292   6.647   -12.316 1.00 23.48 ? 416 HOH A O   1 
HETATM 1289 O O   . HOH H 6 .   ? 7.178   -16.774 8.155   1.00 43.27 ? 417 HOH A O   1 
HETATM 1290 O O   . HOH H 6 .   ? 3.403   14.836  5.354   1.00 51.13 ? 418 HOH A O   1 
HETATM 1291 O O   . HOH H 6 .   ? -11.321 -1.348  10.748  1.00 26.55 ? 419 HOH A O   1 
HETATM 1292 O O   . HOH H 6 .   ? -7.856  8.788   -12.846 1.00 35.70 ? 420 HOH A O   1 
HETATM 1293 O O   . HOH H 6 .   ? -12.034 -5.386  4.698   1.00 27.63 ? 421 HOH A O   1 
HETATM 1294 O O   . HOH H 6 .   ? 10.298  -8.599  21.774  1.00 35.30 ? 422 HOH A O   1 
HETATM 1295 O O   . HOH H 6 .   ? 10.418  -5.453  3.614   1.00 37.73 ? 423 HOH A O   1 
HETATM 1296 O O   . HOH H 6 .   ? 7.808   1.026   15.115  1.00 40.89 ? 424 HOH A O   1 
HETATM 1297 O O   . HOH H 6 .   ? 8.579   -5.276  11.802  1.00 40.91 ? 425 HOH A O   1 
HETATM 1298 O O   . HOH H 6 .   ? -8.292  -3.025  -14.617 1.00 31.60 ? 426 HOH A O   1 
HETATM 1299 O O   . HOH H 6 .   ? 3.798   20.330  2.134   1.00 54.76 ? 427 HOH A O   1 
HETATM 1300 O O   . HOH H 6 .   ? -9.185  -6.900  -15.145 1.00 50.55 ? 428 HOH A O   1 
HETATM 1301 O O   . HOH H 6 .   ? 2.651   -10.221 15.931  1.00 45.59 ? 429 HOH A O   1 
HETATM 1302 O O   . HOH H 6 .   ? 2.372   -6.602  4.051   1.00 43.22 ? 430 HOH A O   1 
HETATM 1303 O O   . HOH H 6 .   ? 8.670   -16.056 1.061   1.00 39.46 ? 431 HOH A O   1 
HETATM 1304 O O   . HOH H 6 .   ? 11.494  -2.196  -6.936  1.00 41.68 ? 432 HOH A O   1 
HETATM 1305 O O   . HOH H 6 .   ? 10.051  -1.429  5.715   1.00 29.32 ? 433 HOH A O   1 
HETATM 1306 O O   . HOH H 6 .   ? 13.542  -0.273  -3.075  1.00 33.30 ? 434 HOH A O   1 
HETATM 1307 O O   . HOH H 6 .   ? -1.589  3.833   -2.240  1.00 19.91 ? 435 HOH A O   1 
HETATM 1308 O O   . HOH H 6 .   ? -10.997 -9.559  -13.960 1.00 55.04 ? 436 HOH A O   1 
HETATM 1309 O O   . HOH H 6 .   ? 2.440   17.224  3.546   1.00 57.59 ? 437 HOH A O   1 
HETATM 1310 O O   . HOH H 6 .   ? -4.049  10.303  8.195   1.00 29.38 ? 438 HOH A O   1 
HETATM 1311 O O   . HOH H 6 .   ? -7.120  2.249   -10.340 1.00 29.38 ? 439 HOH A O   1 
HETATM 1312 O O   . HOH H 6 .   ? -2.640  -3.979  2.033   1.00 30.04 ? 440 HOH A O   1 
HETATM 1313 O O   . HOH H 6 .   ? 5.846   5.917   -11.337 1.00 27.63 ? 441 HOH A O   1 
HETATM 1314 O O   . HOH H 6 .   ? -6.380  6.523   -15.309 1.00 33.05 ? 442 HOH A O   1 
HETATM 1315 O O   . HOH H 6 .   ? -2.039  -2.962  8.692   1.00 26.54 ? 443 HOH A O   1 
HETATM 1316 O O   . HOH H 6 .   ? 18.197  4.246   -2.261  1.00 53.44 ? 444 HOH A O   1 
HETATM 1317 O O   . HOH H 6 .   ? -8.335  7.655   11.399  1.00 41.09 ? 445 HOH A O   1 
HETATM 1318 O O   . HOH H 6 .   ? -12.388 -4.527  -1.152  1.00 40.98 ? 446 HOH A O   1 
HETATM 1319 O O   . HOH H 6 .   ? 7.029   12.358  4.617   1.00 30.55 ? 447 HOH A O   1 
HETATM 1320 O O   . HOH H 6 .   ? 4.770   -5.966  9.220   1.00 47.10 ? 448 HOH A O   1 
HETATM 1321 O O   . HOH H 6 .   ? -4.479  3.977   -20.371 1.00 53.90 ? 449 HOH A O   1 
HETATM 1322 O O   . HOH H 6 .   ? -5.826  -16.156 -10.029 1.00 56.65 ? 450 HOH A O   1 
HETATM 1323 O O   . HOH H 6 .   ? 1.185   -6.197  -16.493 1.00 41.37 ? 451 HOH A O   1 
HETATM 1324 O O   . HOH H 6 .   ? 3.725   2.603   -11.790 1.00 24.39 ? 452 HOH A O   1 
HETATM 1325 O O   . HOH H 6 .   ? 13.111  8.686   0.418   1.00 36.72 ? 453 HOH A O   1 
HETATM 1326 O O   . HOH H 6 .   ? 4.963   -11.230 17.359  1.00 35.94 ? 454 HOH A O   1 
HETATM 1327 O O   . HOH H 6 .   ? 9.818   15.497  -1.156  1.00 45.11 ? 455 HOH A O   1 
HETATM 1328 O O   . HOH H 6 .   ? 5.656   8.848   13.899  1.00 56.65 ? 456 HOH A O   1 
HETATM 1329 O O   . HOH H 6 .   ? -6.788  13.615  -9.170  1.00 41.05 ? 457 HOH A O   1 
HETATM 1330 O O   . HOH H 6 .   ? -8.088  -9.838  -2.702  1.00 45.11 ? 458 HOH A O   1 
HETATM 1331 O O   . HOH H 6 .   ? -2.238  7.142   -20.078 1.00 33.99 ? 459 HOH A O   1 
HETATM 1332 O O   . HOH H 6 .   ? 2.136   -15.405 -5.118  1.00 49.21 ? 460 HOH A O   1 
HETATM 1333 O O   . HOH H 6 .   ? 10.718  -4.756  -6.135  1.00 43.41 ? 461 HOH A O   1 
HETATM 1334 O O   . HOH H 6 .   ? -10.128 8.380   -11.184 1.00 31.39 ? 462 HOH A O   1 
HETATM 1335 O O   . HOH H 6 .   ? -10.669 -15.359 -11.523 1.00 53.38 ? 463 HOH A O   1 
HETATM 1336 O O   . HOH H 6 .   ? -8.191  8.245   -20.541 1.00 49.75 ? 464 HOH A O   1 
HETATM 1337 O O   . HOH H 6 .   ? -6.620  -1.260  -16.627 1.00 42.35 ? 465 HOH A O   1 
HETATM 1338 O O   . HOH H 6 .   ? -10.050 10.528  5.501   1.00 61.56 ? 466 HOH A O   1 
HETATM 1339 O O   . HOH H 6 .   ? 4.641   1.750   -18.802 1.00 45.63 ? 467 HOH A O   1 
HETATM 1340 O O   . HOH H 6 .   ? 0.602   11.182  8.912   1.00 23.19 ? 468 HOH A O   1 
HETATM 1341 O O   . HOH H 6 .   ? -0.118  -3.003  2.159   1.00 25.79 ? 469 HOH A O   1 
HETATM 1342 O O   . HOH H 6 .   ? -6.227  12.183  4.473   1.00 32.07 ? 470 HOH A O   1 
HETATM 1343 O O   . HOH H 6 .   ? -4.010  -0.809  -15.811 1.00 41.27 ? 471 HOH A O   1 
HETATM 1344 O O   . HOH H 6 .   ? 10.771  -10.303 -0.813  1.00 41.10 ? 472 HOH A O   1 
HETATM 1345 O O   . HOH H 6 .   ? 9.758   -4.345  8.785   1.00 55.53 ? 473 HOH A O   1 
HETATM 1346 O O   . HOH H 6 .   ? -11.540 14.089  -7.349  1.00 43.28 ? 474 HOH A O   1 
HETATM 1347 O O   . HOH H 6 .   ? -11.147 17.509  -6.074  1.00 50.55 ? 475 HOH A O   1 
HETATM 1348 O O   . HOH H 6 .   ? 16.410  6.123   1.544   1.00 54.43 ? 476 HOH A O   1 
HETATM 1349 O O   . HOH H 6 .   ? 11.366  -1.640  19.175  1.00 64.12 ? 477 HOH A O   1 
HETATM 1350 O O   . HOH H 6 .   ? 11.368  -4.578  -3.136  1.00 53.10 ? 478 HOH A O   1 
HETATM 1351 O O   . HOH H 6 .   ? -6.557  0.593   12.732  1.00 51.61 ? 479 HOH A O   1 
HETATM 1352 O O   . HOH H 6 .   ? 3.398   3.627   14.359  1.00 29.66 ? 480 HOH A O   1 
HETATM 1353 O O   . HOH H 6 .   ? -2.527  0.148   -17.271 1.00 50.25 ? 481 HOH A O   1 
HETATM 1354 O O   . HOH H 6 .   ? 11.943  -3.279  -11.606 1.00 52.93 ? 482 HOH A O   1 
HETATM 1355 O O   . HOH H 6 .   ? 1.741   7.772   11.535  1.00 39.99 ? 483 HOH A O   1 
HETATM 1356 O O   . HOH H 6 .   ? 15.160  -1.812  -1.568  1.00 46.84 ? 484 HOH A O   1 
HETATM 1357 O O   . HOH H 6 .   ? -10.843 10.299  -9.498  1.00 45.45 ? 485 HOH A O   1 
HETATM 1358 O O   . HOH H 6 .   ? 12.514  -2.184  -4.137  1.00 47.23 ? 486 HOH A O   1 
HETATM 1359 O O   . HOH H 6 .   ? -12.441 7.708   -12.866 1.00 41.84 ? 487 HOH A O   1 
# 
